data_7EOM
# 
_entry.id   7EOM 
# 
_audit_conform.dict_name       mmcif_pdbx.dic 
_audit_conform.dict_version    5.380 
_audit_conform.dict_location   http://mmcif.pdb.org/dictionaries/ascii/mmcif_pdbx.dic 
# 
loop_
_database_2.database_id 
_database_2.database_code 
_database_2.pdbx_database_accession 
_database_2.pdbx_DOI 
PDB   7EOM         pdb_00007eom 10.2210/pdb7eom/pdb 
WWPDB D_1300021889 ?            ?                   
# 
_pdbx_database_status.status_code                     REL 
_pdbx_database_status.status_code_sf                  REL 
_pdbx_database_status.status_code_mr                  ? 
_pdbx_database_status.entry_id                        7EOM 
_pdbx_database_status.recvd_initial_deposition_date   2021-04-22 
_pdbx_database_status.SG_entry                        N 
_pdbx_database_status.deposit_site                    PDBJ 
_pdbx_database_status.process_site                    PDBJ 
_pdbx_database_status.status_code_cs                  ? 
_pdbx_database_status.status_code_nmr_data            ? 
_pdbx_database_status.methods_development_category    ? 
_pdbx_database_status.pdb_format_compatible           Y 
# 
loop_
_audit_author.name 
_audit_author.pdbx_ordinal 
_audit_author.identifier_ORCID 
'Huang, K.Y.' 1 0000-0002-7508-5446 
'Ren, A.M.'   2 0000-0002-5420-4899 
# 
_citation.abstract                  ? 
_citation.abstract_id_CAS           ? 
_citation.book_id_ISBN              ? 
_citation.book_publisher            ? 
_citation.book_publisher_city       ? 
_citation.book_title                ? 
_citation.coordinate_linkage        ? 
_citation.country                   US 
_citation.database_id_Medline       ? 
_citation.details                   ? 
_citation.id                        primary 
_citation.journal_abbrev            Nat.Chem.Biol. 
_citation.journal_id_ASTM           ? 
_citation.journal_id_CSD            ? 
_citation.journal_id_ISSN           1552-4469 
_citation.journal_full              ? 
_citation.journal_issue             ? 
_citation.journal_volume            17 
_citation.language                  ? 
_citation.page_first                1289 
_citation.page_last                 1295 
_citation.title                     'Structure-based investigation of fluorogenic Pepper aptamer.' 
_citation.year                      2021 
_citation.database_id_CSD           ? 
_citation.pdbx_database_id_DOI      10.1038/s41589-021-00884-6 
_citation.pdbx_database_id_PubMed   34725509 
_citation.pdbx_database_id_patent   ? 
_citation.unpublished_flag          ? 
# 
loop_
_citation_author.citation_id 
_citation_author.name 
_citation_author.ordinal 
_citation_author.identifier_ORCID 
primary 'Huang, K.' 1 ? 
primary 'Chen, X.'  2 ? 
primary 'Li, C.'    3 ? 
primary 'Song, Q.'  4 ? 
primary 'Li, H.'    5 ? 
primary 'Zhu, L.'   6 ? 
primary 'Yang, Y.'  7 ? 
primary 'Ren, A.'   8 ? 
# 
_cell.angle_alpha                  90.000 
_cell.angle_alpha_esd              ? 
_cell.angle_beta                   127.350 
_cell.angle_beta_esd               ? 
_cell.angle_gamma                  90.000 
_cell.angle_gamma_esd              ? 
_cell.entry_id                     7EOM 
_cell.details                      ? 
_cell.formula_units_Z              ? 
_cell.length_a                     92.078 
_cell.length_a_esd                 ? 
_cell.length_b                     34.874 
_cell.length_b_esd                 ? 
_cell.length_c                     57.861 
_cell.length_c_esd                 ? 
_cell.volume                       ? 
_cell.volume_esd                   ? 
_cell.Z_PDB                        4 
_cell.reciprocal_angle_alpha       ? 
_cell.reciprocal_angle_beta        ? 
_cell.reciprocal_angle_gamma       ? 
_cell.reciprocal_angle_alpha_esd   ? 
_cell.reciprocal_angle_beta_esd    ? 
_cell.reciprocal_angle_gamma_esd   ? 
_cell.reciprocal_length_a          ? 
_cell.reciprocal_length_b          ? 
_cell.reciprocal_length_c          ? 
_cell.reciprocal_length_a_esd      ? 
_cell.reciprocal_length_b_esd      ? 
_cell.reciprocal_length_c_esd      ? 
_cell.pdbx_unique_axis             ? 
# 
_symmetry.entry_id                         7EOM 
_symmetry.cell_setting                     ? 
_symmetry.Int_Tables_number                5 
_symmetry.space_group_name_Hall            ? 
_symmetry.space_group_name_H-M             'C 1 2 1' 
_symmetry.pdbx_full_space_group_name_H-M   ? 
# 
loop_
_entity.id 
_entity.type 
_entity.src_method 
_entity.pdbx_description 
_entity.formula_weight 
_entity.pdbx_number_of_molecules 
_entity.pdbx_ec 
_entity.pdbx_mutation 
_entity.pdbx_fragment 
_entity.details 
1 polymer     man 'Pepper (49-MER)'                                                                              15428.166 1  ? ? 
? ? 
2 non-polymer syn "GUANOSINE-5'-TRIPHOSPHATE"                                                                    523.180   1  ? ? 
? ? 
3 non-polymer syn '4-[(~{Z})-1-cyano-2-[6-[2-hydroxyethyl(methyl)amino]pyridin-3-yl]ethenyl]benzenecarbonitrile' 304.346   1  ? ? 
? ? 
4 non-polymer syn 'MAGNESIUM ION'                                                                                24.305    3  ? ? 
? ? 
5 water       nat water                                                                                          18.015    36 ? ? 
? ? 
# 
_entity_poly.entity_id                      1 
_entity_poly.type                           polyribonucleotide 
_entity_poly.nstd_linkage                   no 
_entity_poly.nstd_monomer                   no 
_entity_poly.pdbx_seq_one_letter_code       GCGCACUGGCGCUGCGCCUUCGGGCGCCAAUCGUAGCGUGUCGGCGCC 
_entity_poly.pdbx_seq_one_letter_code_can   GCGCACUGGCGCUGCGCCUUCGGGCGCCAAUCGUAGCGUGUCGGCGCC 
_entity_poly.pdbx_strand_id                 A 
_entity_poly.pdbx_target_identifier         ? 
# 
loop_
_entity_poly_seq.entity_id 
_entity_poly_seq.num 
_entity_poly_seq.mon_id 
_entity_poly_seq.hetero 
1 1  G n 
1 2  C n 
1 3  G n 
1 4  C n 
1 5  A n 
1 6  C n 
1 7  U n 
1 8  G n 
1 9  G n 
1 10 C n 
1 11 G n 
1 12 C n 
1 13 U n 
1 14 G n 
1 15 C n 
1 16 G n 
1 17 C n 
1 18 C n 
1 19 U n 
1 20 U n 
1 21 C n 
1 22 G n 
1 23 G n 
1 24 G n 
1 25 C n 
1 26 G n 
1 27 C n 
1 28 C n 
1 29 A n 
1 30 A n 
1 31 U n 
1 32 C n 
1 33 G n 
1 34 U n 
1 35 A n 
1 36 G n 
1 37 C n 
1 38 G n 
1 39 U n 
1 40 G n 
1 41 U n 
1 42 C n 
1 43 G n 
1 44 G n 
1 45 C n 
1 46 G n 
1 47 C n 
1 48 C n 
# 
_entity_src_gen.entity_id                          1 
_entity_src_gen.pdbx_src_id                        1 
_entity_src_gen.pdbx_alt_source_flag               sample 
_entity_src_gen.pdbx_seq_type                      'Biological sequence' 
_entity_src_gen.pdbx_beg_seq_num                   1 
_entity_src_gen.pdbx_end_seq_num                   48 
_entity_src_gen.gene_src_common_name               ? 
_entity_src_gen.gene_src_genus                     ? 
_entity_src_gen.pdbx_gene_src_gene                 ? 
_entity_src_gen.gene_src_species                   ? 
_entity_src_gen.gene_src_strain                    ? 
_entity_src_gen.gene_src_tissue                    ? 
_entity_src_gen.gene_src_tissue_fraction           ? 
_entity_src_gen.gene_src_details                   ? 
_entity_src_gen.pdbx_gene_src_fragment             ? 
_entity_src_gen.pdbx_gene_src_scientific_name      'synthetic construct' 
_entity_src_gen.pdbx_gene_src_ncbi_taxonomy_id     32630 
_entity_src_gen.pdbx_gene_src_variant              ? 
_entity_src_gen.pdbx_gene_src_cell_line            ? 
_entity_src_gen.pdbx_gene_src_atcc                 ? 
_entity_src_gen.pdbx_gene_src_organ                ? 
_entity_src_gen.pdbx_gene_src_organelle            ? 
_entity_src_gen.pdbx_gene_src_cell                 ? 
_entity_src_gen.pdbx_gene_src_cellular_location    ? 
_entity_src_gen.host_org_common_name               ? 
_entity_src_gen.pdbx_host_org_scientific_name      'in vitro transcription vector pT7-TP(deltai)' 
_entity_src_gen.pdbx_host_org_ncbi_taxonomy_id     905931 
_entity_src_gen.host_org_genus                     ? 
_entity_src_gen.pdbx_host_org_gene                 ? 
_entity_src_gen.pdbx_host_org_organ                ? 
_entity_src_gen.host_org_species                   ? 
_entity_src_gen.pdbx_host_org_tissue               ? 
_entity_src_gen.pdbx_host_org_tissue_fraction      ? 
_entity_src_gen.pdbx_host_org_strain               ? 
_entity_src_gen.pdbx_host_org_variant              ? 
_entity_src_gen.pdbx_host_org_cell_line            ? 
_entity_src_gen.pdbx_host_org_atcc                 ? 
_entity_src_gen.pdbx_host_org_culture_collection   ? 
_entity_src_gen.pdbx_host_org_cell                 ? 
_entity_src_gen.pdbx_host_org_organelle            ? 
_entity_src_gen.pdbx_host_org_cellular_location    ? 
_entity_src_gen.pdbx_host_org_vector_type          ? 
_entity_src_gen.pdbx_host_org_vector               ? 
_entity_src_gen.host_org_details                   ? 
_entity_src_gen.expression_system_id               ? 
_entity_src_gen.plasmid_name                       ? 
_entity_src_gen.plasmid_details                    ? 
_entity_src_gen.pdbx_description                   ? 
# 
_struct_ref.id                         1 
_struct_ref.db_name                    PDB 
_struct_ref.db_code                    7EOM 
_struct_ref.pdbx_db_accession          7EOM 
_struct_ref.pdbx_db_isoform            ? 
_struct_ref.entity_id                  1 
_struct_ref.pdbx_seq_one_letter_code   ? 
_struct_ref.pdbx_align_begin           1 
# 
_struct_ref_seq.align_id                      1 
_struct_ref_seq.ref_id                        1 
_struct_ref_seq.pdbx_PDB_id_code              7EOM 
_struct_ref_seq.pdbx_strand_id                A 
_struct_ref_seq.seq_align_beg                 1 
_struct_ref_seq.pdbx_seq_align_beg_ins_code   ? 
_struct_ref_seq.seq_align_end                 48 
_struct_ref_seq.pdbx_seq_align_end_ins_code   ? 
_struct_ref_seq.pdbx_db_accession             7EOM 
_struct_ref_seq.db_align_beg                  2 
_struct_ref_seq.pdbx_db_align_beg_ins_code    ? 
_struct_ref_seq.db_align_end                  49 
_struct_ref_seq.pdbx_db_align_end_ins_code    ? 
_struct_ref_seq.pdbx_auth_seq_align_beg       2 
_struct_ref_seq.pdbx_auth_seq_align_end       49 
# 
loop_
_chem_comp.id 
_chem_comp.type 
_chem_comp.mon_nstd_flag 
_chem_comp.name 
_chem_comp.pdbx_synonyms 
_chem_comp.formula 
_chem_comp.formula_weight 
A   'RNA linking' y "ADENOSINE-5'-MONOPHOSPHATE"                                                                   ? 
'C10 H14 N5 O7 P'   347.221 
C   'RNA linking' y "CYTIDINE-5'-MONOPHOSPHATE"                                                                    ? 
'C9 H14 N3 O8 P'    323.197 
G   'RNA linking' y "GUANOSINE-5'-MONOPHOSPHATE"                                                                   ? 
'C10 H14 N5 O8 P'   363.221 
GTP non-polymer   n "GUANOSINE-5'-TRIPHOSPHATE"                                                                    ? 
'C10 H16 N5 O14 P3' 523.180 
HOH non-polymer   . WATER                                                                                          ? 'H2 O' 18.015 
J8R non-polymer   . '4-[(~{Z})-1-cyano-2-[6-[2-hydroxyethyl(methyl)amino]pyridin-3-yl]ethenyl]benzenecarbonitrile' ? 
'C18 H16 N4 O'      304.346 
MG  non-polymer   . 'MAGNESIUM ION'                                                                                ? 'Mg 2' 24.305 
U   'RNA linking' y "URIDINE-5'-MONOPHOSPHATE"                                                                     ? 
'C9 H13 N2 O9 P'    324.181 
# 
_exptl.absorpt_coefficient_mu     ? 
_exptl.absorpt_correction_T_max   ? 
_exptl.absorpt_correction_T_min   ? 
_exptl.absorpt_correction_type    ? 
_exptl.absorpt_process_details    ? 
_exptl.entry_id                   7EOM 
_exptl.crystals_number            1 
_exptl.details                    ? 
_exptl.method                     'X-RAY DIFFRACTION' 
_exptl.method_details             ? 
# 
_exptl_crystal.colour                      ? 
_exptl_crystal.density_diffrn              ? 
_exptl_crystal.density_Matthews            2.39 
_exptl_crystal.density_method              ? 
_exptl_crystal.density_percent_sol         48.61 
_exptl_crystal.description                 ? 
_exptl_crystal.F_000                       ? 
_exptl_crystal.id                          1 
_exptl_crystal.preparation                 ? 
_exptl_crystal.size_max                    ? 
_exptl_crystal.size_mid                    ? 
_exptl_crystal.size_min                    ? 
_exptl_crystal.size_rad                    ? 
_exptl_crystal.colour_lustre               ? 
_exptl_crystal.colour_modifier             ? 
_exptl_crystal.colour_primary              ? 
_exptl_crystal.density_meas                ? 
_exptl_crystal.density_meas_esd            ? 
_exptl_crystal.density_meas_gt             ? 
_exptl_crystal.density_meas_lt             ? 
_exptl_crystal.density_meas_temp           ? 
_exptl_crystal.density_meas_temp_esd       ? 
_exptl_crystal.density_meas_temp_gt        ? 
_exptl_crystal.density_meas_temp_lt        ? 
_exptl_crystal.pdbx_crystal_image_url      ? 
_exptl_crystal.pdbx_crystal_image_format   ? 
_exptl_crystal.pdbx_mosaicity              ? 
_exptl_crystal.pdbx_mosaicity_esd          ? 
# 
_exptl_crystal_grow.apparatus       ? 
_exptl_crystal_grow.atmosphere      ? 
_exptl_crystal_grow.crystal_id      1 
_exptl_crystal_grow.details         ? 
_exptl_crystal_grow.method          'VAPOR DIFFUSION, SITTING DROP' 
_exptl_crystal_grow.method_ref      ? 
_exptl_crystal_grow.pH              ? 
_exptl_crystal_grow.pressure        ? 
_exptl_crystal_grow.pressure_esd    ? 
_exptl_crystal_grow.seeding         ? 
_exptl_crystal_grow.seeding_ref     ? 
_exptl_crystal_grow.temp            289 
_exptl_crystal_grow.temp_details    ? 
_exptl_crystal_grow.temp_esd        ? 
_exptl_crystal_grow.time            ? 
_exptl_crystal_grow.pdbx_details    
'0.1 M ammonium chloride, 0.005 M magnesium chloride, 0.025 M HEPES, pH 7.0, 1.25 M 1,6-hexanediol, 40% MPD' 
_exptl_crystal_grow.pdbx_pH_range   ? 
# 
_diffrn.ambient_environment              ? 
_diffrn.ambient_temp                     100 
_diffrn.ambient_temp_details             ? 
_diffrn.ambient_temp_esd                 ? 
_diffrn.crystal_id                       1 
_diffrn.crystal_support                  ? 
_diffrn.crystal_treatment                ? 
_diffrn.details                          ? 
_diffrn.id                               1 
_diffrn.ambient_pressure                 ? 
_diffrn.ambient_pressure_esd             ? 
_diffrn.ambient_pressure_gt              ? 
_diffrn.ambient_pressure_lt              ? 
_diffrn.ambient_temp_gt                  ? 
_diffrn.ambient_temp_lt                  ? 
_diffrn.pdbx_serial_crystal_experiment   N 
# 
_diffrn_detector.details                      ? 
_diffrn_detector.detector                     PIXEL 
_diffrn_detector.diffrn_id                    1 
_diffrn_detector.type                         'DECTRIS PILATUS 6M' 
_diffrn_detector.area_resol_mean              ? 
_diffrn_detector.dtime                        ? 
_diffrn_detector.pdbx_frames_total            ? 
_diffrn_detector.pdbx_collection_time_total   ? 
_diffrn_detector.pdbx_collection_date         2019-11-23 
_diffrn_detector.pdbx_frequency               ? 
# 
_diffrn_radiation.collimation                      ? 
_diffrn_radiation.diffrn_id                        1 
_diffrn_radiation.filter_edge                      ? 
_diffrn_radiation.inhomogeneity                    ? 
_diffrn_radiation.monochromator                    ? 
_diffrn_radiation.polarisn_norm                    ? 
_diffrn_radiation.polarisn_ratio                   ? 
_diffrn_radiation.probe                            ? 
_diffrn_radiation.type                             ? 
_diffrn_radiation.xray_symbol                      ? 
_diffrn_radiation.wavelength_id                    1 
_diffrn_radiation.pdbx_monochromatic_or_laue_m_l   M 
_diffrn_radiation.pdbx_wavelength_list             ? 
_diffrn_radiation.pdbx_wavelength                  ? 
_diffrn_radiation.pdbx_diffrn_protocol             'SINGLE WAVELENGTH' 
_diffrn_radiation.pdbx_analyzer                    ? 
_diffrn_radiation.pdbx_scattering_type             x-ray 
# 
_diffrn_radiation_wavelength.id           1 
_diffrn_radiation_wavelength.wavelength   1.102 
_diffrn_radiation_wavelength.wt           1.0 
# 
_diffrn_source.current                     ? 
_diffrn_source.details                     ? 
_diffrn_source.diffrn_id                   1 
_diffrn_source.power                       ? 
_diffrn_source.size                        ? 
_diffrn_source.source                      SYNCHROTRON 
_diffrn_source.target                      ? 
_diffrn_source.type                        'SSRF BEAMLINE BL19U1' 
_diffrn_source.voltage                     ? 
_diffrn_source.take-off_angle              ? 
_diffrn_source.pdbx_wavelength_list        1.102 
_diffrn_source.pdbx_wavelength             ? 
_diffrn_source.pdbx_synchrotron_beamline   BL19U1 
_diffrn_source.pdbx_synchrotron_site       SSRF 
# 
_reflns.B_iso_Wilson_estimate                          ? 
_reflns.entry_id                                       7EOM 
_reflns.data_reduction_details                         ? 
_reflns.data_reduction_method                          ? 
_reflns.d_resolution_high                              2.700 
_reflns.d_resolution_low                               50.000 
_reflns.details                                        ? 
_reflns.limit_h_max                                    ? 
_reflns.limit_h_min                                    ? 
_reflns.limit_k_max                                    ? 
_reflns.limit_k_min                                    ? 
_reflns.limit_l_max                                    ? 
_reflns.limit_l_min                                    ? 
_reflns.number_all                                     ? 
_reflns.number_obs                                     4065 
_reflns.observed_criterion                             ? 
_reflns.observed_criterion_F_max                       ? 
_reflns.observed_criterion_F_min                       ? 
_reflns.observed_criterion_I_max                       ? 
_reflns.observed_criterion_I_min                       ? 
_reflns.observed_criterion_sigma_F                     ? 
_reflns.observed_criterion_sigma_I                     ? 
_reflns.percent_possible_obs                           98.200 
_reflns.R_free_details                                 ? 
_reflns.Rmerge_F_all                                   ? 
_reflns.Rmerge_F_obs                                   ? 
_reflns.Friedel_coverage                               ? 
_reflns.number_gt                                      ? 
_reflns.threshold_expression                           ? 
_reflns.pdbx_redundancy                                6.500 
_reflns.pdbx_Rmerge_I_obs                              0.145 
_reflns.pdbx_Rmerge_I_all                              ? 
_reflns.pdbx_Rsym_value                                ? 
_reflns.pdbx_netI_over_av_sigmaI                       ? 
_reflns.pdbx_netI_over_sigmaI                          4.000 
_reflns.pdbx_res_netI_over_av_sigmaI_2                 ? 
_reflns.pdbx_res_netI_over_sigmaI_2                    ? 
_reflns.pdbx_chi_squared                               1.132 
_reflns.pdbx_scaling_rejects                           ? 
_reflns.pdbx_d_res_high_opt                            ? 
_reflns.pdbx_d_res_low_opt                             ? 
_reflns.pdbx_d_res_opt_method                          ? 
_reflns.phase_calculation_details                      ? 
_reflns.pdbx_Rrim_I_all                                0.158 
_reflns.pdbx_Rpim_I_all                                0.061 
_reflns.pdbx_d_opt                                     ? 
_reflns.pdbx_number_measured_all                       26402 
_reflns.pdbx_diffrn_id                                 1 
_reflns.pdbx_ordinal                                   1 
_reflns.pdbx_CC_half                                   ? 
_reflns.pdbx_CC_star                                   ? 
_reflns.pdbx_R_split                                   ? 
_reflns.pdbx_aniso_diffraction_limit_axis_1_ortho[1]   ? 
_reflns.pdbx_aniso_diffraction_limit_axis_1_ortho[2]   ? 
_reflns.pdbx_aniso_diffraction_limit_axis_1_ortho[3]   ? 
_reflns.pdbx_aniso_diffraction_limit_axis_2_ortho[1]   ? 
_reflns.pdbx_aniso_diffraction_limit_axis_2_ortho[2]   ? 
_reflns.pdbx_aniso_diffraction_limit_axis_2_ortho[3]   ? 
_reflns.pdbx_aniso_diffraction_limit_axis_3_ortho[1]   ? 
_reflns.pdbx_aniso_diffraction_limit_axis_3_ortho[2]   ? 
_reflns.pdbx_aniso_diffraction_limit_axis_3_ortho[3]   ? 
_reflns.pdbx_aniso_diffraction_limit_1                 ? 
_reflns.pdbx_aniso_diffraction_limit_2                 ? 
_reflns.pdbx_aniso_diffraction_limit_3                 ? 
_reflns.pdbx_aniso_B_tensor_eigenvector_1_ortho[1]     ? 
_reflns.pdbx_aniso_B_tensor_eigenvector_1_ortho[2]     ? 
_reflns.pdbx_aniso_B_tensor_eigenvector_1_ortho[3]     ? 
_reflns.pdbx_aniso_B_tensor_eigenvector_2_ortho[1]     ? 
_reflns.pdbx_aniso_B_tensor_eigenvector_2_ortho[2]     ? 
_reflns.pdbx_aniso_B_tensor_eigenvector_2_ortho[3]     ? 
_reflns.pdbx_aniso_B_tensor_eigenvector_3_ortho[1]     ? 
_reflns.pdbx_aniso_B_tensor_eigenvector_3_ortho[2]     ? 
_reflns.pdbx_aniso_B_tensor_eigenvector_3_ortho[3]     ? 
_reflns.pdbx_aniso_B_tensor_eigenvalue_1               ? 
_reflns.pdbx_aniso_B_tensor_eigenvalue_2               ? 
_reflns.pdbx_aniso_B_tensor_eigenvalue_3               ? 
_reflns.pdbx_orthogonalization_convention              ? 
_reflns.pdbx_percent_possible_ellipsoidal              ? 
_reflns.pdbx_percent_possible_spherical                ? 
_reflns.pdbx_percent_possible_ellipsoidal_anomalous    ? 
_reflns.pdbx_percent_possible_spherical_anomalous      ? 
_reflns.pdbx_redundancy_anomalous                      ? 
_reflns.pdbx_CC_half_anomalous                         ? 
_reflns.pdbx_absDiff_over_sigma_anomalous              ? 
_reflns.pdbx_percent_possible_anomalous                ? 
_reflns.pdbx_observed_signal_threshold                 ? 
_reflns.pdbx_signal_type                               ? 
_reflns.pdbx_signal_details                            ? 
_reflns.pdbx_signal_software_id                        ? 
# 
loop_
_reflns_shell.d_res_high 
_reflns_shell.d_res_low 
_reflns_shell.meanI_over_sigI_all 
_reflns_shell.meanI_over_sigI_obs 
_reflns_shell.number_measured_all 
_reflns_shell.number_measured_obs 
_reflns_shell.number_possible 
_reflns_shell.number_unique_all 
_reflns_shell.number_unique_obs 
_reflns_shell.percent_possible_all 
_reflns_shell.percent_possible_obs 
_reflns_shell.Rmerge_F_all 
_reflns_shell.Rmerge_F_obs 
_reflns_shell.Rmerge_I_all 
_reflns_shell.Rmerge_I_obs 
_reflns_shell.meanI_over_sigI_gt 
_reflns_shell.meanI_over_uI_all 
_reflns_shell.meanI_over_uI_gt 
_reflns_shell.number_measured_gt 
_reflns_shell.number_unique_gt 
_reflns_shell.percent_possible_gt 
_reflns_shell.Rmerge_F_gt 
_reflns_shell.Rmerge_I_gt 
_reflns_shell.pdbx_redundancy 
_reflns_shell.pdbx_Rsym_value 
_reflns_shell.pdbx_chi_squared 
_reflns_shell.pdbx_netI_over_sigmaI_all 
_reflns_shell.pdbx_netI_over_sigmaI_obs 
_reflns_shell.pdbx_Rrim_I_all 
_reflns_shell.pdbx_Rpim_I_all 
_reflns_shell.pdbx_rejects 
_reflns_shell.pdbx_ordinal 
_reflns_shell.pdbx_diffrn_id 
_reflns_shell.pdbx_CC_half 
_reflns_shell.pdbx_CC_star 
_reflns_shell.pdbx_R_split 
_reflns_shell.pdbx_percent_possible_ellipsoidal 
_reflns_shell.pdbx_percent_possible_spherical 
_reflns_shell.pdbx_percent_possible_ellipsoidal_anomalous 
_reflns_shell.pdbx_percent_possible_spherical_anomalous 
_reflns_shell.pdbx_redundancy_anomalous 
_reflns_shell.pdbx_CC_half_anomalous 
_reflns_shell.pdbx_absDiff_over_sigma_anomalous 
_reflns_shell.pdbx_percent_possible_anomalous 
2.700 2.800  ? ? ? ? ? ? 407 98.100 ? ? ? ? 0.369 ? ? ? ? ? ? ? ? 6.100 ? 0.612 ? ? 0.401 0.156 ? 1  1 0.958 ? ? ? ? ? ? ? ? ? ? 
2.800 2.910  ? ? ? ? ? ? 401 98.000 ? ? ? ? 0.300 ? ? ? ? ? ? ? ? 6.400 ? 0.691 ? ? 0.326 0.125 ? 2  1 0.965 ? ? ? ? ? ? ? ? ? ? 
2.910 3.040  ? ? ? ? ? ? 392 99.000 ? ? ? ? 0.222 ? ? ? ? ? ? ? ? 6.200 ? 0.891 ? ? 0.242 0.094 ? 3  1 0.984 ? ? ? ? ? ? ? ? ? ? 
3.040 3.200  ? ? ? ? ? ? 397 96.800 ? ? ? ? 0.190 ? ? ? ? ? ? ? ? 5.900 ? 1.157 ? ? 0.208 0.083 ? 4  1 0.981 ? ? ? ? ? ? ? ? ? ? 
3.200 3.400  ? ? ? ? ? ? 406 99.000 ? ? ? ? 0.185 ? ? ? ? ? ? ? ? 7.000 ? 1.188 ? ? 0.200 0.075 ? 5  1 0.982 ? ? ? ? ? ? ? ? ? ? 
3.400 3.660  ? ? ? ? ? ? 408 99.300 ? ? ? ? 0.168 ? ? ? ? ? ? ? ? 6.900 ? 1.184 ? ? 0.181 0.068 ? 6  1 0.991 ? ? ? ? ? ? ? ? ? ? 
3.660 4.030  ? ? ? ? ? ? 406 99.800 ? ? ? ? 0.146 ? ? ? ? ? ? ? ? 6.800 ? 1.224 ? ? 0.158 0.061 ? 7  1 0.994 ? ? ? ? ? ? ? ? ? ? 
4.030 4.620  ? ? ? ? ? ? 401 95.700 ? ? ? ? 0.136 ? ? ? ? ? ? ? ? 6.300 ? 1.220 ? ? 0.148 0.057 ? 8  1 0.991 ? ? ? ? ? ? ? ? ? ? 
4.620 5.810  ? ? ? ? ? ? 421 99.300 ? ? ? ? 0.124 ? ? ? ? ? ? ? ? 6.800 ? 1.283 ? ? 0.135 0.051 ? 9  1 0.977 ? ? ? ? ? ? ? ? ? ? 
5.810 50.000 ? ? ? ? ? ? 426 97.000 ? ? ? ? 0.114 ? ? ? ? ? ? ? ? 6.400 ? 1.758 ? ? 0.125 0.051 ? 10 1 0.995 ? ? ? ? ? ? ? ? ? ? 
# 
_refine.aniso_B[1][1]                            ? 
_refine.aniso_B[1][2]                            ? 
_refine.aniso_B[1][3]                            ? 
_refine.aniso_B[2][2]                            ? 
_refine.aniso_B[2][3]                            ? 
_refine.aniso_B[3][3]                            ? 
_refine.B_iso_max                                130.050 
_refine.B_iso_mean                               50.7913 
_refine.B_iso_min                                14.700 
_refine.correlation_coeff_Fo_to_Fc               ? 
_refine.correlation_coeff_Fo_to_Fc_free          ? 
_refine.details                                  ? 
_refine.diff_density_max                         ? 
_refine.diff_density_max_esd                     ? 
_refine.diff_density_min                         ? 
_refine.diff_density_min_esd                     ? 
_refine.diff_density_rms                         ? 
_refine.diff_density_rms_esd                     ? 
_refine.entry_id                                 7EOM 
_refine.pdbx_refine_id                           'X-RAY DIFFRACTION' 
_refine.ls_abs_structure_details                 ? 
_refine.ls_abs_structure_Flack                   ? 
_refine.ls_abs_structure_Flack_esd               ? 
_refine.ls_abs_structure_Rogers                  ? 
_refine.ls_abs_structure_Rogers_esd              ? 
_refine.ls_d_res_high                            2.7030 
_refine.ls_d_res_low                             45.9940 
_refine.ls_extinction_coef                       ? 
_refine.ls_extinction_coef_esd                   ? 
_refine.ls_extinction_expression                 ? 
_refine.ls_extinction_method                     ? 
_refine.ls_goodness_of_fit_all                   ? 
_refine.ls_goodness_of_fit_all_esd               ? 
_refine.ls_goodness_of_fit_obs                   ? 
_refine.ls_goodness_of_fit_obs_esd               ? 
_refine.ls_hydrogen_treatment                    ? 
_refine.ls_matrix_type                           ? 
_refine.ls_number_constraints                    ? 
_refine.ls_number_parameters                     ? 
_refine.ls_number_reflns_all                     ? 
_refine.ls_number_reflns_obs                     4029 
_refine.ls_number_reflns_R_free                  183 
_refine.ls_number_reflns_R_work                  3846 
_refine.ls_number_restraints                     ? 
_refine.ls_percent_reflns_obs                    97.0100 
_refine.ls_percent_reflns_R_free                 4.5400 
_refine.ls_R_factor_all                          ? 
_refine.ls_R_factor_obs                          0.2226 
_refine.ls_R_factor_R_free                       0.2656 
_refine.ls_R_factor_R_free_error                 ? 
_refine.ls_R_factor_R_free_error_details         ? 
_refine.ls_R_factor_R_work                       0.2206 
_refine.ls_R_Fsqd_factor_obs                     ? 
_refine.ls_R_I_factor_obs                        ? 
_refine.ls_redundancy_reflns_all                 ? 
_refine.ls_redundancy_reflns_obs                 ? 
_refine.ls_restrained_S_all                      ? 
_refine.ls_restrained_S_obs                      ? 
_refine.ls_shift_over_esd_max                    ? 
_refine.ls_shift_over_esd_mean                   ? 
_refine.ls_structure_factor_coef                 ? 
_refine.ls_weighting_details                     ? 
_refine.ls_weighting_scheme                      ? 
_refine.ls_wR_factor_all                         ? 
_refine.ls_wR_factor_obs                         ? 
_refine.ls_wR_factor_R_free                      ? 
_refine.ls_wR_factor_R_work                      ? 
_refine.occupancy_max                            ? 
_refine.occupancy_min                            ? 
_refine.solvent_model_details                    'FLAT BULK SOLVENT MODEL' 
_refine.solvent_model_param_bsol                 ? 
_refine.solvent_model_param_ksol                 ? 
_refine.pdbx_R_complete                          ? 
_refine.ls_R_factor_gt                           ? 
_refine.ls_goodness_of_fit_gt                    ? 
_refine.ls_goodness_of_fit_ref                   ? 
_refine.ls_shift_over_su_max                     ? 
_refine.ls_shift_over_su_max_lt                  ? 
_refine.ls_shift_over_su_mean                    ? 
_refine.ls_shift_over_su_mean_lt                 ? 
_refine.pdbx_ls_sigma_I                          ? 
_refine.pdbx_ls_sigma_F                          1.380 
_refine.pdbx_ls_sigma_Fsqd                       ? 
_refine.pdbx_data_cutoff_high_absF               ? 
_refine.pdbx_data_cutoff_high_rms_absF           ? 
_refine.pdbx_data_cutoff_low_absF                ? 
_refine.pdbx_isotropic_thermal_model             ? 
_refine.pdbx_ls_cross_valid_method               THROUGHOUT 
_refine.pdbx_method_to_determine_struct          'MOLECULAR REPLACEMENT' 
_refine.pdbx_starting_model                      7EOG 
_refine.pdbx_stereochemistry_target_values       ML 
_refine.pdbx_R_Free_selection_details            ? 
_refine.pdbx_stereochem_target_val_spec_case     ? 
_refine.pdbx_overall_ESU_R                       ? 
_refine.pdbx_overall_ESU_R_Free                  ? 
_refine.pdbx_solvent_vdw_probe_radii             1.1100 
_refine.pdbx_solvent_ion_probe_radii             ? 
_refine.pdbx_solvent_shrinkage_radii             0.9000 
_refine.pdbx_real_space_R                        ? 
_refine.pdbx_density_correlation                 ? 
_refine.pdbx_pd_number_of_powder_patterns        ? 
_refine.pdbx_pd_number_of_points                 ? 
_refine.pdbx_pd_meas_number_of_points            ? 
_refine.pdbx_pd_proc_ls_prof_R_factor            ? 
_refine.pdbx_pd_proc_ls_prof_wR_factor           ? 
_refine.pdbx_pd_Marquardt_correlation_coeff      ? 
_refine.pdbx_pd_Fsqrd_R_factor                   ? 
_refine.pdbx_pd_ls_matrix_band_width             ? 
_refine.pdbx_overall_phase_error                 24.0800 
_refine.pdbx_overall_SU_R_free_Cruickshank_DPI   ? 
_refine.pdbx_overall_SU_R_free_Blow_DPI          ? 
_refine.pdbx_overall_SU_R_Blow_DPI               ? 
_refine.pdbx_TLS_residual_ADP_flag               ? 
_refine.pdbx_diffrn_id                           1 
_refine.overall_SU_B                             ? 
_refine.overall_SU_ML                            0.3000 
_refine.overall_SU_R_Cruickshank_DPI             ? 
_refine.overall_SU_R_free                        ? 
_refine.overall_FOM_free_R_set                   ? 
_refine.overall_FOM_work_R_set                   ? 
_refine.pdbx_average_fsc_overall                 ? 
_refine.pdbx_average_fsc_work                    ? 
_refine.pdbx_average_fsc_free                    ? 
# 
_refine_hist.pdbx_refine_id                   'X-RAY DIFFRACTION' 
_refine_hist.cycle_id                         final 
_refine_hist.details                          ? 
_refine_hist.d_res_high                       2.7030 
_refine_hist.d_res_low                        45.9940 
_refine_hist.number_atoms_solvent             36 
_refine_hist.number_atoms_total               1116 
_refine_hist.number_reflns_all                ? 
_refine_hist.number_reflns_obs                ? 
_refine_hist.number_reflns_R_free             ? 
_refine_hist.number_reflns_R_work             ? 
_refine_hist.R_factor_all                     ? 
_refine_hist.R_factor_obs                     ? 
_refine_hist.R_factor_R_free                  ? 
_refine_hist.R_factor_R_work                  ? 
_refine_hist.pdbx_number_residues_total       49 
_refine_hist.pdbx_B_iso_mean_ligand           40.45 
_refine_hist.pdbx_B_iso_mean_solvent          35.93 
_refine_hist.pdbx_number_atoms_protein        0 
_refine_hist.pdbx_number_atoms_nucleic_acid   1054 
_refine_hist.pdbx_number_atoms_ligand         26 
_refine_hist.pdbx_number_atoms_lipid          ? 
_refine_hist.pdbx_number_atoms_carb           ? 
_refine_hist.pdbx_pseudo_atom_details         ? 
# 
_refine_ls_shell.pdbx_refine_id                   'X-RAY DIFFRACTION' 
_refine_ls_shell.d_res_high                       2.7030 
_refine_ls_shell.d_res_low                        45.9940 
_refine_ls_shell.number_reflns_all                ? 
_refine_ls_shell.number_reflns_obs                ? 
_refine_ls_shell.number_reflns_R_free             183 
_refine_ls_shell.number_reflns_R_work             3846 
_refine_ls_shell.percent_reflns_obs               97.0000 
_refine_ls_shell.percent_reflns_R_free            ? 
_refine_ls_shell.R_factor_all                     ? 
_refine_ls_shell.R_factor_obs                     ? 
_refine_ls_shell.R_factor_R_free                  0.2656 
_refine_ls_shell.R_factor_R_free_error            0.0000 
_refine_ls_shell.R_factor_R_work                  0.2206 
_refine_ls_shell.redundancy_reflns_all            ? 
_refine_ls_shell.redundancy_reflns_obs            ? 
_refine_ls_shell.wR_factor_all                    ? 
_refine_ls_shell.wR_factor_obs                    ? 
_refine_ls_shell.wR_factor_R_free                 ? 
_refine_ls_shell.wR_factor_R_work                 ? 
_refine_ls_shell.pdbx_R_complete                  ? 
_refine_ls_shell.pdbx_total_number_of_bins_used   ? 
_refine_ls_shell.pdbx_phase_error                 ? 
_refine_ls_shell.pdbx_fsc_work                    ? 
_refine_ls_shell.pdbx_fsc_free                    ? 
# 
_struct.entry_id                     7EOM 
_struct.title                        'Crystal structure of the Pepper aptamer in complex with HBC508' 
_struct.pdbx_model_details           ? 
_struct.pdbx_formula_weight          ? 
_struct.pdbx_formula_weight_method   ? 
_struct.pdbx_model_type_details      ? 
_struct.pdbx_CASP_flag               N 
# 
_struct_keywords.entry_id        7EOM 
_struct_keywords.text            'Fluorescent RNA, Aptamer, HBC508, RNA' 
_struct_keywords.pdbx_keywords   RNA 
# 
loop_
_struct_asym.id 
_struct_asym.pdbx_blank_PDB_chainid_flag 
_struct_asym.pdbx_modified 
_struct_asym.entity_id 
_struct_asym.details 
A N N 1 ? 
B N N 2 ? 
C N N 3 ? 
D N N 4 ? 
E N N 4 ? 
F N N 4 ? 
G N N 5 ? 
# 
loop_
_struct_conn.id 
_struct_conn.conn_type_id 
_struct_conn.pdbx_leaving_atom_flag 
_struct_conn.pdbx_PDB_id 
_struct_conn.ptnr1_label_asym_id 
_struct_conn.ptnr1_label_comp_id 
_struct_conn.ptnr1_label_seq_id 
_struct_conn.ptnr1_label_atom_id 
_struct_conn.pdbx_ptnr1_label_alt_id 
_struct_conn.pdbx_ptnr1_PDB_ins_code 
_struct_conn.pdbx_ptnr1_standard_comp_id 
_struct_conn.ptnr1_symmetry 
_struct_conn.ptnr2_label_asym_id 
_struct_conn.ptnr2_label_comp_id 
_struct_conn.ptnr2_label_seq_id 
_struct_conn.ptnr2_label_atom_id 
_struct_conn.pdbx_ptnr2_label_alt_id 
_struct_conn.pdbx_ptnr2_PDB_ins_code 
_struct_conn.ptnr1_auth_asym_id 
_struct_conn.ptnr1_auth_comp_id 
_struct_conn.ptnr1_auth_seq_id 
_struct_conn.ptnr2_auth_asym_id 
_struct_conn.ptnr2_auth_comp_id 
_struct_conn.ptnr2_auth_seq_id 
_struct_conn.ptnr2_symmetry 
_struct_conn.pdbx_ptnr3_label_atom_id 
_struct_conn.pdbx_ptnr3_label_seq_id 
_struct_conn.pdbx_ptnr3_label_comp_id 
_struct_conn.pdbx_ptnr3_label_asym_id 
_struct_conn.pdbx_ptnr3_label_alt_id 
_struct_conn.pdbx_ptnr3_PDB_ins_code 
_struct_conn.details 
_struct_conn.pdbx_dist_value 
_struct_conn.pdbx_value_order 
_struct_conn.pdbx_role 
covale1  covale both ? A G  1  P   ? ? ? 1_555 B GTP .  "O3'" ? ? A G  2   A GTP 101 1_555 ? ? ? ? ? ? ?                       
1.571 ? ? 
metalc1  metalc ?    ? A C  6  OP2 ? ? ? 1_555 D MG  .  MG    ? ? A C  7   A MG  103 1_555 ? ? ? ? ? ? ?                       
1.831 ? ? 
metalc2  metalc ?    ? A U  7  OP2 ? ? ? 1_555 D MG  .  MG    ? ? A U  8   A MG  103 1_555 ? ? ? ? ? ? ?                       
1.807 ? ? 
metalc3  metalc ?    ? A A  29 OP2 ? ? ? 1_555 E MG  .  MG    ? ? A A  30  A MG  104 1_555 ? ? ? ? ? ? ?                       
1.935 ? ? 
metalc4  metalc ?    ? A U  41 OP2 ? ? ? 1_555 F MG  .  MG    ? ? A U  42  A MG  105 1_555 ? ? ? ? ? ? ?                       
1.834 ? ? 
metalc5  metalc ?    ? D MG .  MG  ? ? ? 1_555 G HOH .  O     ? ? A MG 103 A HOH 206 1_555 ? ? ? ? ? ? ?                       
2.653 ? ? 
metalc6  metalc ?    ? D MG .  MG  ? ? ? 1_555 G HOH .  O     ? ? A MG 103 A HOH 212 1_555 ? ? ? ? ? ? ?                       
2.517 ? ? 
metalc7  metalc ?    ? D MG .  MG  ? ? ? 1_555 G HOH .  O     ? ? A MG 103 A HOH 222 1_555 ? ? ? ? ? ? ?                       
1.881 ? ? 
metalc8  metalc ?    ? E MG .  MG  ? ? ? 1_555 G HOH .  O     ? ? A MG 104 A HOH 205 1_555 ? ? ? ? ? ? ?                       
2.619 ? ? 
metalc9  metalc ?    ? E MG .  MG  ? ? ? 1_555 G HOH .  O     ? ? A MG 104 A HOH 218 1_555 ? ? ? ? ? ? ?                       
2.318 ? ? 
metalc10 metalc ?    ? E MG .  MG  ? ? ? 1_555 G HOH .  O     ? ? A MG 104 A HOH 228 1_555 ? ? ? ? ? ? ?                       
2.935 ? ? 
metalc11 metalc ?    ? E MG .  MG  ? ? ? 1_555 G HOH .  O     ? ? A MG 104 A HOH 233 1_555 ? ? ? ? ? ? ?                       
2.998 ? ? 
metalc12 metalc ?    ? F MG .  MG  ? ? ? 1_555 G HOH .  O     ? ? A MG 105 A HOH 219 1_555 ? ? ? ? ? ? ?                       
2.143 ? ? 
metalc13 metalc ?    ? F MG .  MG  ? ? ? 1_555 G HOH .  O     ? ? A MG 105 A HOH 220 1_555 ? ? ? ? ? ? ?                       
2.085 ? ? 
metalc14 metalc ?    ? F MG .  MG  ? ? ? 1_555 G HOH .  O     ? ? A MG 105 A HOH 229 1_555 ? ? ? ? ? ? ?                       
2.804 ? ? 
metalc15 metalc ?    ? F MG .  MG  ? ? ? 1_555 G HOH .  O     ? ? A MG 105 A HOH 230 1_555 ? ? ? ? ? ? ?                       
2.705 ? ? 
metalc16 metalc ?    ? F MG .  MG  ? ? ? 1_555 G HOH .  O     ? ? A MG 105 A HOH 234 1_555 ? ? ? ? ? ? ?                       
1.808 ? ? 
hydrog1  hydrog ?    ? A G  1  N1  ? ? ? 1_555 A C   47 N3    ? ? A G  2   A C   48  1_555 ? ? ? ? ? ? WATSON-CRICK            ? ? 
? 
hydrog2  hydrog ?    ? A G  1  N2  ? ? ? 1_555 A C   47 O2    ? ? A G  2   A C   48  1_555 ? ? ? ? ? ? WATSON-CRICK            ? ? 
? 
hydrog3  hydrog ?    ? A G  1  O6  ? ? ? 1_555 A C   47 N4    ? ? A G  2   A C   48  1_555 ? ? ? ? ? ? WATSON-CRICK            ? ? 
? 
hydrog4  hydrog ?    ? A C  2  N3  ? ? ? 1_555 A G   46 N1    ? ? A C  3   A G   47  1_555 ? ? ? ? ? ? WATSON-CRICK            ? ? 
? 
hydrog5  hydrog ?    ? A C  2  N4  ? ? ? 1_555 A G   46 O6    ? ? A C  3   A G   47  1_555 ? ? ? ? ? ? WATSON-CRICK            ? ? 
? 
hydrog6  hydrog ?    ? A C  2  O2  ? ? ? 1_555 A G   46 N2    ? ? A C  3   A G   47  1_555 ? ? ? ? ? ? WATSON-CRICK            ? ? 
? 
hydrog7  hydrog ?    ? A G  3  N1  ? ? ? 1_555 A C   45 N3    ? ? A G  4   A C   46  1_555 ? ? ? ? ? ? WATSON-CRICK            ? ? 
? 
hydrog8  hydrog ?    ? A G  3  N2  ? ? ? 1_555 A C   45 O2    ? ? A G  4   A C   46  1_555 ? ? ? ? ? ? WATSON-CRICK            ? ? 
? 
hydrog9  hydrog ?    ? A G  3  O6  ? ? ? 1_555 A C   45 N4    ? ? A G  4   A C   46  1_555 ? ? ? ? ? ? WATSON-CRICK            ? ? 
? 
hydrog10 hydrog ?    ? A C  4  N3  ? ? ? 1_555 A G   44 N1    ? ? A C  5   A G   45  1_555 ? ? ? ? ? ? WATSON-CRICK            ? ? 
? 
hydrog11 hydrog ?    ? A C  4  N4  ? ? ? 1_555 A G   44 O6    ? ? A C  5   A G   45  1_555 ? ? ? ? ? ? WATSON-CRICK            ? ? 
? 
hydrog12 hydrog ?    ? A C  4  O2  ? ? ? 1_555 A G   44 N2    ? ? A C  5   A G   45  1_555 ? ? ? ? ? ? WATSON-CRICK            ? ? 
? 
hydrog13 hydrog ?    ? A C  6  N3  ? ? ? 1_555 A G   43 N1    ? ? A C  7   A G   44  1_555 ? ? ? ? ? ? WATSON-CRICK            ? ? 
? 
hydrog14 hydrog ?    ? A C  6  N4  ? ? ? 1_555 A G   43 O6    ? ? A C  7   A G   44  1_555 ? ? ? ? ? ? WATSON-CRICK            ? ? 
? 
hydrog15 hydrog ?    ? A C  6  O2  ? ? ? 1_555 A G   43 N2    ? ? A C  7   A G   44  1_555 ? ? ? ? ? ? WATSON-CRICK            ? ? 
? 
hydrog16 hydrog ?    ? A U  7  O4  ? ? ? 1_555 A G   40 N2    ? ? A U  8   A G   41  1_555 ? ? ? ? ? ? 'U-G MISPAIR'           ? ? 
? 
hydrog17 hydrog ?    ? A U  7  N3  ? ? ? 1_555 A U   41 O4    ? ? A U  8   A U   42  1_555 ? ? ? ? ? ? TYPE_16_PAIR            ? ? 
? 
hydrog18 hydrog ?    ? A U  7  O2  ? ? ? 1_555 A U   41 N3    ? ? A U  8   A U   42  1_555 ? ? ? ? ? ? TYPE_16_PAIR            ? ? 
? 
hydrog19 hydrog ?    ? A G  8  N1  ? ? ? 1_555 A C   32 O2    ? ? A G  9   A C   33  1_555 ? ? ? ? ? ? 'REVERSED WATSON-CRICK' ? ? 
? 
hydrog20 hydrog ?    ? A G  8  N2  ? ? ? 1_555 A C   32 N3    ? ? A G  9   A C   33  1_555 ? ? ? ? ? ? 'REVERSED WATSON-CRICK' ? ? 
? 
hydrog21 hydrog ?    ? A G  9  N1  ? ? ? 1_555 A U   39 O2    ? ? A G  10  A U   40  1_555 ? ? ? ? ? ? TYPE_28_PAIR            ? ? 
? 
hydrog22 hydrog ?    ? A G  9  O6  ? ? ? 1_555 A U   39 N3    ? ? A G  10  A U   40  1_555 ? ? ? ? ? ? TYPE_28_PAIR            ? ? 
? 
hydrog23 hydrog ?    ? A C  10 N3  ? ? ? 1_555 A G   38 N1    ? ? A C  11  A G   39  1_555 ? ? ? ? ? ? WATSON-CRICK            ? ? 
? 
hydrog24 hydrog ?    ? A C  10 N4  ? ? ? 1_555 A G   38 O6    ? ? A C  11  A G   39  1_555 ? ? ? ? ? ? WATSON-CRICK            ? ? 
? 
hydrog25 hydrog ?    ? A C  10 O2  ? ? ? 1_555 A G   38 N2    ? ? A C  11  A G   39  1_555 ? ? ? ? ? ? WATSON-CRICK            ? ? 
? 
hydrog26 hydrog ?    ? A G  11 N1  ? ? ? 1_555 A C   37 N3    ? ? A G  12  A C   38  1_555 ? ? ? ? ? ? WATSON-CRICK            ? ? 
? 
hydrog27 hydrog ?    ? A G  11 N2  ? ? ? 1_555 A C   37 O2    ? ? A G  12  A C   38  1_555 ? ? ? ? ? ? WATSON-CRICK            ? ? 
? 
hydrog28 hydrog ?    ? A G  11 O6  ? ? ? 1_555 A C   37 N4    ? ? A G  12  A C   38  1_555 ? ? ? ? ? ? WATSON-CRICK            ? ? 
? 
hydrog29 hydrog ?    ? A C  12 N3  ? ? ? 1_555 A G   36 N1    ? ? A C  13  A G   37  1_555 ? ? ? ? ? ? WATSON-CRICK            ? ? 
? 
hydrog30 hydrog ?    ? A C  12 N4  ? ? ? 1_555 A G   36 O6    ? ? A C  13  A G   37  1_555 ? ? ? ? ? ? WATSON-CRICK            ? ? 
? 
hydrog31 hydrog ?    ? A C  12 O2  ? ? ? 1_555 A G   36 N2    ? ? A C  13  A G   37  1_555 ? ? ? ? ? ? WATSON-CRICK            ? ? 
? 
hydrog32 hydrog ?    ? A U  13 N3  ? ? ? 1_555 A A   35 N1    ? ? A U  14  A A   36  1_555 ? ? ? ? ? ? WATSON-CRICK            ? ? 
? 
hydrog33 hydrog ?    ? A U  13 O4  ? ? ? 1_555 A A   35 N6    ? ? A U  14  A A   36  1_555 ? ? ? ? ? ? WATSON-CRICK            ? ? 
? 
hydrog34 hydrog ?    ? A G  14 N1  ? ? ? 1_555 A C   27 N3    ? ? A G  15  A C   28  1_555 ? ? ? ? ? ? WATSON-CRICK            ? ? 
? 
hydrog35 hydrog ?    ? A G  14 N2  ? ? ? 1_555 A C   27 O2    ? ? A G  15  A C   28  1_555 ? ? ? ? ? ? WATSON-CRICK            ? ? 
? 
hydrog36 hydrog ?    ? A G  14 O6  ? ? ? 1_555 A C   27 N4    ? ? A G  15  A C   28  1_555 ? ? ? ? ? ? WATSON-CRICK            ? ? 
? 
hydrog37 hydrog ?    ? A C  15 N3  ? ? ? 1_555 A G   26 N1    ? ? A C  16  A G   27  1_555 ? ? ? ? ? ? WATSON-CRICK            ? ? 
? 
hydrog38 hydrog ?    ? A C  15 N4  ? ? ? 1_555 A G   26 O6    ? ? A C  16  A G   27  1_555 ? ? ? ? ? ? WATSON-CRICK            ? ? 
? 
hydrog39 hydrog ?    ? A C  15 O2  ? ? ? 1_555 A G   26 N2    ? ? A C  16  A G   27  1_555 ? ? ? ? ? ? WATSON-CRICK            ? ? 
? 
hydrog40 hydrog ?    ? A G  16 N1  ? ? ? 1_555 A C   25 N3    ? ? A G  17  A C   26  1_555 ? ? ? ? ? ? WATSON-CRICK            ? ? 
? 
hydrog41 hydrog ?    ? A G  16 N2  ? ? ? 1_555 A C   25 O2    ? ? A G  17  A C   26  1_555 ? ? ? ? ? ? WATSON-CRICK            ? ? 
? 
hydrog42 hydrog ?    ? A G  16 O6  ? ? ? 1_555 A C   25 N4    ? ? A G  17  A C   26  1_555 ? ? ? ? ? ? WATSON-CRICK            ? ? 
? 
hydrog43 hydrog ?    ? A C  17 N3  ? ? ? 1_555 A G   24 N1    ? ? A C  18  A G   25  1_555 ? ? ? ? ? ? WATSON-CRICK            ? ? 
? 
hydrog44 hydrog ?    ? A C  17 N4  ? ? ? 1_555 A G   24 O6    ? ? A C  18  A G   25  1_555 ? ? ? ? ? ? WATSON-CRICK            ? ? 
? 
hydrog45 hydrog ?    ? A C  17 O2  ? ? ? 1_555 A G   24 N2    ? ? A C  18  A G   25  1_555 ? ? ? ? ? ? WATSON-CRICK            ? ? 
? 
hydrog46 hydrog ?    ? A C  18 O2  ? ? ? 1_555 A G   23 N1    ? ? A C  19  A G   24  1_555 ? ? ? ? ? ? 'C-G PAIR'              ? ? 
? 
hydrog47 hydrog ?    ? A U  31 N3  ? ? ? 1_555 A U   34 O4    ? ? A U  32  A U   35  1_555 ? ? ? ? ? ? 'U-U MISPAIR'           ? ? 
? 
hydrog48 hydrog ?    ? A C  32 N4  ? ? ? 1_555 A U   39 O4    ? ? A C  33  A U   40  1_555 ? ? ? ? ? ? 'C-U MISPAIR'           ? ? 
? 
hydrog49 hydrog ?    ? A G  33 N2  ? ? ? 1_555 A G   38 N7    ? ? A G  34  A G   39  1_555 ? ? ? ? ? ? 'G-G MISPAIR'           ? ? 
? 
hydrog50 hydrog ?    ? A G  33 N2  ? ? ? 1_555 A U   39 O4    ? ? A G  34  A U   40  1_555 ? ? ? ? ? ? 'G-U MISPAIR'           ? ? 
? 
# 
loop_
_struct_conn_type.id 
_struct_conn_type.criteria 
_struct_conn_type.reference 
covale ? ? 
metalc ? ? 
hydrog ? ? 
# 
_atom_sites.entry_id                    7EOM 
_atom_sites.Cartn_transf_matrix[1][1]   ? 
_atom_sites.Cartn_transf_matrix[1][2]   ? 
_atom_sites.Cartn_transf_matrix[1][3]   ? 
_atom_sites.Cartn_transf_matrix[2][1]   ? 
_atom_sites.Cartn_transf_matrix[2][2]   ? 
_atom_sites.Cartn_transf_matrix[2][3]   ? 
_atom_sites.Cartn_transf_matrix[3][1]   ? 
_atom_sites.Cartn_transf_matrix[3][2]   ? 
_atom_sites.Cartn_transf_matrix[3][3]   ? 
_atom_sites.Cartn_transf_vector[1]      ? 
_atom_sites.Cartn_transf_vector[2]      ? 
_atom_sites.Cartn_transf_vector[3]      ? 
_atom_sites.fract_transf_matrix[1][1]   0.00097673 
_atom_sites.fract_transf_matrix[1][2]   0.01261982 
_atom_sites.fract_transf_matrix[1][3]   -0.00514294 
_atom_sites.fract_transf_matrix[2][1]   -0.02061743 
_atom_sites.fract_transf_matrix[2][2]   0.00886892 
_atom_sites.fract_transf_matrix[2][3]   0.01784711 
_atom_sites.fract_transf_matrix[3][1]   0.01289066 
_atom_sites.fract_transf_matrix[3][2]   0.01609412 
_atom_sites.fract_transf_matrix[3][3]   0.00689382 
_atom_sites.fract_transf_vector[1]      0.340224 
_atom_sites.fract_transf_vector[2]      0.512076 
_atom_sites.fract_transf_vector[3]      -0.046270 
_atom_sites.solution_primary            ? 
_atom_sites.solution_secondary          ? 
_atom_sites.solution_hydrogens          ? 
_atom_sites.special_details             ? 
# 
loop_
_atom_type.symbol 
C  
MG 
N  
O  
P  
# 
loop_
_atom_site.group_PDB 
_atom_site.id 
_atom_site.type_symbol 
_atom_site.label_atom_id 
_atom_site.label_alt_id 
_atom_site.label_comp_id 
_atom_site.label_asym_id 
_atom_site.label_entity_id 
_atom_site.label_seq_id 
_atom_site.pdbx_PDB_ins_code 
_atom_site.Cartn_x 
_atom_site.Cartn_y 
_atom_site.Cartn_z 
_atom_site.occupancy 
_atom_site.B_iso_or_equiv 
_atom_site.pdbx_formal_charge 
_atom_site.auth_seq_id 
_atom_site.auth_comp_id 
_atom_site.auth_asym_id 
_atom_site.auth_atom_id 
_atom_site.pdbx_PDB_model_num 
ATOM   1    P  P     . G   A 1 1  ? 18.060  10.955  -0.936  1.00 38.65  ? 2   G   A P     1 
ATOM   2    O  OP1   . G   A 1 1  ? 18.152  11.622  -2.274  1.00 38.57  ? 2   G   A OP1   1 
ATOM   3    O  OP2   . G   A 1 1  ? 17.377  11.535  0.271   1.00 23.78  ? 2   G   A OP2   1 
ATOM   4    O  "O5'" . G   A 1 1  ? 19.468  10.315  -0.546  1.00 21.83  ? 2   G   A "O5'" 1 
ATOM   5    C  "C5'" . G   A 1 1  ? 20.415  9.976   -1.534  1.00 19.26  ? 2   G   A "C5'" 1 
ATOM   6    C  "C4'" . G   A 1 1  ? 21.394  8.977   -0.985  1.00 22.53  ? 2   G   A "C4'" 1 
ATOM   7    O  "O4'" . G   A 1 1  ? 22.001  9.482   0.220   1.00 34.49  ? 2   G   A "O4'" 1 
ATOM   8    C  "C3'" . G   A 1 1  ? 20.813  7.658   -0.540  1.00 23.62  ? 2   G   A "C3'" 1 
ATOM   9    O  "O3'" . G   A 1 1  ? 20.566  6.809   -1.632  1.00 27.12  ? 2   G   A "O3'" 1 
ATOM   10   C  "C2'" . G   A 1 1  ? 21.888  7.139   0.399   1.00 25.52  ? 2   G   A "C2'" 1 
ATOM   11   O  "O2'" . G   A 1 1  ? 23.023  6.688   -0.328  1.00 31.38  ? 2   G   A "O2'" 1 
ATOM   12   C  "C1'" . G   A 1 1  ? 22.285  8.419   1.102   1.00 23.31  ? 2   G   A "C1'" 1 
ATOM   13   N  N9    . G   A 1 1  ? 21.502  8.635   2.318   1.00 25.04  ? 2   G   A N9    1 
ATOM   14   C  C8    . G   A 1 1  ? 20.378  9.417   2.404   1.00 25.93  ? 2   G   A C8    1 
ATOM   15   N  N7    . G   A 1 1  ? 19.876  9.443   3.595   1.00 25.31  ? 2   G   A N7    1 
ATOM   16   C  C5    . G   A 1 1  ? 20.724  8.611   4.331   1.00 27.63  ? 2   G   A C5    1 
ATOM   17   C  C6    . G   A 1 1  ? 20.682  8.260   5.704   1.00 24.48  ? 2   G   A C6    1 
ATOM   18   O  O6    . G   A 1 1  ? 19.855  8.629   6.534   1.00 28.00  ? 2   G   A O6    1 
ATOM   19   N  N1    . G   A 1 1  ? 21.701  7.398   6.078   1.00 21.39  ? 2   G   A N1    1 
ATOM   20   C  C2    . G   A 1 1  ? 22.672  6.949   5.215   1.00 27.57  ? 2   G   A C2    1 
ATOM   21   N  N2    . G   A 1 1  ? 23.579  6.142   5.781   1.00 29.77  ? 2   G   A N2    1 
ATOM   22   N  N3    . G   A 1 1  ? 22.768  7.274   3.915   1.00 26.33  ? 2   G   A N3    1 
ATOM   23   C  C4    . G   A 1 1  ? 21.746  8.101   3.553   1.00 28.80  ? 2   G   A C4    1 
ATOM   24   P  P     . C   A 1 2  ? 19.261  5.911   -1.654  1.00 25.19  ? 3   C   A P     1 
ATOM   25   O  OP1   . C   A 1 2  ? 19.407  5.167   -2.944  1.00 26.67  ? 3   C   A OP1   1 
ATOM   26   O  OP2   . C   A 1 2  ? 18.086  6.748   -1.348  1.00 20.31  ? 3   C   A OP2   1 
ATOM   27   O  "O5'" . C   A 1 2  ? 19.499  4.887   -0.462  1.00 28.37  ? 3   C   A "O5'" 1 
ATOM   28   C  "C5'" . C   A 1 2  ? 20.586  3.972   -0.537  1.00 26.48  ? 3   C   A "C5'" 1 
ATOM   29   C  "C4'" . C   A 1 2  ? 20.825  3.310   0.793   1.00 29.65  ? 3   C   A "C4'" 1 
ATOM   30   O  "O4'" . C   A 1 2  ? 21.184  4.302   1.789   1.00 25.12  ? 3   C   A "O4'" 1 
ATOM   31   C  "C3'" . C   A 1 2  ? 19.636  2.600   1.427   1.00 27.81  ? 3   C   A "C3'" 1 
ATOM   32   O  "O3'" . C   A 1 2  ? 19.324  1.356   0.830   1.00 24.24  ? 3   C   A "O3'" 1 
ATOM   33   C  "C2'" . C   A 1 2  ? 20.082  2.494   2.877   1.00 26.77  ? 3   C   A "C2'" 1 
ATOM   34   O  "O2'" . C   A 1 2  ? 21.016  1.435   3.055   1.00 28.22  ? 3   C   A "O2'" 1 
ATOM   35   C  "C1'" . C   A 1 2  ? 20.794  3.839   3.064   1.00 21.15  ? 3   C   A "C1'" 1 
ATOM   36   N  N1    . C   A 1 2  ? 19.863  4.794   3.671   1.00 25.00  ? 3   C   A N1    1 
ATOM   37   C  C2    . C   A 1 2  ? 19.845  4.743   5.063   1.00 27.84  ? 3   C   A C2    1 
ATOM   38   O  O2    . C   A 1 2  ? 20.651  3.968   5.603   1.00 23.72  ? 3   C   A O2    1 
ATOM   39   N  N3    . C   A 1 2  ? 18.991  5.542   5.750   1.00 27.47  ? 3   C   A N3    1 
ATOM   40   C  C4    . C   A 1 2  ? 18.172  6.346   5.069   1.00 24.29  ? 3   C   A C4    1 
ATOM   41   N  N4    . C   A 1 2  ? 17.358  7.108   5.790   1.00 27.38  ? 3   C   A N4    1 
ATOM   42   C  C5    . C   A 1 2  ? 18.152  6.412   3.640   1.00 22.00  ? 3   C   A C5    1 
ATOM   43   C  C6    . C   A 1 2  ? 19.002  5.604   2.974   1.00 25.88  ? 3   C   A C6    1 
ATOM   44   P  P     . G   A 1 3  ? 17.838  0.735   0.891   1.00 28.68  ? 4   G   A P     1 
ATOM   45   O  OP1   . G   A 1 3  ? 17.952  -0.365  -0.096  1.00 19.14  ? 4   G   A OP1   1 
ATOM   46   O  OP2   . G   A 1 3  ? 16.732  1.742   0.769   1.00 26.51  ? 4   G   A OP2   1 
ATOM   47   O  "O5'" . G   A 1 3  ? 17.700  0.182   2.381   1.00 21.02  ? 4   G   A "O5'" 1 
ATOM   48   C  "C5'" . G   A 1 3  ? 18.582  -0.807  2.876   1.00 20.34  ? 4   G   A "C5'" 1 
ATOM   49   C  "C4'" . G   A 1 3  ? 18.454  -0.944  4.367   1.00 24.65  ? 4   G   A "C4'" 1 
ATOM   50   O  "O4'" . G   A 1 3  ? 18.725  0.335   4.985   1.00 27.79  ? 4   G   A "O4'" 1 
ATOM   51   C  "C3'" . G   A 1 3  ? 17.080  -1.317  4.890   1.00 29.58  ? 4   G   A "C3'" 1 
ATOM   52   O  "O3'" . G   A 1 3  ? 16.803  -2.706  4.813   1.00 29.02  ? 4   G   A "O3'" 1 
ATOM   53   C  "C2'" . G   A 1 3  ? 17.115  -0.793  6.317   1.00 32.16  ? 4   G   A "C2'" 1 
ATOM   54   O  "O2'" . G   A 1 3  ? 17.813  -1.690  7.165   1.00 35.99  ? 4   G   A "O2'" 1 
ATOM   55   C  "C1'" . G   A 1 3  ? 17.961  0.468   6.160   1.00 30.92  ? 4   G   A "C1'" 1 
ATOM   56   N  N9    . G   A 1 3  ? 17.151  1.710   6.098   1.00 33.31  ? 4   G   A N9    1 
ATOM   57   C  C8    . G   A 1 3  ? 16.869  2.481   4.991   1.00 32.15  ? 4   G   A C8    1 
ATOM   58   N  N7    . G   A 1 3  ? 16.141  3.538   5.256   1.00 32.68  ? 4   G   A N7    1 
ATOM   59   C  C5    . G   A 1 3  ? 15.924  3.467   6.626   1.00 34.22  ? 4   G   A C5    1 
ATOM   60   C  C6    . G   A 1 3  ? 15.201  4.351   7.480   1.00 32.41  ? 4   G   A C6    1 
ATOM   61   O  O6    . G   A 1 3  ? 14.593  5.382   7.179   1.00 31.50  ? 4   G   A O6    1 
ATOM   62   N  N1    . G   A 1 3  ? 15.218  3.913   8.799   1.00 31.25  ? 4   G   A N1    1 
ATOM   63   C  C2    . G   A 1 3  ? 15.866  2.774   9.220   1.00 34.43  ? 4   G   A C2    1 
ATOM   64   N  N2    . G   A 1 3  ? 15.771  2.532   10.529  1.00 36.78  ? 4   G   A N2    1 
ATOM   65   N  N3    . G   A 1 3  ? 16.568  1.946   8.451   1.00 27.98  ? 4   G   A N3    1 
ATOM   66   C  C4    . G   A 1 3  ? 16.545  2.347   7.163   1.00 31.10  ? 4   G   A C4    1 
ATOM   67   P  P     . C   A 1 4  ? 15.295  -3.218  4.620   1.00 30.58  ? 5   C   A P     1 
ATOM   68   O  OP1   . C   A 1 4  ? 15.353  -4.692  4.403   1.00 38.27  ? 5   C   A OP1   1 
ATOM   69   O  OP2   . C   A 1 4  ? 14.604  -2.379  3.613   1.00 30.90  ? 5   C   A OP2   1 
ATOM   70   O  "O5'" . C   A 1 4  ? 14.594  -2.924  6.020   1.00 30.23  ? 5   C   A "O5'" 1 
ATOM   71   C  "C5'" . C   A 1 4  ? 14.819  -3.748  7.149   1.00 29.67  ? 5   C   A "C5'" 1 
ATOM   72   C  "C4'" . C   A 1 4  ? 14.202  -3.164  8.398   1.00 35.84  ? 5   C   A "C4'" 1 
ATOM   73   O  "O4'" . C   A 1 4  ? 14.588  -1.771  8.536   1.00 40.29  ? 5   C   A "O4'" 1 
ATOM   74   C  "C3'" . C   A 1 4  ? 12.678  -3.137  8.479   1.00 34.70  ? 5   C   A "C3'" 1 
ATOM   75   O  "O3'" . C   A 1 4  ? 12.136  -4.365  8.936   1.00 39.88  ? 5   C   A "O3'" 1 
ATOM   76   C  "C2'" . C   A 1 4  ? 12.418  -2.026  9.480   1.00 36.27  ? 5   C   A "C2'" 1 
ATOM   77   O  "O2'" . C   A 1 4  ? 12.599  -2.531  10.793  1.00 43.07  ? 5   C   A "O2'" 1 
ATOM   78   C  "C1'" . C   A 1 4  ? 13.563  -1.055  9.190   1.00 35.98  ? 5   C   A "C1'" 1 
ATOM   79   N  N1    . C   A 1 4  ? 13.163  0.109   8.364   1.00 35.13  ? 5   C   A N1    1 
ATOM   80   C  C2    . C   A 1 4  ? 12.346  1.097   8.938   1.00 37.20  ? 5   C   A C2    1 
ATOM   81   O  O2    . C   A 1 4  ? 11.952  0.956   10.099  1.00 41.10  ? 5   C   A O2    1 
ATOM   82   N  N3    . C   A 1 4  ? 11.981  2.188   8.224   1.00 36.91  ? 5   C   A N3    1 
ATOM   83   C  C4    . C   A 1 4  ? 12.428  2.322   6.974   1.00 39.10  ? 5   C   A C4    1 
ATOM   84   N  N4    . C   A 1 4  ? 12.052  3.408   6.295   1.00 35.76  ? 5   C   A N4    1 
ATOM   85   C  C5    . C   A 1 4  ? 13.271  1.336   6.369   1.00 35.06  ? 5   C   A C5    1 
ATOM   86   C  C6    . C   A 1 4  ? 13.610  0.259   7.086   1.00 31.59  ? 5   C   A C6    1 
ATOM   87   P  P     . A   A 1 5  ? 11.136  -5.229  8.026   1.00 37.10  ? 6   A   A P     1 
ATOM   88   O  OP1   . A   A 1 5  ? 10.775  -6.442  8.810   1.00 31.96  ? 6   A   A OP1   1 
ATOM   89   O  OP2   . A   A 1 5  ? 11.725  -5.351  6.663   1.00 33.58  ? 6   A   A OP2   1 
ATOM   90   O  "O5'" . A   A 1 5  ? 9.842   -4.315  7.897   1.00 34.19  ? 6   A   A "O5'" 1 
ATOM   91   C  "C5'" . A   A 1 5  ? 9.091   -3.946  9.041   1.00 31.62  ? 6   A   A "C5'" 1 
ATOM   92   C  "C4'" . A   A 1 5  ? 8.146   -2.827  8.712   1.00 31.06  ? 6   A   A "C4'" 1 
ATOM   93   O  "O4'" . A   A 1 5  ? 8.897   -1.836  7.984   1.00 37.95  ? 6   A   A "O4'" 1 
ATOM   94   C  "C3'" . A   A 1 5  ? 6.972   -3.212  7.827   1.00 34.79  ? 6   A   A "C3'" 1 
ATOM   95   O  "O3'" . A   A 1 5  ? 5.831   -2.448  8.187   1.00 35.66  ? 6   A   A "O3'" 1 
ATOM   96   C  "C2'" . A   A 1 5  ? 7.445   -2.842  6.422   1.00 38.09  ? 6   A   A "C2'" 1 
ATOM   97   O  "O2'" . A   A 1 5  ? 6.418   -2.460  5.536   1.00 37.93  ? 6   A   A "O2'" 1 
ATOM   98   C  "C1'" . A   A 1 5  ? 8.381   -1.672  6.678   1.00 37.56  ? 6   A   A "C1'" 1 
ATOM   99   N  N9    . A   A 1 5  ? 9.522   -1.684  5.763   1.00 35.66  ? 6   A   A N9    1 
ATOM   100  C  C8    . A   A 1 5  ? 10.166  -2.813  5.343   1.00 34.95  ? 6   A   A C8    1 
ATOM   101  N  N7    . A   A 1 5  ? 11.157  -2.570  4.518   1.00 39.35  ? 6   A   A N7    1 
ATOM   102  C  C5    . A   A 1 5  ? 11.155  -1.195  4.380   1.00 37.39  ? 6   A   A C5    1 
ATOM   103  C  C6    . A   A 1 5  ? 11.966  -0.326  3.632   1.00 37.36  ? 6   A   A C6    1 
ATOM   104  N  N6    . A   A 1 5  ? 12.965  -0.747  2.858   1.00 30.72  ? 6   A   A N6    1 
ATOM   105  N  N1    . A   A 1 5  ? 11.688  1.004   3.716   1.00 42.85  ? 6   A   A N1    1 
ATOM   106  C  C2    . A   A 1 5  ? 10.669  1.418   4.488   1.00 35.93  ? 6   A   A C2    1 
ATOM   107  N  N3    . A   A 1 5  ? 9.854   0.688   5.250   1.00 36.53  ? 6   A   A N3    1 
ATOM   108  C  C4    . A   A 1 5  ? 10.146  -0.625  5.147   1.00 37.37  ? 6   A   A C4    1 
ATOM   109  P  P     . C   A 1 6  ? 4.922   -2.928  9.425   1.00 30.69  ? 7   C   A P     1 
ATOM   110  O  OP1   . C   A 1 6  ? 5.287   -4.323  9.776   1.00 27.82  ? 7   C   A OP1   1 
ATOM   111  O  OP2   . C   A 1 6  ? 3.536   -2.499  9.144   1.00 33.54  ? 7   C   A OP2   1 
ATOM   112  O  "O5'" . C   A 1 6  ? 5.425   -2.028  10.637  1.00 34.19  ? 7   C   A "O5'" 1 
ATOM   113  C  "C5'" . C   A 1 6  ? 4.797   -2.086  11.901  1.00 35.45  ? 7   C   A "C5'" 1 
ATOM   114  C  "C4'" . C   A 1 6  ? 4.757   -0.716  12.517  1.00 38.71  ? 7   C   A "C4'" 1 
ATOM   115  O  "O4'" . C   A 1 6  ? 6.062   -0.103  12.408  1.00 38.19  ? 7   C   A "O4'" 1 
ATOM   116  C  "C3'" . C   A 1 6  ? 3.824   0.273   11.842  1.00 36.58  ? 7   C   A "C3'" 1 
ATOM   117  O  "O3'" . C   A 1 6  ? 2.497   0.138   12.302  1.00 42.21  ? 7   C   A "O3'" 1 
ATOM   118  C  "C2'" . C   A 1 6  ? 4.428   1.607   12.214  1.00 34.35  ? 7   C   A "C2'" 1 
ATOM   119  O  "O2'" . C   A 1 6  ? 4.061   1.927   13.543  1.00 38.29  ? 7   C   A "O2'" 1 
ATOM   120  C  "C1'" . C   A 1 6  ? 5.922   1.283   12.195  1.00 42.23  ? 7   C   A "C1'" 1 
ATOM   121  N  N1    . C   A 1 6  ? 6.588   1.626   10.913  1.00 45.13  ? 7   C   A N1    1 
ATOM   122  C  C2    . C   A 1 6  ? 6.722   2.965   10.514  1.00 40.78  ? 7   C   A C2    1 
ATOM   123  O  O2    . C   A 1 6  ? 6.242   3.862   11.236  1.00 42.09  ? 7   C   A O2    1 
ATOM   124  N  N3    . C   A 1 6  ? 7.351   3.238   9.341   1.00 40.10  ? 7   C   A N3    1 
ATOM   125  C  C4    . C   A 1 6  ? 7.837   2.242   8.592   1.00 38.13  ? 7   C   A C4    1 
ATOM   126  N  N4    . C   A 1 6  ? 8.449   2.544   7.441   1.00 37.16  ? 7   C   A N4    1 
ATOM   127  C  C5    . C   A 1 6  ? 7.725   0.887   8.993   1.00 34.42  ? 7   C   A C5    1 
ATOM   128  C  C6    . C   A 1 6  ? 7.107   0.622   10.140  1.00 36.49  ? 7   C   A C6    1 
ATOM   129  P  P     . U   A 1 7  ? 1.271   0.267   11.283  1.00 34.10  ? 8   U   A P     1 
ATOM   130  O  OP1   . U   A 1 7  ? 0.042   0.421   12.093  1.00 36.35  ? 8   U   A OP1   1 
ATOM   131  O  OP2   . U   A 1 7  ? 1.447   -0.825  10.295  1.00 35.12  ? 8   U   A OP2   1 
ATOM   132  O  "O5'" . U   A 1 7  ? 1.510   1.654   10.527  1.00 38.75  ? 8   U   A "O5'" 1 
ATOM   133  C  "C5'" . U   A 1 7  ? 1.306   2.897   11.185  1.00 34.90  ? 8   U   A "C5'" 1 
ATOM   134  C  "C4'" . U   A 1 7  ? 1.826   4.037   10.345  1.00 42.90  ? 8   U   A "C4'" 1 
ATOM   135  O  "O4'" . U   A 1 7  ? 3.259   3.876   10.124  1.00 42.86  ? 8   U   A "O4'" 1 
ATOM   136  C  "C3'" . U   A 1 7  ? 1.246   4.145   8.940   1.00 44.10  ? 8   U   A "C3'" 1 
ATOM   137  O  "O3'" . U   A 1 7  ? -0.024  4.769   8.904   1.00 34.74  ? 8   U   A "O3'" 1 
ATOM   138  C  "C2'" . U   A 1 7  ? 2.331   4.901   8.189   1.00 38.75  ? 8   U   A "C2'" 1 
ATOM   139  O  "O2'" . U   A 1 7  ? 2.267   6.275   8.516   1.00 37.11  ? 8   U   A "O2'" 1 
ATOM   140  C  "C1'" . U   A 1 7  ? 3.595   4.308   8.820   1.00 41.01  ? 8   U   A "C1'" 1 
ATOM   141  N  N1    . U   A 1 7  ? 4.094   3.133   8.069   1.00 38.77  ? 8   U   A N1    1 
ATOM   142  C  C2    . U   A 1 7  ? 4.939   3.353   7.010   1.00 38.80  ? 8   U   A C2    1 
ATOM   143  O  O2    . U   A 1 7  ? 5.282   4.472   6.685   1.00 44.71  ? 8   U   A O2    1 
ATOM   144  N  N3    . U   A 1 7  ? 5.370   2.234   6.351   1.00 33.41  ? 8   U   A N3    1 
ATOM   145  C  C4    . U   A 1 7  ? 5.054   0.936   6.643   1.00 35.33  ? 8   U   A C4    1 
ATOM   146  O  O4    . U   A 1 7  ? 5.534   0.027   5.964   1.00 38.80  ? 8   U   A O4    1 
ATOM   147  C  C5    . U   A 1 7  ? 4.176   0.777   7.756   1.00 39.34  ? 8   U   A C5    1 
ATOM   148  C  C6    . U   A 1 7  ? 3.737   1.850   8.417   1.00 40.25  ? 8   U   A C6    1 
ATOM   149  P  P     . G   A 1 8  ? -1.323  3.855   8.675   1.00 40.95  ? 9   G   A P     1 
ATOM   150  O  OP1   . G   A 1 8  ? -2.473  4.751   8.409   1.00 44.62  ? 9   G   A OP1   1 
ATOM   151  O  OP2   . G   A 1 8  ? -1.417  2.836   9.758   1.00 34.47  ? 9   G   A OP2   1 
ATOM   152  O  "O5'" . G   A 1 8  ? -1.007  3.120   7.297   1.00 42.31  ? 9   G   A "O5'" 1 
ATOM   153  C  "C5'" . G   A 1 8  ? -1.025  3.859   6.082   1.00 37.21  ? 9   G   A "C5'" 1 
ATOM   154  C  "C4'" . G   A 1 8  ? -0.884  2.963   4.885   1.00 34.30  ? 9   G   A "C4'" 1 
ATOM   155  O  "O4'" . G   A 1 8  ? 0.321   2.169   5.047   1.00 38.99  ? 9   G   A "O4'" 1 
ATOM   156  C  "C3'" . G   A 1 8  ? -2.029  1.969   4.663   1.00 36.70  ? 9   G   A "C3'" 1 
ATOM   157  O  "O3'" . G   A 1 8  ? -2.327  1.844   3.277   1.00 37.31  ? 9   G   A "O3'" 1 
ATOM   158  C  "C2'" . G   A 1 8  ? -1.439  0.648   5.142   1.00 35.71  ? 9   G   A "C2'" 1 
ATOM   159  O  "O2'" . G   A 1 8  ? -1.959  -0.495  4.500   1.00 37.99  ? 9   G   A "O2'" 1 
ATOM   160  C  "C1'" . G   A 1 8  ? 0.023   0.820   4.792   1.00 35.34  ? 9   G   A "C1'" 1 
ATOM   161  N  N9    . G   A 1 8  ? 0.893   -0.074  5.546   1.00 33.23  ? 9   G   A N9    1 
ATOM   162  C  C8    . G   A 1 8  ? 0.860   -0.407  6.875   1.00 33.44  ? 9   G   A C8    1 
ATOM   163  N  N7    . G   A 1 8  ? 1.768   -1.297  7.181   1.00 32.35  ? 9   G   A N7    1 
ATOM   164  C  C5    . G   A 1 8  ? 2.387   -1.572  5.981   1.00 28.43  ? 9   G   A C5    1 
ATOM   165  C  C6    . G   A 1 8  ? 3.417   -2.468  5.682   1.00 32.41  ? 9   G   A C6    1 
ATOM   166  O  O6    . G   A 1 8  ? 4.008   -3.203  6.471   1.00 35.42  ? 9   G   A O6    1 
ATOM   167  N  N1    . G   A 1 8  ? 3.735   -2.451  4.323   1.00 35.66  ? 9   G   A N1    1 
ATOM   168  C  C2    . G   A 1 8  ? 3.135   -1.657  3.371   1.00 32.32  ? 9   G   A C2    1 
ATOM   169  N  N2    . G   A 1 8  ? 3.582   -1.759  2.111   1.00 27.01  ? 9   G   A N2    1 
ATOM   170  N  N3    . G   A 1 8  ? 2.153   -0.819  3.645   1.00 31.49  ? 9   G   A N3    1 
ATOM   171  C  C4    . G   A 1 8  ? 1.852   -0.838  4.960   1.00 32.02  ? 9   G   A C4    1 
ATOM   172  P  P     . G   A 1 9  ? -3.347  2.850   2.553   1.00 40.10  ? 10  G   A P     1 
ATOM   173  O  OP1   . G   A 1 9  ? -4.268  3.503   3.524   1.00 40.23  ? 10  G   A OP1   1 
ATOM   174  O  OP2   . G   A 1 9  ? -3.888  2.136   1.367   1.00 30.82  ? 10  G   A OP2   1 
ATOM   175  O  "O5'" . G   A 1 9  ? -2.392  4.016   2.073   1.00 34.86  ? 10  G   A "O5'" 1 
ATOM   176  C  "C5'" . G   A 1 9  ? -2.518  5.323   2.605   1.00 33.77  ? 10  G   A "C5'" 1 
ATOM   177  C  "C4'" . G   A 1 9  ? -1.528  6.226   1.938   1.00 33.73  ? 10  G   A "C4'" 1 
ATOM   178  O  "O4'" . G   A 1 9  ? -0.208  5.645   2.085   1.00 34.19  ? 10  G   A "O4'" 1 
ATOM   179  C  "C3'" . G   A 1 9  ? -1.703  6.349   0.435   1.00 35.94  ? 10  G   A "C3'" 1 
ATOM   180  O  "O3'" . G   A 1 9  ? -2.692  7.291   0.055   1.00 33.19  ? 10  G   A "O3'" 1 
ATOM   181  C  "C2'" . G   A 1 9  ? -0.309  6.698   -0.033  1.00 31.80  ? 10  G   A "C2'" 1 
ATOM   182  O  "O2'" . G   A 1 9  ? -0.051  8.072   0.214   1.00 48.35  ? 10  G   A "O2'" 1 
ATOM   183  C  "C1'" . G   A 1 9  ? 0.549   5.876   0.921   1.00 33.89  ? 10  G   A "C1'" 1 
ATOM   184  N  N9    . G   A 1 9  ? 0.977   4.578   0.354   1.00 42.54  ? 10  G   A N9    1 
ATOM   185  C  C8    . G   A 1 9  ? 0.433   3.339   0.611   1.00 38.69  ? 10  G   A C8    1 
ATOM   186  N  N7    . G   A 1 9  ? 1.045   2.371   -0.029  1.00 35.64  ? 10  G   A N7    1 
ATOM   187  C  C5    . G   A 1 9  ? 2.057   2.989   -0.746  1.00 35.43  ? 10  G   A C5    1 
ATOM   188  C  C6    . G   A 1 9  ? 3.045   2.439   -1.621  1.00 41.88  ? 10  G   A C6    1 
ATOM   189  O  O6    . G   A 1 9  ? 3.245   1.257   -1.964  1.00 43.91  ? 10  G   A O6    1 
ATOM   190  N  N1    . G   A 1 9  ? 3.872   3.426   -2.136  1.00 38.07  ? 10  G   A N1    1 
ATOM   191  C  C2    . G   A 1 9  ? 3.761   4.755   -1.848  1.00 38.27  ? 10  G   A C2    1 
ATOM   192  N  N2    . G   A 1 9  ? 4.662   5.522   -2.449  1.00 43.06  ? 10  G   A N2    1 
ATOM   193  N  N3    . G   A 1 9  ? 2.862   5.292   -1.041  1.00 37.74  ? 10  G   A N3    1 
ATOM   194  C  C4    . G   A 1 9  ? 2.036   4.354   -0.520  1.00 39.64  ? 10  G   A C4    1 
ATOM   195  P  P     . C   A 1 10 ? -3.601  6.999   -1.238  1.00 48.22  ? 11  C   A P     1 
ATOM   196  O  OP1   . C   A 1 10 ? -4.535  8.144   -1.407  1.00 37.86  ? 11  C   A OP1   1 
ATOM   197  O  OP2   . C   A 1 10 ? -4.217  5.642   -1.105  1.00 44.18  ? 11  C   A OP2   1 
ATOM   198  O  "O5'" . C   A 1 10 ? -2.538  6.900   -2.432  1.00 33.71  ? 11  C   A "O5'" 1 
ATOM   199  C  "C5'" . C   A 1 10 ? -1.849  8.051   -2.875  1.00 38.85  ? 11  C   A "C5'" 1 
ATOM   200  C  "C4'" . C   A 1 10 ? -0.637  7.733   -3.716  1.00 40.93  ? 11  C   A "C4'" 1 
ATOM   201  O  "O4'" . C   A 1 10 ? 0.275   6.837   -3.034  1.00 41.80  ? 11  C   A "O4'" 1 
ATOM   202  C  "C3'" . C   A 1 10 ? -0.892  7.035   -5.035  1.00 48.60  ? 11  C   A "C3'" 1 
ATOM   203  O  "O3'" . C   A 1 10 ? -1.410  7.910   -6.015  1.00 50.27  ? 11  C   A "O3'" 1 
ATOM   204  C  "C2'" . C   A 1 10 ? 0.488   6.492   -5.373  1.00 44.30  ? 11  C   A "C2'" 1 
ATOM   205  O  "O2'" . C   A 1 10 ? 1.327   7.528   -5.855  1.00 47.21  ? 11  C   A "O2'" 1 
ATOM   206  C  "C1'" . C   A 1 10 ? 0.993   6.081   -3.990  1.00 41.12  ? 11  C   A "C1'" 1 
ATOM   207  N  N1    . C   A 1 10 ? 0.761   4.643   -3.761  1.00 39.01  ? 11  C   A N1    1 
ATOM   208  C  C2    . C   A 1 10 ? 1.642   3.771   -4.397  1.00 41.54  ? 11  C   A C2    1 
ATOM   209  O  O2    . C   A 1 10 ? 2.563   4.258   -5.075  1.00 44.86  ? 11  C   A O2    1 
ATOM   210  N  N3    . C   A 1 10 ? 1.479   2.436   -4.265  1.00 40.47  ? 11  C   A N3    1 
ATOM   211  C  C4    . C   A 1 10 ? 0.473   1.971   -3.521  1.00 43.36  ? 11  C   A C4    1 
ATOM   212  N  N4    . C   A 1 10 ? 0.346   0.642   -3.407  1.00 41.54  ? 11  C   A N4    1 
ATOM   213  C  C5    . C   A 1 10 ? -0.448  2.850   -2.864  1.00 40.38  ? 11  C   A C5    1 
ATOM   214  C  C6    . C   A 1 10 ? -0.276  4.170   -3.014  1.00 38.38  ? 11  C   A C6    1 
ATOM   215  P  P     . G   A 1 11 ? -2.566  7.421   -7.006  1.00 48.18  ? 12  G   A P     1 
ATOM   216  O  OP1   . G   A 1 11 ? -3.253  8.635   -7.519  1.00 52.50  ? 12  G   A OP1   1 
ATOM   217  O  OP2   . G   A 1 11 ? -3.348  6.356   -6.326  1.00 53.27  ? 12  G   A OP2   1 
ATOM   218  O  "O5'" . G   A 1 11 ? -1.766  6.742   -8.191  1.00 41.51  ? 12  G   A "O5'" 1 
ATOM   219  C  "C5'" . G   A 1 11 ? -0.531  7.291   -8.610  1.00 50.55  ? 12  G   A "C5'" 1 
ATOM   220  C  "C4'" . G   A 1 11 ? 0.180   6.371   -9.563  1.00 51.33  ? 12  G   A "C4'" 1 
ATOM   221  O  "O4'" . G   A 1 11 ? 0.943   5.371   -8.846  1.00 47.59  ? 12  G   A "O4'" 1 
ATOM   222  C  "C3'" . G   A 1 11 ? -0.721  5.570   -10.474 1.00 48.57  ? 12  G   A "C3'" 1 
ATOM   223  O  "O3'" . G   A 1 11 ? -1.142  6.361   -11.568 1.00 50.80  ? 12  G   A "O3'" 1 
ATOM   224  C  "C2'" . G   A 1 11 ? 0.161   4.393   -10.861 1.00 47.12  ? 12  G   A "C2'" 1 
ATOM   225  O  "O2'" . G   A 1 11 ? 1.065   4.791   -11.874 1.00 54.33  ? 12  G   A "O2'" 1 
ATOM   226  C  "C1'" . G   A 1 11 ? 0.957   4.165   -9.573  1.00 45.94  ? 12  G   A "C1'" 1 
ATOM   227  N  N9    . G   A 1 11 ? 0.368   3.130   -8.713  1.00 40.43  ? 12  G   A N9    1 
ATOM   228  C  C8    . G   A 1 11 ? -0.455  3.419   -7.661  1.00 42.60  ? 12  G   A C8    1 
ATOM   229  N  N7    . G   A 1 11 ? -0.848  2.352   -7.036  1.00 47.31  ? 12  G   A N7    1 
ATOM   230  C  C5    . G   A 1 11 ? -0.246  1.298   -7.713  1.00 43.62  ? 12  G   A C5    1 
ATOM   231  C  C6    . G   A 1 11 ? -0.334  -0.096  -7.471  1.00 42.59  ? 12  G   A C6    1 
ATOM   232  O  O6    . G   A 1 11 ? -0.977  -0.692  -6.594  1.00 41.01  ? 12  G   A O6    1 
ATOM   233  N  N1    . G   A 1 11 ? 0.429   -0.811  -8.375  1.00 39.90  ? 12  G   A N1    1 
ATOM   234  C  C2    . G   A 1 11 ? 1.161   -0.262  -9.387  1.00 41.46  ? 12  G   A C2    1 
ATOM   235  N  N2    . G   A 1 11 ? 1.828   -1.143  -10.154 1.00 37.57  ? 12  G   A N2    1 
ATOM   236  N  N3    . G   A 1 11 ? 1.244   1.044   -9.620  1.00 45.08  ? 12  G   A N3    1 
ATOM   237  C  C4    . G   A 1 11 ? 0.518   1.764   -8.752  1.00 39.91  ? 12  G   A C4    1 
ATOM   238  P  P     . C   A 1 12 ? -2.319  5.879   -12.539 1.00 70.72  ? 13  C   A P     1 
ATOM   239  O  OP1   . C   A 1 12 ? -2.456  6.940   -13.582 1.00 60.04  ? 13  C   A OP1   1 
ATOM   240  O  OP2   . C   A 1 12 ? -3.479  5.401   -11.749 1.00 57.53  ? 13  C   A OP2   1 
ATOM   241  O  "O5'" . C   A 1 12 ? -1.704  4.592   -13.236 1.00 65.26  ? 13  C   A "O5'" 1 
ATOM   242  C  "C5'" . C   A 1 12 ? -2.538  3.535   -13.651 1.00 57.61  ? 13  C   A "C5'" 1 
ATOM   243  C  "C4'" . C   A 1 12 ? -1.733  2.309   -13.970 1.00 58.26  ? 13  C   A "C4'" 1 
ATOM   244  O  "O4'" . C   A 1 12 ? -0.943  1.923   -12.813 1.00 59.22  ? 13  C   A "O4'" 1 
ATOM   245  C  "C3'" . C   A 1 12 ? -2.564  1.079   -14.293 1.00 57.51  ? 13  C   A "C3'" 1 
ATOM   246  O  "O3'" . C   A 1 12 ? -2.927  1.051   -15.654 1.00 64.14  ? 13  C   A "O3'" 1 
ATOM   247  C  "C2'" . C   A 1 12 ? -1.644  -0.059  -13.895 1.00 57.82  ? 13  C   A "C2'" 1 
ATOM   248  O  "O2'" . C   A 1 12 ? -0.629  -0.224  -14.877 1.00 57.99  ? 13  C   A "O2'" 1 
ATOM   249  C  "C1'" . C   A 1 12 ? -0.986  0.520   -12.647 1.00 53.88  ? 13  C   A "C1'" 1 
ATOM   250  N  N1    . C   A 1 12 ? -1.743  0.236   -11.403 1.00 46.44  ? 13  C   A N1    1 
ATOM   251  C  C2    . C   A 1 12 ? -1.985  -1.057  -10.906 1.00 47.63  ? 13  C   A C2    1 
ATOM   252  O  O2    . C   A 1 12 ? -1.599  -2.068  -11.505 1.00 47.87  ? 13  C   A O2    1 
ATOM   253  N  N3    . C   A 1 12 ? -2.674  -1.197  -9.752  1.00 50.04  ? 13  C   A N3    1 
ATOM   254  C  C4    . C   A 1 12 ? -3.095  -0.114  -9.096  1.00 47.45  ? 13  C   A C4    1 
ATOM   255  N  N4    . C   A 1 12 ? -3.770  -0.270  -7.959  1.00 50.35  ? 13  C   A N4    1 
ATOM   256  C  C5    . C   A 1 12 ? -2.855  1.190   -9.571  1.00 44.33  ? 13  C   A C5    1 
ATOM   257  C  C6    . C   A 1 12 ? -2.179  1.317   -10.703 1.00 44.65  ? 13  C   A C6    1 
ATOM   258  P  P     . U   A 1 13 ? -4.406  1.459   -16.111 1.00 64.62  ? 14  U   A P     1 
ATOM   259  O  OP1   . U   A 1 13 ? -4.290  1.981   -17.500 1.00 66.73  ? 14  U   A OP1   1 
ATOM   260  O  OP2   . U   A 1 13 ? -5.054  2.275   -15.057 1.00 60.93  ? 14  U   A OP2   1 
ATOM   261  O  "O5'" . U   A 1 13 ? -5.154  0.059   -16.175 1.00 64.66  ? 14  U   A "O5'" 1 
ATOM   262  C  "C5'" . U   A 1 13 ? -4.538  -1.042  -16.819 1.00 64.22  ? 14  U   A "C5'" 1 
ATOM   263  C  "C4'" . U   A 1 13 ? -5.019  -2.361  -16.268 1.00 66.27  ? 14  U   A "C4'" 1 
ATOM   264  O  "O4'" . U   A 1 13 ? -4.207  -2.762  -15.118 1.00 67.81  ? 14  U   A "O4'" 1 
ATOM   265  C  "C3'" . U   A 1 13 ? -6.421  -2.401  -15.698 1.00 64.22  ? 14  U   A "C3'" 1 
ATOM   266  O  "O3'" . U   A 1 13 ? -7.506  -2.218  -16.606 1.00 70.25  ? 14  U   A "O3'" 1 
ATOM   267  C  "C2'" . U   A 1 13 ? -6.361  -3.683  -14.886 1.00 58.00  ? 14  U   A "C2'" 1 
ATOM   268  O  "O2'" . U   A 1 13 ? -6.218  -4.806  -15.738 1.00 64.64  ? 14  U   A "O2'" 1 
ATOM   269  C  "C1'" . U   A 1 13 ? -5.024  -3.475  -14.196 1.00 56.03  ? 14  U   A "C1'" 1 
ATOM   270  N  N1    . U   A 1 13 ? -5.231  -2.658  -12.972 1.00 58.82  ? 14  U   A N1    1 
ATOM   271  C  C2    . U   A 1 13 ? -5.832  -3.298  -11.888 1.00 59.46  ? 14  U   A C2    1 
ATOM   272  O  O2    . U   A 1 13 ? -6.142  -4.486  -11.888 1.00 57.56  ? 14  U   A O2    1 
ATOM   273  N  N3    . U   A 1 13 ? -6.044  -2.501  -10.787 1.00 49.55  ? 14  U   A N3    1 
ATOM   274  C  C4    . U   A 1 13 ? -5.733  -1.161  -10.665 1.00 56.20  ? 14  U   A C4    1 
ATOM   275  O  O4    . U   A 1 13 ? -5.977  -0.581  -9.607  1.00 58.48  ? 14  U   A O4    1 
ATOM   276  C  C5    . U   A 1 13 ? -5.136  -0.563  -11.821 1.00 56.78  ? 14  U   A C5    1 
ATOM   277  C  C6    . U   A 1 13 ? -4.914  -1.312  -12.906 1.00 58.23  ? 14  U   A C6    1 
ATOM   278  P  P     . G   A 1 14 ? -8.002  -3.333  -17.645 1.00 81.32  ? 15  G   A P     1 
ATOM   279  O  OP1   . G   A 1 14 ? -6.963  -4.385  -17.800 1.00 81.67  ? 15  G   A OP1   1 
ATOM   280  O  OP2   . G   A 1 14 ? -8.490  -2.587  -18.837 1.00 73.94  ? 15  G   A OP2   1 
ATOM   281  O  "O5'" . G   A 1 14 ? -9.319  -3.950  -16.985 1.00 76.86  ? 15  G   A "O5'" 1 
ATOM   282  C  "C5'" . G   A 1 14 ? -9.520  -3.987  -15.578 1.00 66.70  ? 15  G   A "C5'" 1 
ATOM   283  C  "C4'" . G   A 1 14 ? -9.747  -5.398  -15.094 1.00 72.63  ? 15  G   A "C4'" 1 
ATOM   284  O  "O4'" . G   A 1 14 ? -8.825  -5.724  -14.023 1.00 65.37  ? 15  G   A "O4'" 1 
ATOM   285  C  "C3'" . G   A 1 14 ? -11.128 -5.684  -14.516 1.00 74.11  ? 15  G   A "C3'" 1 
ATOM   286  O  "O3'" . G   A 1 14 ? -12.066 -5.909  -15.561 1.00 75.22  ? 15  G   A "O3'" 1 
ATOM   287  C  "C2'" . G   A 1 14 ? -10.872 -6.866  -13.582 1.00 68.93  ? 15  G   A "C2'" 1 
ATOM   288  O  "O2'" . G   A 1 14 ? -10.828 -8.088  -14.304 1.00 66.16  ? 15  G   A "O2'" 1 
ATOM   289  C  "C1'" . G   A 1 14 ? -9.458  -6.555  -13.073 1.00 67.13  ? 15  G   A "C1'" 1 
ATOM   290  N  N9    . G   A 1 14 ? -9.425  -5.840  -11.784 1.00 56.85  ? 15  G   A N9    1 
ATOM   291  C  C8    . G   A 1 14 ? -9.082  -4.522  -11.672 1.00 55.71  ? 15  G   A C8    1 
ATOM   292  N  N7    . G   A 1 14 ? -9.084  -4.085  -10.446 1.00 55.12  ? 15  G   A N7    1 
ATOM   293  C  C5    . G   A 1 14 ? -9.429  -5.194  -9.696  1.00 49.93  ? 15  G   A C5    1 
ATOM   294  C  C6    . G   A 1 14 ? -9.584  -5.309  -8.300  1.00 48.67  ? 15  G   A C6    1 
ATOM   295  O  O6    . G   A 1 14 ? -9.441  -4.440  -7.442  1.00 51.89  ? 15  G   A O6    1 
ATOM   296  N  N1    . G   A 1 14 ? -9.950  -6.587  -7.925  1.00 51.62  ? 15  G   A N1    1 
ATOM   297  C  C2    . G   A 1 14 ? -10.138 -7.620  -8.799  1.00 56.29  ? 15  G   A C2    1 
ATOM   298  N  N2    . G   A 1 14 ? -10.492 -8.784  -8.233  1.00 59.50  ? 15  G   A N2    1 
ATOM   299  N  N3    . G   A 1 14 ? -9.989  -7.529  -10.115 1.00 56.37  ? 15  G   A N3    1 
ATOM   300  C  C4    . G   A 1 14 ? -9.637  -6.291  -10.499 1.00 52.84  ? 15  G   A C4    1 
ATOM   301  P  P     . C   A 1 15 ? -13.430 -6.739  -15.379 1.00 87.94  ? 16  C   A P     1 
ATOM   302  O  OP1   . C   A 1 15 ? -13.153 -8.189  -15.598 1.00 78.13  ? 16  C   A OP1   1 
ATOM   303  O  OP2   . C   A 1 15 ? -14.433 -6.041  -16.225 1.00 85.19  ? 16  C   A OP2   1 
ATOM   304  O  "O5'" . C   A 1 15 ? -13.874 -6.514  -13.872 1.00 79.94  ? 16  C   A "O5'" 1 
ATOM   305  C  "C5'" . C   A 1 15 ? -15.061 -7.127  -13.397 1.00 84.67  ? 16  C   A "C5'" 1 
ATOM   306  C  "C4'" . C   A 1 15 ? -14.800 -8.510  -12.853 1.00 85.39  ? 16  C   A "C4'" 1 
ATOM   307  O  "O4'" . C   A 1 15 ? -13.530 -8.528  -12.152 1.00 80.45  ? 16  C   A "O4'" 1 
ATOM   308  C  "C3'" . C   A 1 15 ? -15.846 -8.990  -11.850 1.00 80.21  ? 16  C   A "C3'" 1 
ATOM   309  O  "O3'" . C   A 1 15 ? -16.816 -9.793  -12.504 1.00 89.54  ? 16  C   A "O3'" 1 
ATOM   310  C  "C2'" . C   A 1 15 ? -15.045 -9.738  -10.787 1.00 75.91  ? 16  C   A "C2'" 1 
ATOM   311  O  "O2'" . C   A 1 15 ? -14.883 -11.106 -11.136 1.00 78.98  ? 16  C   A "O2'" 1 
ATOM   312  C  "C1'" . C   A 1 15 ? -13.682 -9.050  -10.860 1.00 74.36  ? 16  C   A "C1'" 1 
ATOM   313  N  N1    . C   A 1 15 ? -13.526 -7.900  -9.940  1.00 66.81  ? 16  C   A N1    1 
ATOM   314  C  C2    . C   A 1 15 ? -13.746 -7.940  -8.558  1.00 66.26  ? 16  C   A C2    1 
ATOM   315  O  O2    . C   A 1 15 ? -14.130 -8.985  -8.024  1.00 68.31  ? 16  C   A O2    1 
ATOM   316  N  N3    . C   A 1 15 ? -13.548 -6.802  -7.833  1.00 64.22  ? 16  C   A N3    1 
ATOM   317  C  C4    . C   A 1 15 ? -13.128 -5.678  -8.440  1.00 57.71  ? 16  C   A C4    1 
ATOM   318  N  N4    . C   A 1 15 ? -12.931 -4.584  -7.715  1.00 50.14  ? 16  C   A N4    1 
ATOM   319  C  C5    . C   A 1 15 ? -12.881 -5.616  -9.835  1.00 59.72  ? 16  C   A C5    1 
ATOM   320  C  C6    . C   A 1 15 ? -13.079 -6.741  -10.523 1.00 61.70  ? 16  C   A C6    1 
ATOM   321  P  P     . G   A 1 16 ? -18.302 -9.945  -11.927 1.00 104.78 ? 17  G   A P     1 
ATOM   322  O  OP1   . G   A 1 16 ? -18.245 -11.076 -10.960 1.00 98.16  ? 17  G   A OP1   1 
ATOM   323  O  OP2   . G   A 1 16 ? -19.250 -10.066 -13.071 1.00 103.54 ? 17  G   A OP2   1 
ATOM   324  O  "O5'" . G   A 1 16 ? -18.565 -8.549  -11.198 1.00 90.22  ? 17  G   A "O5'" 1 
ATOM   325  C  "C5'" . G   A 1 16 ? -19.606 -8.401  -10.241 1.00 88.64  ? 17  G   A "C5'" 1 
ATOM   326  C  "C4'" . G   A 1 16 ? -19.258 -9.085  -8.942  1.00 86.21  ? 17  G   A "C4'" 1 
ATOM   327  O  "O4'" . G   A 1 16 ? -17.885 -8.790  -8.584  1.00 85.37  ? 17  G   A "O4'" 1 
ATOM   328  C  "C3'" . G   A 1 16 ? -20.063 -8.666  -7.723  1.00 92.12  ? 17  G   A "C3'" 1 
ATOM   329  O  "O3'" . G   A 1 16 ? -21.291 -9.359  -7.639  1.00 109.33 ? 17  G   A "O3'" 1 
ATOM   330  C  "C2'" . G   A 1 16 ? -19.118 -8.992  -6.575  1.00 88.50  ? 17  G   A "C2'" 1 
ATOM   331  O  "O2'" . G   A 1 16 ? -19.106 -10.395 -6.329  1.00 94.77  ? 17  G   A "O2'" 1 
ATOM   332  C  "C1'" . G   A 1 16 ? -17.774 -8.622  -7.190  1.00 79.30  ? 17  G   A "C1'" 1 
ATOM   333  N  N9    . G   A 1 16 ? -17.375 -7.224  -6.944  1.00 67.92  ? 17  G   A N9    1 
ATOM   334  C  C8    . G   A 1 16 ? -16.973 -6.381  -7.948  1.00 65.08  ? 17  G   A C8    1 
ATOM   335  N  N7    . G   A 1 16 ? -16.630 -5.205  -7.525  1.00 66.66  ? 17  G   A N7    1 
ATOM   336  C  C5    . G   A 1 16 ? -16.814 -5.278  -6.152  1.00 64.57  ? 17  G   A C5    1 
ATOM   337  C  C6    . G   A 1 16 ? -16.591 -4.284  -5.170  1.00 61.74  ? 17  G   A C6    1 
ATOM   338  O  O6    . G   A 1 16 ? -16.193 -3.131  -5.335  1.00 62.94  ? 17  G   A O6    1 
ATOM   339  N  N1    . G   A 1 16 ? -16.883 -4.739  -3.895  1.00 57.47  ? 17  G   A N1    1 
ATOM   340  C  C2    . G   A 1 16 ? -17.333 -6.000  -3.613  1.00 59.64  ? 17  G   A C2    1 
ATOM   341  N  N2    . G   A 1 16 ? -17.556 -6.230  -2.312  1.00 59.56  ? 17  G   A N2    1 
ATOM   342  N  N3    . G   A 1 16 ? -17.543 -6.949  -4.518  1.00 58.63  ? 17  G   A N3    1 
ATOM   343  C  C4    . G   A 1 16 ? -17.269 -6.519  -5.765  1.00 61.46  ? 17  G   A C4    1 
ATOM   344  P  P     . C   A 1 17 ? -22.633 -8.705  -8.219  1.00 110.77 ? 18  C   A P     1 
ATOM   345  O  OP1   . C   A 1 17 ? -23.313 -9.779  -9.006  1.00 104.08 ? 18  C   A OP1   1 
ATOM   346  O  OP2   . C   A 1 17 ? -22.300 -7.382  -8.833  1.00 84.44  ? 18  C   A OP2   1 
ATOM   347  O  "O5'" . C   A 1 17 ? -23.478 -8.399  -6.909  1.00 101.33 ? 18  C   A "O5'" 1 
ATOM   348  C  "C5'" . C   A 1 17 ? -23.681 -7.058  -6.503  1.00 100.50 ? 18  C   A "C5'" 1 
ATOM   349  C  "C4'" . C   A 1 17 ? -23.254 -6.808  -5.078  1.00 94.37  ? 18  C   A "C4'" 1 
ATOM   350  O  "O4'" . C   A 1 17 ? -21.801 -6.743  -4.981  1.00 90.42  ? 18  C   A "O4'" 1 
ATOM   351  C  "C3'" . C   A 1 17 ? -23.727 -5.478  -4.525  1.00 89.45  ? 18  C   A "C3'" 1 
ATOM   352  O  "O3'" . C   A 1 17 ? -25.066 -5.548  -4.067  1.00 91.13  ? 18  C   A "O3'" 1 
ATOM   353  C  "C2'" . C   A 1 17 ? -22.694 -5.164  -3.448  1.00 82.16  ? 18  C   A "C2'" 1 
ATOM   354  O  "O2'" . C   A 1 17 ? -22.966 -5.883  -2.253  1.00 83.32  ? 18  C   A "O2'" 1 
ATOM   355  C  "C1'" . C   A 1 17 ? -21.417 -5.723  -4.079  1.00 76.43  ? 18  C   A "C1'" 1 
ATOM   356  N  N1    . C   A 1 17 ? -20.674 -4.702  -4.855  1.00 75.18  ? 18  C   A N1    1 
ATOM   357  C  C2    . C   A 1 17 ? -20.123 -3.549  -4.260  1.00 76.39  ? 18  C   A C2    1 
ATOM   358  O  O2    . C   A 1 17 ? -20.260 -3.358  -3.042  1.00 70.19  ? 18  C   A O2    1 
ATOM   359  N  N3    . C   A 1 17 ? -19.450 -2.657  -5.046  1.00 70.65  ? 18  C   A N3    1 
ATOM   360  C  C4    . C   A 1 17 ? -19.317 -2.893  -6.361  1.00 68.05  ? 18  C   A C4    1 
ATOM   361  N  N4    . C   A 1 17 ? -18.664 -2.010  -7.110  1.00 63.21  ? 18  C   A N4    1 
ATOM   362  C  C5    . C   A 1 17 ? -19.854 -4.059  -6.984  1.00 71.08  ? 18  C   A C5    1 
ATOM   363  C  C6    . C   A 1 17 ? -20.512 -4.921  -6.199  1.00 74.43  ? 18  C   A C6    1 
ATOM   364  P  P     . C   A 1 18 ? -26.131 -4.420  -4.486  1.00 87.39  ? 19  C   A P     1 
ATOM   365  O  OP1   . C   A 1 18 ? -27.476 -4.864  -4.041  1.00 89.76  ? 19  C   A OP1   1 
ATOM   366  O  OP2   . C   A 1 18 ? -25.926 -4.014  -5.901  1.00 79.40  ? 19  C   A OP2   1 
ATOM   367  O  "O5'" . C   A 1 18 ? -25.740 -3.224  -3.525  1.00 86.02  ? 19  C   A "O5'" 1 
ATOM   368  C  "C5'" . C   A 1 18 ? -25.517 -3.465  -2.145  1.00 87.89  ? 19  C   A "C5'" 1 
ATOM   369  C  "C4'" . C   A 1 18 ? -24.977 -2.228  -1.506  1.00 84.13  ? 19  C   A "C4'" 1 
ATOM   370  O  "O4'" . C   A 1 18 ? -23.554 -2.138  -1.774  1.00 83.00  ? 19  C   A "O4'" 1 
ATOM   371  C  "C3'" . C   A 1 18 ? -25.553 -0.953  -2.093  1.00 90.25  ? 19  C   A "C3'" 1 
ATOM   372  O  "O3'" . C   A 1 18 ? -26.805 -0.612  -1.521  1.00 97.40  ? 19  C   A "O3'" 1 
ATOM   373  C  "C2'" . C   A 1 18 ? -24.436 0.055   -1.866  1.00 94.47  ? 19  C   A "C2'" 1 
ATOM   374  O  "O2'" . C   A 1 18 ? -24.416 0.491   -0.512  1.00 98.11  ? 19  C   A "O2'" 1 
ATOM   375  C  "C1'" . C   A 1 18 ? -23.206 -0.814  -2.117  1.00 86.96  ? 19  C   A "C1'" 1 
ATOM   376  N  N1    . C   A 1 18 ? -22.781 -0.802  -3.542  1.00 82.80  ? 19  C   A N1    1 
ATOM   377  C  C2    . C   A 1 18 ? -21.946 0.213   -4.027  1.00 81.95  ? 19  C   A C2    1 
ATOM   378  O  O2    . C   A 1 18 ? -21.579 1.112   -3.257  1.00 80.81  ? 19  C   A O2    1 
ATOM   379  N  N3    . C   A 1 18 ? -21.566 0.194   -5.328  1.00 81.86  ? 19  C   A N3    1 
ATOM   380  C  C4    . C   A 1 18 ? -21.978 -0.789  -6.141  1.00 82.12  ? 19  C   A C4    1 
ATOM   381  N  N4    . C   A 1 18 ? -21.587 -0.787  -7.423  1.00 85.41  ? 19  C   A N4    1 
ATOM   382  C  C5    . C   A 1 18 ? -22.819 -1.837  -5.680  1.00 80.52  ? 19  C   A C5    1 
ATOM   383  C  C6    . C   A 1 18 ? -23.182 -1.796  -4.394  1.00 84.43  ? 19  C   A C6    1 
ATOM   384  P  P     . U   A 1 19 ? -27.659 0.617   -2.096  1.00 93.61  ? 20  U   A P     1 
ATOM   385  O  OP1   . U   A 1 19 ? -28.960 0.639   -1.384  1.00 92.41  ? 20  U   A OP1   1 
ATOM   386  O  OP2   . U   A 1 19 ? -27.627 0.588   -3.582  1.00 86.72  ? 20  U   A OP2   1 
ATOM   387  O  "O5'" . U   A 1 19 ? -26.857 1.876   -1.555  1.00 103.47 ? 20  U   A "O5'" 1 
ATOM   388  C  "C5'" . U   A 1 19 ? -27.161 3.176   -2.006  1.00 104.98 ? 20  U   A "C5'" 1 
ATOM   389  C  "C4'" . U   A 1 19 ? -25.989 3.790   -2.721  1.00 103.83 ? 20  U   A "C4'" 1 
ATOM   390  O  "O4'" . U   A 1 19 ? -25.101 2.756   -3.223  1.00 101.27 ? 20  U   A "O4'" 1 
ATOM   391  C  "C3'" . U   A 1 19 ? -26.329 4.594   -3.957  1.00 111.72 ? 20  U   A "C3'" 1 
ATOM   392  O  "O3'" . U   A 1 19 ? -26.860 5.884   -3.673  1.00 120.12 ? 20  U   A "O3'" 1 
ATOM   393  C  "C2'" . U   A 1 19 ? -25.001 4.616   -4.704  1.00 106.45 ? 20  U   A "C2'" 1 
ATOM   394  O  "O2'" . U   A 1 19 ? -24.122 5.584   -4.149  1.00 102.36 ? 20  U   A "O2'" 1 
ATOM   395  C  "C1'" . U   A 1 19 ? -24.443 3.226   -4.386  1.00 103.93 ? 20  U   A "C1'" 1 
ATOM   396  N  N1    . U   A 1 19 ? -24.607 2.267   -5.519  1.00 101.84 ? 20  U   A N1    1 
ATOM   397  C  C2    . U   A 1 19 ? -23.754 2.446   -6.605  1.00 94.81  ? 20  U   A C2    1 
ATOM   398  O  O2    . U   A 1 19 ? -22.905 3.322   -6.663  1.00 96.96  ? 20  U   A O2    1 
ATOM   399  N  N3    . U   A 1 19 ? -23.923 1.562   -7.641  1.00 93.14  ? 20  U   A N3    1 
ATOM   400  C  C4    . U   A 1 19 ? -24.827 0.527   -7.721  1.00 85.57  ? 20  U   A C4    1 
ATOM   401  O  O4    . U   A 1 19 ? -24.835 -0.172  -8.733  1.00 72.25  ? 20  U   A O4    1 
ATOM   402  C  C5    . U   A 1 19 ? -25.673 0.396   -6.570  1.00 88.92  ? 20  U   A C5    1 
ATOM   403  C  C6    . U   A 1 19 ? -25.538 1.244   -5.540  1.00 94.37  ? 20  U   A C6    1 
ATOM   404  P  P     . U   A 1 20 ? -28.456 6.141   -3.646  1.00 118.58 ? 21  U   A P     1 
ATOM   405  O  OP1   . U   A 1 20 ? -28.675 7.296   -2.743  1.00 114.57 ? 21  U   A OP1   1 
ATOM   406  O  OP2   . U   A 1 20 ? -29.204 4.885   -3.397  1.00 120.29 ? 21  U   A OP2   1 
ATOM   407  O  "O5'" . U   A 1 20 ? -28.833 6.591   -5.129  1.00 121.84 ? 21  U   A "O5'" 1 
ATOM   408  C  "C5'" . U   A 1 20 ? -28.302 5.950   -6.288  1.00 123.61 ? 21  U   A "C5'" 1 
ATOM   409  C  "C4'" . U   A 1 20 ? -27.819 6.995   -7.248  1.00 121.43 ? 21  U   A "C4'" 1 
ATOM   410  O  "O4'" . U   A 1 20 ? -28.502 8.227   -6.881  1.00 125.64 ? 21  U   A "O4'" 1 
ATOM   411  C  "C3'" . U   A 1 20 ? -26.329 7.330   -7.152  1.00 122.03 ? 21  U   A "C3'" 1 
ATOM   412  O  "O3'" . U   A 1 20 ? -25.509 6.574   -8.033  1.00 121.97 ? 21  U   A "O3'" 1 
ATOM   413  C  "C2'" . U   A 1 20 ? -26.297 8.824   -7.426  1.00 127.53 ? 21  U   A "C2'" 1 
ATOM   414  O  "O2'" . U   A 1 20 ? -26.429 9.063   -8.820  1.00 130.05 ? 21  U   A "O2'" 1 
ATOM   415  C  "C1'" . U   A 1 20 ? -27.580 9.276   -6.737  1.00 127.60 ? 21  U   A "C1'" 1 
ATOM   416  N  N1    . U   A 1 20 ? -27.392 9.509   -5.274  1.00 128.99 ? 21  U   A N1    1 
ATOM   417  C  C2    . U   A 1 20 ? -28.489 9.935   -4.537  1.00 127.06 ? 21  U   A C2    1 
ATOM   418  O  O2    . U   A 1 20 ? -29.589 10.108  -5.031  1.00 125.44 ? 21  U   A O2    1 
ATOM   419  N  N3    . U   A 1 20 ? -28.264 10.132  -3.189  1.00 123.29 ? 21  U   A N3    1 
ATOM   420  C  C4    . U   A 1 20 ? -27.077 9.968   -2.499  1.00 119.48 ? 21  U   A C4    1 
ATOM   421  O  O4    . U   A 1 20 ? -27.020 10.184  -1.287  1.00 108.61 ? 21  U   A O4    1 
ATOM   422  C  C5    . U   A 1 20 ? -25.987 9.538   -3.316  1.00 124.86 ? 21  U   A C5    1 
ATOM   423  C  C6    . U   A 1 20 ? -26.183 9.336   -4.625  1.00 126.90 ? 21  U   A C6    1 
ATOM   424  P  P     . C   A 1 21 ? -23.905 6.518   -7.840  1.00 129.63 ? 22  C   A P     1 
ATOM   425  O  OP1   . C   A 1 21 ? -23.376 5.510   -8.796  1.00 119.63 ? 22  C   A OP1   1 
ATOM   426  O  OP2   . C   A 1 21 ? -23.552 6.434   -6.406  1.00 120.36 ? 22  C   A OP2   1 
ATOM   427  O  "O5'" . C   A 1 21 ? -23.367 7.957   -8.270  1.00 127.32 ? 22  C   A "O5'" 1 
ATOM   428  C  "C5'" . C   A 1 21 ? -21.972 8.260   -8.172  1.00 126.49 ? 22  C   A "C5'" 1 
ATOM   429  C  "C4'" . C   A 1 21 ? -21.703 9.629   -7.586  1.00 123.52 ? 22  C   A "C4'" 1 
ATOM   430  O  "O4'" . C   A 1 21 ? -22.356 10.632  -8.409  1.00 122.41 ? 22  C   A "O4'" 1 
ATOM   431  C  "C3'" . C   A 1 21 ? -22.206 9.856   -6.157  1.00 122.68 ? 22  C   A "C3'" 1 
ATOM   432  O  "O3'" . C   A 1 21 ? -21.341 10.757  -5.463  1.00 122.44 ? 22  C   A "O3'" 1 
ATOM   433  C  "C2'" . C   A 1 21 ? -23.536 10.554  -6.381  1.00 122.37 ? 22  C   A "C2'" 1 
ATOM   434  O  "O2'" . C   A 1 21 ? -23.966 11.345  -5.295  1.00 125.00 ? 22  C   A "O2'" 1 
ATOM   435  C  "C1'" . C   A 1 21 ? -23.231 11.404  -7.608  1.00 122.20 ? 22  C   A "C1'" 1 
ATOM   436  N  N1    . C   A 1 21 ? -24.407 11.764  -8.414  1.00 122.66 ? 22  C   A N1    1 
ATOM   437  C  C2    . C   A 1 21 ? -25.346 12.658  -7.882  1.00 125.40 ? 22  C   A C2    1 
ATOM   438  O  O2    . C   A 1 21 ? -25.186 13.111  -6.733  1.00 122.97 ? 22  C   A O2    1 
ATOM   439  N  N3    . C   A 1 21 ? -26.424 12.996  -8.632  1.00 123.82 ? 22  C   A N3    1 
ATOM   440  C  C4    . C   A 1 21 ? -26.574 12.498  -9.861  1.00 117.23 ? 22  C   A C4    1 
ATOM   441  N  N4    . C   A 1 21 ? -27.651 12.867  -10.558 1.00 103.43 ? 22  C   A N4    1 
ATOM   442  C  C5    . C   A 1 21 ? -25.624 11.600  -10.428 1.00 118.79 ? 22  C   A C5    1 
ATOM   443  C  C6    . C   A 1 21 ? -24.563 11.266  -9.681  1.00 117.33 ? 22  C   A C6    1 
ATOM   444  P  P     . G   A 1 22 ? -21.122 10.590  -3.879  1.00 129.17 ? 23  G   A P     1 
ATOM   445  O  OP1   . G   A 1 22 ? -20.297 9.374   -3.697  1.00 118.37 ? 23  G   A OP1   1 
ATOM   446  O  OP2   . G   A 1 22 ? -22.458 10.653  -3.227  1.00 124.65 ? 23  G   A OP2   1 
ATOM   447  O  "O5'" . G   A 1 22 ? -20.278 11.866  -3.411  1.00 118.85 ? 23  G   A "O5'" 1 
ATOM   448  C  "C5'" . G   A 1 22 ? -19.426 12.604  -4.290  1.00 119.19 ? 23  G   A "C5'" 1 
ATOM   449  C  "C4'" . G   A 1 22 ? -18.390 11.741  -4.969  1.00 116.23 ? 23  G   A "C4'" 1 
ATOM   450  O  "O4'" . G   A 1 22 ? -18.944 11.302  -6.238  1.00 121.00 ? 23  G   A "O4'" 1 
ATOM   451  C  "C3'" . G   A 1 22 ? -17.077 12.449  -5.297  1.00 115.00 ? 23  G   A "C3'" 1 
ATOM   452  O  "O3'" . G   A 1 22 ? -15.926 11.595  -5.093  1.00 118.92 ? 23  G   A "O3'" 1 
ATOM   453  C  "C2'" . G   A 1 22 ? -17.258 12.879  -6.756  1.00 118.65 ? 23  G   A "C2'" 1 
ATOM   454  O  "O2'" . G   A 1 22 ? -16.056 12.996  -7.490  1.00 115.46 ? 23  G   A "O2'" 1 
ATOM   455  C  "C1'" . G   A 1 22 ? -18.162 11.777  -7.317  1.00 120.70 ? 23  G   A "C1'" 1 
ATOM   456  N  N9    . G   A 1 22 ? -19.076 12.204  -8.380  1.00 118.67 ? 23  G   A N9    1 
ATOM   457  C  C8    . G   A 1 22 ? -19.053 11.800  -9.694  1.00 118.29 ? 23  G   A C8    1 
ATOM   458  N  N7    . G   A 1 22 ? -19.997 12.338  -10.414 1.00 114.08 ? 23  G   A N7    1 
ATOM   459  C  C5    . G   A 1 22 ? -20.690 13.142  -9.520  1.00 115.55 ? 23  G   A C5    1 
ATOM   460  C  C6    . G   A 1 22 ? -21.820 13.976  -9.721  1.00 114.22 ? 23  G   A C6    1 
ATOM   461  O  O6    . G   A 1 22 ? -22.451 14.178  -10.764 1.00 109.58 ? 23  G   A O6    1 
ATOM   462  N  N1    . G   A 1 22 ? -22.207 14.614  -8.546  1.00 121.56 ? 23  G   A N1    1 
ATOM   463  C  C2    . G   A 1 22 ? -21.585 14.472  -7.328  1.00 122.11 ? 23  G   A C2    1 
ATOM   464  N  N2    . G   A 1 22 ? -22.113 15.174  -6.313  1.00 118.91 ? 23  G   A N2    1 
ATOM   465  N  N3    . G   A 1 22 ? -20.526 13.700  -7.127  1.00 119.87 ? 23  G   A N3    1 
ATOM   466  C  C4    . G   A 1 22 ? -20.136 13.070  -8.257  1.00 117.15 ? 23  G   A C4    1 
ATOM   467  P  P     . G   A 1 23 ? -15.617 10.228  -5.913  1.00 124.09 ? 24  G   A P     1 
ATOM   468  O  OP1   . G   A 1 23 ? -14.676 10.568  -7.006  1.00 106.19 ? 24  G   A OP1   1 
ATOM   469  O  OP2   . G   A 1 23 ? -16.822 9.419   -6.217  1.00 119.61 ? 24  G   A OP2   1 
ATOM   470  O  "O5'" . G   A 1 23 ? -14.841 9.329   -4.853  1.00 114.73 ? 24  G   A "O5'" 1 
ATOM   471  C  "C5'" . G   A 1 23 ? -14.752 9.732   -3.496  1.00 110.52 ? 24  G   A "C5'" 1 
ATOM   472  C  "C4'" . G   A 1 23 ? -15.827 9.115   -2.628  1.00 104.00 ? 24  G   A "C4'" 1 
ATOM   473  O  "O4'" . G   A 1 23 ? -17.092 9.012   -3.334  1.00 109.77 ? 24  G   A "O4'" 1 
ATOM   474  C  "C3'" . G   A 1 23 ? -15.594 7.701   -2.137  1.00 100.08 ? 24  G   A "C3'" 1 
ATOM   475  O  "O3'" . G   A 1 23 ? -14.625 7.618   -1.111  1.00 102.86 ? 24  G   A "O3'" 1 
ATOM   476  C  "C2'" . G   A 1 23 ? -16.995 7.295   -1.693  1.00 105.35 ? 24  G   A "C2'" 1 
ATOM   477  O  "O2'" . G   A 1 23 ? -17.327 7.897   -0.446  1.00 102.60 ? 24  G   A "O2'" 1 
ATOM   478  C  "C1'" . G   A 1 23 ? -17.852 7.956   -2.771  1.00 108.85 ? 24  G   A "C1'" 1 
ATOM   479  N  N9    . G   A 1 23 ? -18.272 7.002   -3.818  1.00 99.35  ? 24  G   A N9    1 
ATOM   480  C  C8    . G   A 1 23 ? -18.007 7.034   -5.160  1.00 100.95 ? 24  G   A C8    1 
ATOM   481  N  N7    . G   A 1 23 ? -18.534 6.030   -5.808  1.00 106.08 ? 24  G   A N7    1 
ATOM   482  C  C5    . G   A 1 23 ? -19.192 5.283   -4.838  1.00 97.59  ? 24  G   A C5    1 
ATOM   483  C  C6    . G   A 1 23 ? -19.945 4.075   -4.940  1.00 93.90  ? 24  G   A C6    1 
ATOM   484  O  O6    . G   A 1 23 ? -20.195 3.390   -5.943  1.00 92.82  ? 24  G   A O6    1 
ATOM   485  N  N1    . G   A 1 23 ? -20.430 3.676   -3.697  1.00 92.47  ? 24  G   A N1    1 
ATOM   486  C  C2    . G   A 1 23 ? -20.218 4.343   -2.513  1.00 90.41  ? 24  G   A C2    1 
ATOM   487  N  N2    . G   A 1 23 ? -20.764 3.804   -1.415  1.00 86.94  ? 24  G   A N2    1 
ATOM   488  N  N3    . G   A 1 23 ? -19.521 5.460   -2.412  1.00 92.14  ? 24  G   A N3    1 
ATOM   489  C  C4    . G   A 1 23 ? -19.038 5.876   -3.603  1.00 94.06  ? 24  G   A C4    1 
ATOM   490  P  P     . G   A 1 24 ? -13.690 6.317   -0.996  1.00 104.83 ? 25  G   A P     1 
ATOM   491  O  OP1   . G   A 1 24 ? -12.575 6.608   -0.050  1.00 95.17  ? 25  G   A OP1   1 
ATOM   492  O  OP2   . G   A 1 24 ? -13.391 5.863   -2.377  1.00 96.74  ? 25  G   A OP2   1 
ATOM   493  O  "O5'" . G   A 1 24 ? -14.647 5.220   -0.351  1.00 92.00  ? 25  G   A "O5'" 1 
ATOM   494  C  "C5'" . G   A 1 24 ? -15.439 5.518   0.785   1.00 84.25  ? 25  G   A "C5'" 1 
ATOM   495  C  "C4'" . G   A 1 24 ? -16.449 4.432   1.047   1.00 84.99  ? 25  G   A "C4'" 1 
ATOM   496  O  "O4'" . G   A 1 24 ? -17.404 4.343   -0.035  1.00 89.16  ? 25  G   A "O4'" 1 
ATOM   497  C  "C3'" . G   A 1 24 ? -15.889 3.031   1.146   1.00 80.03  ? 25  G   A "C3'" 1 
ATOM   498  O  "O3'" . G   A 1 24 ? -15.298 2.796   2.407   1.00 79.60  ? 25  G   A "O3'" 1 
ATOM   499  C  "C2'" . G   A 1 24 ? -17.109 2.157   0.863   1.00 75.93  ? 25  G   A "C2'" 1 
ATOM   500  O  "O2'" . G   A 1 24 ? -17.898 1.996   2.031   1.00 68.09  ? 25  G   A "O2'" 1 
ATOM   501  C  "C1'" . G   A 1 24 ? -17.890 3.019   -0.128  1.00 80.22  ? 25  G   A "C1'" 1 
ATOM   502  N  N9    . G   A 1 24 ? -17.759 2.552   -1.515  1.00 80.22  ? 25  G   A N9    1 
ATOM   503  C  C8    . G   A 1 24 ? -17.162 3.215   -2.559  1.00 84.96  ? 25  G   A C8    1 
ATOM   504  N  N7    . G   A 1 24 ? -17.219 2.543   -3.682  1.00 83.50  ? 25  G   A N7    1 
ATOM   505  C  C5    . G   A 1 24 ? -17.897 1.372   -3.357  1.00 75.72  ? 25  G   A C5    1 
ATOM   506  C  C6    . G   A 1 24 ? -18.258 0.262   -4.164  1.00 72.55  ? 25  G   A C6    1 
ATOM   507  O  O6    . G   A 1 24 ? -18.045 0.084   -5.366  1.00 72.38  ? 25  G   A O6    1 
ATOM   508  N  N1    . G   A 1 24 ? -18.939 -0.708  -3.435  1.00 71.44  ? 25  G   A N1    1 
ATOM   509  C  C2    . G   A 1 24 ? -19.231 -0.618  -2.099  1.00 67.50  ? 25  G   A C2    1 
ATOM   510  N  N2    . G   A 1 24 ? -19.887 -1.657  -1.578  1.00 69.82  ? 25  G   A N2    1 
ATOM   511  N  N3    . G   A 1 24 ? -18.907 0.408   -1.329  1.00 73.00  ? 25  G   A N3    1 
ATOM   512  C  C4    . G   A 1 24 ? -18.244 1.365   -2.020  1.00 79.51  ? 25  G   A C4    1 
ATOM   513  P  P     . C   A 1 25 ? -13.914 2.005   2.487   1.00 69.31  ? 26  C   A P     1 
ATOM   514  O  OP1   . C   A 1 25 ? -13.139 2.412   3.689   1.00 70.85  ? 26  C   A OP1   1 
ATOM   515  O  OP2   . C   A 1 25 ? -13.307 2.146   1.138   1.00 68.71  ? 26  C   A OP2   1 
ATOM   516  O  "O5'" . C   A 1 25 ? -14.382 0.495   2.661   1.00 68.45  ? 26  C   A "O5'" 1 
ATOM   517  C  "C5'" . C   A 1 25 ? -15.544 0.176   3.402   1.00 56.95  ? 26  C   A "C5'" 1 
ATOM   518  C  "C4'" . C   A 1 25 ? -16.157 -1.133  2.958   1.00 59.84  ? 26  C   A "C4'" 1 
ATOM   519  O  "O4'" . C   A 1 25 ? -16.977 -0.959  1.779   1.00 65.43  ? 26  C   A "O4'" 1 
ATOM   520  C  "C3'" . C   A 1 25 ? -15.216 -2.243  2.551   1.00 52.02  ? 26  C   A "C3'" 1 
ATOM   521  O  "O3'" . C   A 1 25 ? -14.584 -2.864  3.641   1.00 51.18  ? 26  C   A "O3'" 1 
ATOM   522  C  "C2'" . C   A 1 25 ? -16.144 -3.174  1.796   1.00 56.28  ? 26  C   A "C2'" 1 
ATOM   523  O  "O2'" . C   A 1 25 ? -16.977 -3.873  2.708   1.00 65.22  ? 26  C   A "O2'" 1 
ATOM   524  C  "C1'" . C   A 1 25 ? -17.020 -2.175  1.058   1.00 54.68  ? 26  C   A "C1'" 1 
ATOM   525  N  N1    . C   A 1 25 ? -16.535 -1.949  -0.308  1.00 53.61  ? 26  C   A N1    1 
ATOM   526  C  C2    . C   A 1 25 ? -16.855 -2.893  -1.274  1.00 58.66  ? 26  C   A C2    1 
ATOM   527  O  O2    . C   A 1 25 ? -17.524 -3.880  -0.952  1.00 63.87  ? 26  C   A O2    1 
ATOM   528  N  N3    . C   A 1 25 ? -16.429 -2.717  -2.538  1.00 59.43  ? 26  C   A N3    1 
ATOM   529  C  C4    . C   A 1 25 ? -15.714 -1.636  -2.833  1.00 59.12  ? 26  C   A C4    1 
ATOM   530  N  N4    . C   A 1 25 ? -15.307 -1.487  -4.093  1.00 60.61  ? 26  C   A N4    1 
ATOM   531  C  C5    . C   A 1 25 ? -15.375 -0.655  -1.859  1.00 64.30  ? 26  C   A C5    1 
ATOM   532  C  C6    . C   A 1 25 ? -15.800 -0.849  -0.610  1.00 61.64  ? 26  C   A C6    1 
ATOM   533  P  P     . G   A 1 26 ? -13.189 -3.594  3.393   1.00 49.75  ? 27  G   A P     1 
ATOM   534  O  OP1   . G   A 1 26 ? -12.669 -4.047  4.709   1.00 64.26  ? 27  G   A OP1   1 
ATOM   535  O  OP2   . G   A 1 26 ? -12.359 -2.692  2.557   1.00 55.11  ? 27  G   A OP2   1 
ATOM   536  O  "O5'" . G   A 1 26 ? -13.564 -4.839  2.474   1.00 47.93  ? 27  G   A "O5'" 1 
ATOM   537  C  "C5'" . G   A 1 26 ? -14.093 -6.022  3.038   1.00 47.34  ? 27  G   A "C5'" 1 
ATOM   538  C  "C4'" . G   A 1 26 ? -14.533 -6.995  1.979   1.00 46.90  ? 27  G   A "C4'" 1 
ATOM   539  O  "O4'" . G   A 1 26 ? -15.252 -6.321  0.918   1.00 43.33  ? 27  G   A "O4'" 1 
ATOM   540  C  "C3'" . G   A 1 26 ? -13.437 -7.739  1.250   1.00 45.05  ? 27  G   A "C3'" 1 
ATOM   541  O  "O3'" . G   A 1 26 ? -12.915 -8.805  2.020   1.00 47.46  ? 27  G   A "O3'" 1 
ATOM   542  C  "C2'" . G   A 1 26 ? -14.154 -8.214  -0.006  1.00 39.44  ? 27  G   A "C2'" 1 
ATOM   543  O  "O2'" . G   A 1 26 ? -14.924 -9.359  0.280   1.00 47.40  ? 27  G   A "O2'" 1 
ATOM   544  C  "C1'" . G   A 1 26 ? -15.101 -7.048  -0.284  1.00 45.67  ? 27  G   A "C1'" 1 
ATOM   545  N  N9    . G   A 1 26 ? -14.554 -6.166  -1.327  1.00 55.44  ? 27  G   A N9    1 
ATOM   546  C  C8    . G   A 1 26 ? -14.114 -4.875  -1.186  1.00 48.52  ? 27  G   A C8    1 
ATOM   547  N  N7    . G   A 1 26 ? -13.670 -4.387  -2.304  1.00 46.31  ? 27  G   A N7    1 
ATOM   548  C  C5    . G   A 1 26 ? -13.807 -5.407  -3.233  1.00 46.78  ? 27  G   A C5    1 
ATOM   549  C  C6    . G   A 1 26 ? -13.488 -5.456  -4.615  1.00 48.01  ? 27  G   A C6    1 
ATOM   550  O  O6    . G   A 1 26 ? -12.999 -4.595  -5.342  1.00 52.25  ? 27  G   A O6    1 
ATOM   551  N  N1    . G   A 1 26 ? -13.785 -6.677  -5.180  1.00 47.80  ? 27  G   A N1    1 
ATOM   552  C  C2    . G   A 1 26 ? -14.320 -7.724  -4.497  1.00 49.41  ? 27  G   A C2    1 
ATOM   553  N  N2    . G   A 1 26 ? -14.520 -8.801  -5.255  1.00 56.57  ? 27  G   A N2    1 
ATOM   554  N  N3    . G   A 1 26 ? -14.640 -7.715  -3.208  1.00 46.59  ? 27  G   A N3    1 
ATOM   555  C  C4    . G   A 1 26 ? -14.350 -6.523  -2.642  1.00 51.96  ? 27  G   A C4    1 
ATOM   556  P  P     . C   A 1 27 ? -11.343 -9.146  2.020   1.00 44.64  ? 28  C   A P     1 
ATOM   557  O  OP1   . C   A 1 27 ? -11.109 -10.098 3.147   1.00 39.13  ? 28  C   A OP1   1 
ATOM   558  O  OP2   . C   A 1 27 ? -10.591 -7.869  1.903   1.00 47.96  ? 28  C   A OP2   1 
ATOM   559  O  "O5'" . C   A 1 27 ? -11.122 -9.939  0.667   1.00 37.46  ? 28  C   A "O5'" 1 
ATOM   560  C  "C5'" . C   A 1 27 ? -12.071 -10.899 0.261   1.00 37.71  ? 28  C   A "C5'" 1 
ATOM   561  C  "C4'" . C   A 1 27 ? -11.905 -11.226 -1.181  1.00 40.25  ? 28  C   A "C4'" 1 
ATOM   562  O  "O4'" . C   A 1 27 ? -12.382 -10.138 -1.999  1.00 41.53  ? 28  C   A "O4'" 1 
ATOM   563  C  "C3'" . C   A 1 27 ? -10.475 -11.420 -1.617  1.00 45.89  ? 28  C   A "C3'" 1 
ATOM   564  O  "O3'" . C   A 1 27 ? -10.013 -12.714 -1.255  1.00 45.61  ? 28  C   A "O3'" 1 
ATOM   565  C  "C2'" . C   A 1 27 ? -10.541 -11.147 -3.124  1.00 43.36  ? 28  C   A "C2'" 1 
ATOM   566  O  "O2'" . C   A 1 27 ? -10.906 -12.316 -3.837  1.00 45.52  ? 28  C   A "O2'" 1 
ATOM   567  C  "C1'" . C   A 1 27 ? -11.692 -10.126 -3.219  1.00 37.40  ? 28  C   A "C1'" 1 
ATOM   568  N  N1    . C   A 1 27 ? -11.241 -8.742  -3.468  1.00 45.18  ? 28  C   A N1    1 
ATOM   569  C  C2    . C   A 1 27 ? -10.887 -8.391  -4.781  1.00 51.63  ? 28  C   A C2    1 
ATOM   570  O  O2    . C   A 1 27 ? -10.966 -9.268  -5.664  1.00 57.06  ? 28  C   A O2    1 
ATOM   571  N  N3    . C   A 1 27 ? -10.459 -7.122  -5.041  1.00 46.38  ? 28  C   A N3    1 
ATOM   572  C  C4    . C   A 1 27 ? -10.398 -6.227  -4.041  1.00 44.55  ? 28  C   A C4    1 
ATOM   573  N  N4    . C   A 1 27 ? -9.984  -4.999  -4.346  1.00 38.87  ? 28  C   A N4    1 
ATOM   574  C  C5    . C   A 1 27 ? -10.763 -6.552  -2.691  1.00 37.75  ? 28  C   A C5    1 
ATOM   575  C  C6    . C   A 1 27 ? -11.177 -7.811  -2.453  1.00 44.71  ? 28  C   A C6    1 
ATOM   576  P  P     . C   A 1 28 ? -8.457  -12.987 -0.956  1.00 44.02  ? 29  C   A P     1 
ATOM   577  O  OP1   . C   A 1 28 ? -7.827  -11.864 -0.228  1.00 26.86  ? 29  C   A OP1   1 
ATOM   578  O  OP2   . C   A 1 28 ? -7.941  -13.434 -2.270  1.00 48.33  ? 29  C   A OP2   1 
ATOM   579  O  "O5'" . C   A 1 28 ? -8.454  -14.253 0.015   1.00 34.15  ? 29  C   A "O5'" 1 
ATOM   580  C  "C5'" . C   A 1 28 ? -9.359  -14.328 1.097   1.00 30.31  ? 29  C   A "C5'" 1 
ATOM   581  C  "C4'" . C   A 1 28 ? -9.193  -15.619 1.846   1.00 34.29  ? 29  C   A "C4'" 1 
ATOM   582  O  "O4'" . C   A 1 28 ? -9.429  -16.765 0.967   1.00 43.14  ? 29  C   A "O4'" 1 
ATOM   583  C  "C3'" . C   A 1 28 ? -7.817  -15.877 2.425   1.00 32.23  ? 29  C   A "C3'" 1 
ATOM   584  O  "O3'" . C   A 1 28 ? -7.597  -15.137 3.615   1.00 34.51  ? 29  C   A "O3'" 1 
ATOM   585  C  "C2'" . C   A 1 28 ? -7.823  -17.406 2.593   1.00 38.54  ? 29  C   A "C2'" 1 
ATOM   586  O  "O2'" . C   A 1 28 ? -8.598  -17.824 3.710   1.00 36.33  ? 29  C   A "O2'" 1 
ATOM   587  C  "C1'" . C   A 1 28 ? -8.579  -17.841 1.333   1.00 36.87  ? 29  C   A "C1'" 1 
ATOM   588  N  N1    . C   A 1 28 ? -7.637  -18.085 0.222   1.00 29.49  ? 29  C   A N1    1 
ATOM   589  C  C2    . C   A 1 28 ? -6.708  -19.126 0.303   1.00 30.00  ? 29  C   A C2    1 
ATOM   590  O  O2    . C   A 1 28 ? -6.692  -19.881 1.289   1.00 30.54  ? 29  C   A O2    1 
ATOM   591  N  N3    . C   A 1 28 ? -5.845  -19.297 -0.717  1.00 32.98  ? 29  C   A N3    1 
ATOM   592  C  C4    . C   A 1 28 ? -5.879  -18.464 -1.762  1.00 35.50  ? 29  C   A C4    1 
ATOM   593  N  N4    . C   A 1 28 ? -5.009  -18.647 -2.754  1.00 44.87  ? 29  C   A N4    1 
ATOM   594  C  C5    . C   A 1 28 ? -6.802  -17.394 -1.863  1.00 33.46  ? 29  C   A C5    1 
ATOM   595  C  C6    . C   A 1 28 ? -7.656  -17.245 -0.848  1.00 32.53  ? 29  C   A C6    1 
ATOM   596  P  P     . A   A 1 29 ? -6.143  -14.517 3.946   1.00 40.63  ? 30  A   A P     1 
ATOM   597  O  OP1   . A   A 1 29 ? -6.156  -13.864 5.281   1.00 26.44  ? 30  A   A OP1   1 
ATOM   598  O  OP2   . A   A 1 29 ? -5.579  -13.791 2.777   1.00 36.77  ? 30  A   A OP2   1 
ATOM   599  O  "O5'" . A   A 1 29 ? -5.289  -15.826 4.148   1.00 39.00  ? 30  A   A "O5'" 1 
ATOM   600  C  "C5'" . A   A 1 29 ? -5.589  -16.678 5.235   1.00 33.08  ? 30  A   A "C5'" 1 
ATOM   601  C  "C4'" . A   A 1 29 ? -4.584  -17.778 5.279   1.00 32.90  ? 30  A   A "C4'" 1 
ATOM   602  O  "O4'" . A   A 1 29 ? -4.831  -18.717 4.203   1.00 39.39  ? 30  A   A "O4'" 1 
ATOM   603  C  "C3'" . A   A 1 29 ? -3.151  -17.345 5.052   1.00 28.07  ? 30  A   A "C3'" 1 
ATOM   604  O  "O3'" . A   A 1 29 ? -2.573  -16.802 6.219   1.00 38.90  ? 30  A   A "O3'" 1 
ATOM   605  C  "C2'" . A   A 1 29 ? -2.525  -18.641 4.632   1.00 28.99  ? 30  A   A "C2'" 1 
ATOM   606  O  "O2'" . A   A 1 29 ? -2.455  -19.468 5.781   1.00 32.80  ? 30  A   A "O2'" 1 
ATOM   607  C  "C1'" . A   A 1 29 ? -3.600  -19.171 3.694   1.00 31.60  ? 30  A   A "C1'" 1 
ATOM   608  N  N9    . A   A 1 29 ? -3.447  -18.578 2.352   1.00 35.40  ? 30  A   A N9    1 
ATOM   609  C  C8    . A   A 1 29 ? -4.159  -17.516 1.843   1.00 35.68  ? 30  A   A C8    1 
ATOM   610  N  N7    . A   A 1 29 ? -3.810  -17.166 0.630   1.00 33.49  ? 30  A   A N7    1 
ATOM   611  C  C5    . A   A 1 29 ? -2.802  -18.060 0.325   1.00 35.89  ? 30  A   A C5    1 
ATOM   612  C  C6    . A   A 1 29 ? -2.026  -18.185 -0.832  1.00 38.51  ? 30  A   A C6    1 
ATOM   613  N  N6    . A   A 1 29 ? -2.188  -17.385 -1.902  1.00 34.94  ? 30  A   A N6    1 
ATOM   614  N  N1    . A   A 1 29 ? -1.096  -19.168 -0.825  1.00 35.72  ? 30  A   A N1    1 
ATOM   615  C  C2    . A   A 1 29 ? -0.975  -19.937 0.271   1.00 31.69  ? 30  A   A C2    1 
ATOM   616  N  N3    . A   A 1 29 ? -1.634  -19.913 1.423   1.00 29.12  ? 30  A   A N3    1 
ATOM   617  C  C4    . A   A 1 29 ? -2.555  -18.938 1.373   1.00 34.12  ? 30  A   A C4    1 
ATOM   618  P  P     . A   A 1 30 ? -1.245  -15.913 6.149   1.00 28.97  ? 31  A   A P     1 
ATOM   619  O  OP1   . A   A 1 30 ? -0.755  -15.818 7.549   1.00 29.66  ? 31  A   A OP1   1 
ATOM   620  O  OP2   . A   A 1 30 ? -1.499  -14.628 5.421   1.00 31.31  ? 31  A   A OP2   1 
ATOM   621  O  "O5'" . A   A 1 30 ? -0.262  -16.823 5.315   1.00 22.55  ? 31  A   A "O5'" 1 
ATOM   622  C  "C5'" . A   A 1 30 ? 0.485   -17.853 5.929   1.00 27.11  ? 31  A   A "C5'" 1 
ATOM   623  C  "C4'" . A   A 1 30 ? 1.647   -18.213 5.052   1.00 24.28  ? 31  A   A "C4'" 1 
ATOM   624  O  "O4'" . A   A 1 30 ? 1.162   -18.604 3.748   1.00 28.61  ? 31  A   A "O4'" 1 
ATOM   625  C  "C3'" . A   A 1 30 ? 2.567   -17.054 4.767   1.00 26.37  ? 31  A   A "C3'" 1 
ATOM   626  O  "O3'" . A   A 1 30 ? 3.488   -16.883 5.814   1.00 25.62  ? 31  A   A "O3'" 1 
ATOM   627  C  "C2'" . A   A 1 30 ? 3.185   -17.433 3.430   1.00 26.96  ? 31  A   A "C2'" 1 
ATOM   628  O  "O2'" . A   A 1 30 ? 4.207   -18.403 3.596   1.00 26.47  ? 31  A   A "O2'" 1 
ATOM   629  C  "C1'" . A   A 1 30 ? 2.001   -18.086 2.740   1.00 26.64  ? 31  A   A "C1'" 1 
ATOM   630  N  N9    . A   A 1 30 ? 1.207   -17.112 1.991   1.00 26.81  ? 31  A   A N9    1 
ATOM   631  C  C8    . A   A 1 30 ? 0.014   -16.602 2.423   1.00 31.66  ? 31  A   A C8    1 
ATOM   632  N  N7    . A   A 1 30 ? -0.524  -15.750 1.593   1.00 37.08  ? 31  A   A N7    1 
ATOM   633  C  C5    . A   A 1 30 ? 0.369   -15.723 0.523   1.00 33.37  ? 31  A   A C5    1 
ATOM   634  C  C6    . A   A 1 30 ? 0.348   -15.007 -0.691  1.00 31.54  ? 31  A   A C6    1 
ATOM   635  N  N6    . A   A 1 30 ? -0.629  -14.147 -1.015  1.00 26.27  ? 31  A   A N6    1 
ATOM   636  N  N1    . A   A 1 30 ? 1.390   -15.188 -1.536  1.00 26.68  ? 31  A   A N1    1 
ATOM   637  C  C2    . A   A 1 30 ? 2.358   -16.033 -1.153  1.00 28.87  ? 31  A   A C2    1 
ATOM   638  N  N3    . A   A 1 30 ? 2.480   -16.770 -0.042  1.00 27.23  ? 31  A   A N3    1 
ATOM   639  C  C4    . A   A 1 30 ? 1.438   -16.570 0.761   1.00 25.81  ? 31  A   A C4    1 
ATOM   640  P  P     . U   A 1 31 ? 4.222   -15.486 6.042   1.00 29.23  ? 32  U   A P     1 
ATOM   641  O  OP1   . U   A 1 31 ? 5.430   -15.905 6.802   1.00 30.94  ? 32  U   A OP1   1 
ATOM   642  O  OP2   . U   A 1 31 ? 3.309   -14.441 6.591   1.00 35.66  ? 32  U   A OP2   1 
ATOM   643  O  "O5'" . U   A 1 31 ? 4.668   -15.023 4.591   1.00 23.03  ? 32  U   A "O5'" 1 
ATOM   644  C  "C5'" . U   A 1 31 ? 5.960   -15.347 4.129   1.00 28.89  ? 32  U   A "C5'" 1 
ATOM   645  C  "C4'" . U   A 1 31 ? 6.290   -14.585 2.885   1.00 30.21  ? 32  U   A "C4'" 1 
ATOM   646  O  "O4'" . U   A 1 31 ? 5.305   -14.866 1.861   1.00 28.74  ? 32  U   A "O4'" 1 
ATOM   647  C  "C3'" . U   A 1 31 ? 6.256   -13.077 3.009   1.00 31.34  ? 32  U   A "C3'" 1 
ATOM   648  O  "O3'" . U   A 1 31 ? 7.417   -12.562 3.637   1.00 29.19  ? 32  U   A "O3'" 1 
ATOM   649  C  "C2'" . U   A 1 31 ? 6.089   -12.658 1.554   1.00 31.96  ? 32  U   A "C2'" 1 
ATOM   650  O  "O2'" . U   A 1 31 ? 7.311   -12.815 0.858   1.00 44.98  ? 32  U   A "O2'" 1 
ATOM   651  C  "C1'" . U   A 1 31 ? 5.138   -13.739 1.039   1.00 27.52  ? 32  U   A "C1'" 1 
ATOM   652  N  N1    . U   A 1 31 ? 3.733   -13.296 1.101   1.00 28.36  ? 32  U   A N1    1 
ATOM   653  C  C2    . U   A 1 31 ? 3.241   -12.715 -0.046  1.00 26.75  ? 32  U   A C2    1 
ATOM   654  O  O2    . U   A 1 31 ? 3.898   -12.573 -1.050  1.00 26.52  ? 32  U   A O2    1 
ATOM   655  N  N3    . U   A 1 31 ? 1.950   -12.267 0.024   1.00 33.01  ? 32  U   A N3    1 
ATOM   656  C  C4    . U   A 1 31 ? 1.106   -12.357 1.115   1.00 35.18  ? 32  U   A C4    1 
ATOM   657  O  O4    . U   A 1 31 ? -0.047  -11.907 1.016   1.00 34.31  ? 32  U   A O4    1 
ATOM   658  C  C5    . U   A 1 31 ? 1.698   -12.984 2.269   1.00 32.28  ? 32  U   A C5    1 
ATOM   659  C  C6    . U   A 1 31 ? 2.965   -13.411 2.239   1.00 27.31  ? 32  U   A C6    1 
ATOM   660  P  P     . C   A 1 32 ? 7.329   -11.598 4.917   1.00 36.69  ? 33  C   A P     1 
ATOM   661  O  OP1   . C   A 1 32 ? 8.629   -11.717 5.640   1.00 38.65  ? 33  C   A OP1   1 
ATOM   662  O  OP2   . C   A 1 32 ? 6.070   -11.847 5.657   1.00 44.91  ? 33  C   A OP2   1 
ATOM   663  O  "O5'" . C   A 1 32 ? 7.280   -10.128 4.309   1.00 35.83  ? 33  C   A "O5'" 1 
ATOM   664  C  "C5'" . C   A 1 32 ? 6.053   -9.465  4.062   1.00 32.98  ? 33  C   A "C5'" 1 
ATOM   665  C  "C4'" . C   A 1 32 ? 6.091   -8.057  4.596   1.00 41.00  ? 33  C   A "C4'" 1 
ATOM   666  O  "O4'" . C   A 1 32 ? 7.038   -7.242  3.840   1.00 41.59  ? 33  C   A "O4'" 1 
ATOM   667  C  "C3'" . C   A 1 32 ? 4.782   -7.289  4.517   1.00 40.28  ? 33  C   A "C3'" 1 
ATOM   668  O  "O3'" . C   A 1 32 ? 3.947   -7.572  5.609   1.00 43.81  ? 33  C   A "O3'" 1 
ATOM   669  C  "C2'" . C   A 1 32 ? 5.238   -5.838  4.513   1.00 38.05  ? 33  C   A "C2'" 1 
ATOM   670  O  "O2'" . C   A 1 32 ? 5.521   -5.408  5.831   1.00 39.20  ? 33  C   A "O2'" 1 
ATOM   671  C  "C1'" . C   A 1 32 ? 6.535   -5.927  3.695   1.00 39.15  ? 33  C   A "C1'" 1 
ATOM   672  N  N1    . C   A 1 32 ? 6.238   -5.711  2.262   1.00 37.22  ? 33  C   A N1    1 
ATOM   673  C  C2    . C   A 1 32 ? 5.807   -4.449  1.853   1.00 38.98  ? 33  C   A C2    1 
ATOM   674  O  O2    . C   A 1 32 ? 5.744   -3.533  2.688   1.00 40.61  ? 33  C   A O2    1 
ATOM   675  N  N3    . C   A 1 32 ? 5.492   -4.245  0.557   1.00 36.41  ? 33  C   A N3    1 
ATOM   676  C  C4    . C   A 1 32 ? 5.570   -5.259  -0.288  1.00 30.98  ? 33  C   A C4    1 
ATOM   677  N  N4    . C   A 1 32 ? 5.242   -5.027  -1.549  1.00 32.91  ? 33  C   A N4    1 
ATOM   678  C  C5    . C   A 1 32 ? 5.973   -6.551  0.113   1.00 30.72  ? 33  C   A C5    1 
ATOM   679  C  C6    . C   A 1 32 ? 6.294   -6.745  1.383   1.00 30.40  ? 33  C   A C6    1 
ATOM   680  P  P     . G   A 1 33 ? 2.536   -8.286  5.400   1.00 36.94  ? 34  G   A P     1 
ATOM   681  O  OP1   . G   A 1 33 ? 1.930   -8.256  6.771   1.00 30.62  ? 34  G   A OP1   1 
ATOM   682  O  OP2   . G   A 1 33 ? 2.774   -9.534  4.651   1.00 34.96  ? 34  G   A OP2   1 
ATOM   683  O  "O5'" . G   A 1 33 ? 1.690   -7.260  4.524   1.00 36.37  ? 34  G   A "O5'" 1 
ATOM   684  C  "C5'" . G   A 1 33 ? 1.495   -5.938  4.999   1.00 33.92  ? 34  G   A "C5'" 1 
ATOM   685  C  "C4'" . G   A 1 33 ? 1.271   -4.983  3.864   1.00 35.59  ? 34  G   A "C4'" 1 
ATOM   686  O  "O4'" . G   A 1 33 ? 2.427   -4.926  2.976   1.00 40.10  ? 34  G   A "O4'" 1 
ATOM   687  C  "C3'" . G   A 1 33 ? 0.138   -5.373  2.953   1.00 37.32  ? 34  G   A "C3'" 1 
ATOM   688  O  "O3'" . G   A 1 33 ? -1.105  -5.028  3.515   1.00 29.29  ? 34  G   A "O3'" 1 
ATOM   689  C  "C2'" . G   A 1 33 ? 0.474   -4.621  1.671   1.00 38.60  ? 34  G   A "C2'" 1 
ATOM   690  O  "O2'" . G   A 1 33 ? 0.123   -3.251  1.801   1.00 35.91  ? 34  G   A "O2'" 1 
ATOM   691  C  "C1'" . G   A 1 33 ? 1.995   -4.742  1.642   1.00 32.16  ? 34  G   A "C1'" 1 
ATOM   692  N  N9    . G   A 1 33 ? 2.425   -5.905  0.853   1.00 35.54  ? 34  G   A N9    1 
ATOM   693  C  C8    . G   A 1 33 ? 2.794   -7.138  1.344   1.00 39.54  ? 34  G   A C8    1 
ATOM   694  N  N7    . G   A 1 33 ? 3.122   -7.993  0.408   1.00 37.97  ? 34  G   A N7    1 
ATOM   695  C  C5    . G   A 1 33 ? 2.954   -7.286  -0.782  1.00 39.21  ? 34  G   A C5    1 
ATOM   696  C  C6    . G   A 1 33 ? 3.157   -7.693  -2.136  1.00 37.14  ? 34  G   A C6    1 
ATOM   697  O  O6    . G   A 1 33 ? 3.549   -8.797  -2.565  1.00 30.88  ? 34  G   A O6    1 
ATOM   698  N  N1    . G   A 1 33 ? 2.864   -6.652  -3.020  1.00 34.66  ? 34  G   A N1    1 
ATOM   699  C  C2    . G   A 1 33 ? 2.440   -5.397  -2.654  1.00 33.28  ? 34  G   A C2    1 
ATOM   700  N  N2    . G   A 1 33 ? 2.204   -4.531  -3.647  1.00 34.46  ? 34  G   A N2    1 
ATOM   701  N  N3    . G   A 1 33 ? 2.243   -5.015  -1.403  1.00 33.85  ? 34  G   A N3    1 
ATOM   702  C  C4    . G   A 1 33 ? 2.521   -5.994  -0.520  1.00 38.21  ? 34  G   A C4    1 
ATOM   703  P  P     . U   A 1 34 ? -2.352  -6.001  3.311   1.00 33.12  ? 35  U   A P     1 
ATOM   704  O  OP1   . U   A 1 34 ? -3.520  -5.340  3.952   1.00 30.83  ? 35  U   A OP1   1 
ATOM   705  O  OP2   . U   A 1 34 ? -2.000  -7.388  3.708   1.00 40.77  ? 35  U   A OP2   1 
ATOM   706  O  "O5'" . U   A 1 34 ? -2.550  -5.951  1.738   1.00 29.78  ? 35  U   A "O5'" 1 
ATOM   707  C  "C5'" . U   A 1 34 ? -2.930  -4.731  1.148   1.00 28.40  ? 35  U   A "C5'" 1 
ATOM   708  C  "C4'" . U   A 1 34 ? -2.867  -4.806  -0.333  1.00 26.80  ? 35  U   A "C4'" 1 
ATOM   709  O  "O4'" . U   A 1 34 ? -1.554  -5.227  -0.749  1.00 37.64  ? 35  U   A "O4'" 1 
ATOM   710  C  "C3'" . U   A 1 34 ? -3.769  -5.817  -0.975  1.00 30.31  ? 35  U   A "C3'" 1 
ATOM   711  O  "O3'" . U   A 1 34 ? -5.105  -5.388  -1.008  1.00 37.67  ? 35  U   A "O3'" 1 
ATOM   712  C  "C2'" . U   A 1 34 ? -3.152  -5.958  -2.346  1.00 36.20  ? 35  U   A "C2'" 1 
ATOM   713  O  "O2'" . U   A 1 34 ? -3.545  -4.841  -3.130  1.00 36.62  ? 35  U   A "O2'" 1 
ATOM   714  C  "C1'" . U   A 1 34 ? -1.650  -5.848  -2.009  1.00 38.89  ? 35  U   A "C1'" 1 
ATOM   715  N  N1    . U   A 1 34 ? -0.959  -7.165  -1.949  1.00 36.83  ? 35  U   A N1    1 
ATOM   716  C  C2    . U   A 1 34 ? -0.720  -7.816  -3.130  1.00 37.45  ? 35  U   A C2    1 
ATOM   717  O  O2    . U   A 1 34 ? -1.061  -7.365  -4.202  1.00 40.09  ? 35  U   A O2    1 
ATOM   718  N  N3    . U   A 1 34 ? -0.094  -9.034  -3.010  1.00 41.35  ? 35  U   A N3    1 
ATOM   719  C  C4    . U   A 1 34 ? 0.345   -9.674  -1.865  1.00 37.55  ? 35  U   A C4    1 
ATOM   720  O  O4    . U   A 1 34 ? 0.900   -10.786 -1.942  1.00 33.23  ? 35  U   A O4    1 
ATOM   721  C  C5    . U   A 1 34 ? 0.089   -8.925  -0.684  1.00 33.00  ? 35  U   A C5    1 
ATOM   722  C  C6    . U   A 1 34 ? -0.537  -7.738  -0.772  1.00 38.11  ? 35  U   A C6    1 
ATOM   723  P  P     . A   A 1 35 ? -6.254  -6.396  -0.529  1.00 36.99  ? 36  A   A P     1 
ATOM   724  O  OP1   . A   A 1 35 ? -7.576  -5.737  -0.736  1.00 34.67  ? 36  A   A OP1   1 
ATOM   725  O  OP2   . A   A 1 35 ? -5.876  -6.863  0.830   1.00 32.37  ? 36  A   A OP2   1 
ATOM   726  O  "O5'" . A   A 1 35 ? -6.087  -7.604  -1.546  1.00 28.80  ? 36  A   A "O5'" 1 
ATOM   727  C  "C5'" . A   A 1 35 ? -7.041  -8.635  -1.618  1.00 36.53  ? 36  A   A "C5'" 1 
ATOM   728  C  "C4'" . A   A 1 35 ? -7.033  -9.268  -2.982  1.00 42.14  ? 36  A   A "C4'" 1 
ATOM   729  O  "O4'" . A   A 1 35 ? -7.849  -8.485  -3.878  1.00 40.88  ? 36  A   A "O4'" 1 
ATOM   730  C  "C3'" . A   A 1 35 ? -5.685  -9.342  -3.676  1.00 38.99  ? 36  A   A "C3'" 1 
ATOM   731  O  "O3'" . A   A 1 35 ? -4.917  -10.452 -3.231  1.00 40.37  ? 36  A   A "O3'" 1 
ATOM   732  C  "C2'" . A   A 1 35 ? -6.079  -9.422  -5.144  1.00 42.41  ? 36  A   A "C2'" 1 
ATOM   733  O  "O2'" . A   A 1 35 ? -6.486  -10.745 -5.468  1.00 51.12  ? 36  A   A "O2'" 1 
ATOM   734  C  "C1'" . A   A 1 35 ? -7.330  -8.543  -5.179  1.00 43.62  ? 36  A   A "C1'" 1 
ATOM   735  N  N9    . A   A 1 35 ? -7.064  -7.168  -5.617  1.00 42.67  ? 36  A   A N9    1 
ATOM   736  C  C8    . A   A 1 35 ? -7.070  -6.052  -4.826  1.00 45.79  ? 36  A   A C8    1 
ATOM   737  N  N7    . A   A 1 35 ? -6.806  -4.943  -5.477  1.00 50.06  ? 36  A   A N7    1 
ATOM   738  C  C5    . A   A 1 35 ? -6.638  -5.367  -6.788  1.00 45.12  ? 36  A   A C5    1 
ATOM   739  C  C6    . A   A 1 35 ? -6.342  -4.663  -7.964  1.00 49.95  ? 36  A   A C6    1 
ATOM   740  N  N6    . A   A 1 35 ? -6.168  -3.337  -8.000  1.00 50.50  ? 36  A   A N6    1 
ATOM   741  N  N1    . A   A 1 35 ? -6.230  -5.382  -9.105  1.00 52.97  ? 36  A   A N1    1 
ATOM   742  C  C2    . A   A 1 35 ? -6.417  -6.713  -9.047  1.00 53.46  ? 36  A   A C2    1 
ATOM   743  N  N3    . A   A 1 35 ? -6.709  -7.487  -7.998  1.00 49.76  ? 36  A   A N3    1 
ATOM   744  C  C4    . A   A 1 35 ? -6.806  -6.736  -6.890  1.00 43.78  ? 36  A   A C4    1 
ATOM   745  P  P     . G   A 1 36 ? -3.342  -10.317 -2.922  1.00 35.07  ? 37  G   A P     1 
ATOM   746  O  OP1   . G   A 1 36 ? -2.875  -11.580 -2.297  1.00 35.01  ? 37  G   A OP1   1 
ATOM   747  O  OP2   . G   A 1 36 ? -3.129  -9.064  -2.172  1.00 40.95  ? 37  G   A OP2   1 
ATOM   748  O  "O5'" . G   A 1 36 ? -2.659  -10.143 -4.349  1.00 36.58  ? 37  G   A "O5'" 1 
ATOM   749  C  "C5'" . G   A 1 36 ? -2.829  -11.119 -5.364  1.00 39.18  ? 37  G   A "C5'" 1 
ATOM   750  C  "C4'" . G   A 1 36 ? -2.501  -10.569 -6.732  1.00 42.16  ? 37  G   A "C4'" 1 
ATOM   751  O  "O4'" . G   A 1 36 ? -3.483  -9.567  -7.108  1.00 43.85  ? 37  G   A "O4'" 1 
ATOM   752  C  "C3'" . G   A 1 36 ? -1.159  -9.859  -6.858  1.00 37.20  ? 37  G   A "C3'" 1 
ATOM   753  O  "O3'" . G   A 1 36 ? -0.081  -10.764 -7.051  1.00 37.78  ? 37  G   A "O3'" 1 
ATOM   754  C  "C2'" . G   A 1 36 ? -1.382  -8.901  -8.029  1.00 40.52  ? 37  G   A "C2'" 1 
ATOM   755  O  "O2'" . G   A 1 36 ? -1.128  -9.507  -9.295  1.00 31.55  ? 37  G   A "O2'" 1 
ATOM   756  C  "C1'" . G   A 1 36 ? -2.877  -8.566  -7.894  1.00 40.94  ? 37  G   A "C1'" 1 
ATOM   757  N  N9    . G   A 1 36 ? -3.080  -7.258  -7.245  1.00 39.60  ? 37  G   A N9    1 
ATOM   758  C  C8    . G   A 1 36 ? -3.285  -6.960  -5.921  1.00 39.87  ? 37  G   A C8    1 
ATOM   759  N  N7    . G   A 1 36 ? -3.403  -5.676  -5.705  1.00 39.23  ? 37  G   A N7    1 
ATOM   760  C  C5    . G   A 1 36 ? -3.263  -5.099  -6.959  1.00 42.33  ? 37  G   A C5    1 
ATOM   761  C  C6    . G   A 1 36 ? -3.293  -3.743  -7.376  1.00 44.54  ? 37  G   A C6    1 
ATOM   762  O  O6    . G   A 1 36 ? -3.458  -2.735  -6.686  1.00 44.79  ? 37  G   A O6    1 
ATOM   763  N  N1    . G   A 1 36 ? -3.105  -3.614  -8.749  1.00 46.54  ? 37  G   A N1    1 
ATOM   764  C  C2    . G   A 1 36 ? -2.901  -4.670  -9.610  1.00 50.07  ? 37  G   A C2    1 
ATOM   765  N  N2    . G   A 1 36 ? -2.727  -4.385  -10.910 1.00 54.53  ? 37  G   A N2    1 
ATOM   766  N  N3    . G   A 1 36 ? -2.872  -5.931  -9.235  1.00 47.73  ? 37  G   A N3    1 
ATOM   767  C  C4    . G   A 1 36 ? -3.058  -6.066  -7.911  1.00 42.76  ? 37  G   A C4    1 
ATOM   768  P  P     . C   A 1 37 ? 1.408   -10.407 -6.552  1.00 37.24  ? 38  C   A P     1 
ATOM   769  O  OP1   . C   A 1 37 ? 2.183   -11.646 -6.691  1.00 43.99  ? 38  C   A OP1   1 
ATOM   770  O  OP2   . C   A 1 37 ? 1.427   -9.720  -5.241  1.00 38.45  ? 38  C   A OP2   1 
ATOM   771  O  "O5'" . C   A 1 37 ? 1.944   -9.364  -7.625  1.00 41.41  ? 38  C   A "O5'" 1 
ATOM   772  C  "C5'" . C   A 1 37 ? 2.315   -9.786  -8.933  1.00 40.74  ? 38  C   A "C5'" 1 
ATOM   773  C  "C4'" . C   A 1 37 ? 2.506   -8.612  -9.856  1.00 33.35  ? 38  C   A "C4'" 1 
ATOM   774  O  "O4'" . C   A 1 37 ? 1.262   -7.875  -9.966  1.00 42.76  ? 38  C   A "O4'" 1 
ATOM   775  C  "C3'" . C   A 1 37 ? 3.495   -7.570  -9.380  1.00 40.81  ? 38  C   A "C3'" 1 
ATOM   776  O  "O3'" . C   A 1 37 ? 4.844   -7.942  -9.581  1.00 41.43  ? 38  C   A "O3'" 1 
ATOM   777  C  "C2'" . C   A 1 37 ? 3.046   -6.316  -10.125 1.00 40.41  ? 38  C   A "C2'" 1 
ATOM   778  O  "O2'" . C   A 1 37 ? 3.469   -6.329  -11.480 1.00 43.07  ? 38  C   A "O2'" 1 
ATOM   779  C  "C1'" . C   A 1 37 ? 1.528   -6.492  -10.098 1.00 45.10  ? 38  C   A "C1'" 1 
ATOM   780  N  N1    . C   A 1 37 ? 0.929   -5.745  -8.963  1.00 45.43  ? 38  C   A N1    1 
ATOM   781  C  C2    . C   A 1 37 ? 0.686   -4.388  -9.196  1.00 43.54  ? 38  C   A C2    1 
ATOM   782  O  O2    . C   A 1 37 ? 0.943   -3.927  -10.326 1.00 39.26  ? 38  C   A O2    1 
ATOM   783  N  N3    . C   A 1 37 ? 0.177   -3.633  -8.191  1.00 45.45  ? 38  C   A N3    1 
ATOM   784  C  C4    . C   A 1 37 ? -0.080  -4.180  -6.998  1.00 43.17  ? 38  C   A C4    1 
ATOM   785  N  N4    . C   A 1 37 ? -0.583  -3.381  -6.058  1.00 41.59  ? 38  C   A N4    1 
ATOM   786  C  C5    . C   A 1 37 ? 0.159   -5.563  -6.729  1.00 39.84  ? 38  C   A C5    1 
ATOM   787  C  C6    . C   A 1 37 ? 0.670   -6.296  -7.729  1.00 39.49  ? 38  C   A C6    1 
ATOM   788  P  P     . G   A 1 38 ? 5.934   -7.523  -8.483  1.00 48.18  ? 39  G   A P     1 
ATOM   789  O  OP1   . G   A 1 38 ? 7.254   -8.145  -8.824  1.00 30.28  ? 39  G   A OP1   1 
ATOM   790  O  OP2   . G   A 1 38 ? 5.293   -7.735  -7.156  1.00 38.39  ? 39  G   A OP2   1 
ATOM   791  O  "O5'" . G   A 1 38 ? 6.079   -5.951  -8.693  1.00 39.74  ? 39  G   A "O5'" 1 
ATOM   792  C  "C5'" . G   A 1 38 ? 6.499   -5.432  -9.941  1.00 30.51  ? 39  G   A "C5'" 1 
ATOM   793  C  "C4'" . G   A 1 38 ? 6.371   -3.936  -9.971  1.00 38.84  ? 39  G   A "C4'" 1 
ATOM   794  O  "O4'" . G   A 1 38 ? 4.977   -3.538  -9.859  1.00 47.45  ? 39  G   A "O4'" 1 
ATOM   795  C  "C3'" . G   A 1 38 ? 7.034   -3.205  -8.828  1.00 40.01  ? 39  G   A "C3'" 1 
ATOM   796  O  "O3'" . G   A 1 38 ? 8.433   -3.118  -8.975  1.00 41.90  ? 39  G   A "O3'" 1 
ATOM   797  C  "C2'" . G   A 1 38 ? 6.329   -1.860  -8.866  1.00 43.10  ? 39  G   A "C2'" 1 
ATOM   798  O  "O2'" . G   A 1 38 ? 6.829   -1.084  -9.940  1.00 42.07  ? 39  G   A "O2'" 1 
ATOM   799  C  "C1'" . G   A 1 38 ? 4.899   -2.283  -9.209  1.00 40.92  ? 39  G   A "C1'" 1 
ATOM   800  N  N9    . G   A 1 38 ? 4.042   -2.371  -8.002  1.00 39.24  ? 39  G   A N9    1 
ATOM   801  C  C8    . G   A 1 38 ? 3.565   -3.488  -7.349  1.00 44.88  ? 39  G   A C8    1 
ATOM   802  N  N7    . G   A 1 38 ? 2.831   -3.211  -6.297  1.00 43.83  ? 39  G   A N7    1 
ATOM   803  C  C5    . G   A 1 38 ? 2.824   -1.827  -6.245  1.00 40.23  ? 39  G   A C5    1 
ATOM   804  C  C6    . G   A 1 38 ? 2.201   -0.950  -5.332  1.00 37.84  ? 39  G   A C6    1 
ATOM   805  O  O6    . G   A 1 38 ? 1.517   -1.237  -4.355  1.00 39.38  ? 39  G   A O6    1 
ATOM   806  N  N1    . G   A 1 38 ? 2.424   0.381   -5.633  1.00 38.35  ? 39  G   A N1    1 
ATOM   807  C  C2    . G   A 1 38 ? 3.173   0.819   -6.688  1.00 39.28  ? 39  G   A C2    1 
ATOM   808  N  N2    . G   A 1 38 ? 3.291   2.142   -6.830  1.00 36.28  ? 39  G   A N2    1 
ATOM   809  N  N3    . G   A 1 38 ? 3.773   0.017   -7.542  1.00 43.36  ? 39  G   A N3    1 
ATOM   810  C  C4    . G   A 1 38 ? 3.558   -1.293  -7.277  1.00 40.81  ? 39  G   A C4    1 
ATOM   811  P  P     . U   A 1 39 ? 9.387   -3.151  -7.685  1.00 41.14  ? 40  U   A P     1 
ATOM   812  O  OP1   . U   A 1 39 ? 10.786  -3.276  -8.163  1.00 37.99  ? 40  U   A OP1   1 
ATOM   813  O  OP2   . U   A 1 39 ? 8.849   -4.104  -6.675  1.00 38.14  ? 40  U   A OP2   1 
ATOM   814  O  "O5'" . U   A 1 39 ? 9.266   -1.674  -7.129  1.00 40.15  ? 40  U   A "O5'" 1 
ATOM   815  C  "C5'" . U   A 1 39 ? 9.425   -0.580  -8.013  1.00 41.83  ? 40  U   A "C5'" 1 
ATOM   816  C  "C4'" . U   A 1 39 ? 8.889   0.684   -7.403  1.00 43.00  ? 40  U   A "C4'" 1 
ATOM   817  O  "O4'" . U   A 1 39 ? 7.464   0.577   -7.160  1.00 43.58  ? 40  U   A "O4'" 1 
ATOM   818  C  "C3'" . U   A 1 39 ? 9.476   1.044   -6.058  1.00 38.30  ? 40  U   A "C3'" 1 
ATOM   819  O  "O3'" . U   A 1 39 ? 10.711  1.702   -6.236  1.00 42.17  ? 40  U   A "O3'" 1 
ATOM   820  C  "C2'" . U   A 1 39 ? 8.417   1.951   -5.472  1.00 40.48  ? 40  U   A "C2'" 1 
ATOM   821  O  "O2'" . U   A 1 39 ? 8.573   3.239   -6.056  1.00 42.29  ? 40  U   A "O2'" 1 
ATOM   822  C  "C1'" . U   A 1 39 ? 7.122   1.315   -6.012  1.00 41.10  ? 40  U   A "C1'" 1 
ATOM   823  N  N1    . U   A 1 39 ? 6.402   0.404   -5.070  1.00 37.33  ? 40  U   A N1    1 
ATOM   824  C  C2    . U   A 1 39 ? 5.568   0.887   -4.075  1.00 36.13  ? 40  U   A C2    1 
ATOM   825  O  O2    . U   A 1 39 ? 5.397   2.068   -3.871  1.00 38.11  ? 40  U   A O2    1 
ATOM   826  N  N3    . U   A 1 39 ? 4.940   -0.059  -3.295  1.00 39.66  ? 40  U   A N3    1 
ATOM   827  C  C4    . U   A 1 39 ? 5.013   -1.448  -3.413  1.00 44.18  ? 40  U   A C4    1 
ATOM   828  O  O4    . U   A 1 39 ? 4.384   -2.210  -2.651  1.00 37.08  ? 40  U   A O4    1 
ATOM   829  C  C5    . U   A 1 39 ? 5.873   -1.865  -4.472  1.00 40.82  ? 40  U   A C5    1 
ATOM   830  C  C6    . U   A 1 39 ? 6.500   -0.956  -5.235  1.00 39.37  ? 40  U   A C6    1 
ATOM   831  P  P     . G   A 1 40 ? 11.870  1.640   -5.136  1.00 42.76  ? 41  G   A P     1 
ATOM   832  O  OP1   . G   A 1 40 ? 12.938  2.561   -5.632  1.00 43.49  ? 41  G   A OP1   1 
ATOM   833  O  OP2   . G   A 1 40 ? 12.211  0.238   -4.778  1.00 34.93  ? 41  G   A OP2   1 
ATOM   834  O  "O5'" . G   A 1 40 ? 11.231  2.332   -3.857  1.00 37.43  ? 41  G   A "O5'" 1 
ATOM   835  C  "C5'" . G   A 1 40 ? 12.077  2.712   -2.784  1.00 40.31  ? 41  G   A "C5'" 1 
ATOM   836  C  "C4'" . G   A 1 40 ? 11.292  3.149   -1.587  1.00 40.83  ? 41  G   A "C4'" 1 
ATOM   837  O  "O4'" . G   A 1 40 ? 10.483  2.031   -1.126  1.00 45.46  ? 41  G   A "O4'" 1 
ATOM   838  C  "C3'" . G   A 1 40 ? 12.138  3.604   -0.399  1.00 39.16  ? 41  G   A "C3'" 1 
ATOM   839  O  "O3'" . G   A 1 40 ? 11.556  4.757   0.188   1.00 35.40  ? 41  G   A "O3'" 1 
ATOM   840  C  "C2'" . G   A 1 40 ? 12.058  2.423   0.575   1.00 49.79  ? 41  G   A "C2'" 1 
ATOM   841  O  "O2'" . G   A 1 40 ? 12.143  2.800   1.938   1.00 51.39  ? 41  G   A "O2'" 1 
ATOM   842  C  "C1'" . G   A 1 40 ? 10.688  1.823   0.255   1.00 43.29  ? 41  G   A "C1'" 1 
ATOM   843  N  N9    . G   A 1 40 ? 10.581  0.385   0.519   1.00 38.42  ? 41  G   A N9    1 
ATOM   844  C  C8    . G   A 1 40 ? 11.360  -0.607  -0.028  1.00 44.33  ? 41  G   A C8    1 
ATOM   845  N  N7    . G   A 1 40 ? 11.040  -1.817  0.367   1.00 39.12  ? 41  G   A N7    1 
ATOM   846  C  C5    . G   A 1 40 ? 9.986   -1.594  1.239   1.00 41.24  ? 41  G   A C5    1 
ATOM   847  C  C6    . G   A 1 40 ? 9.234   -2.522  1.985   1.00 38.72  ? 41  G   A C6    1 
ATOM   848  O  O6    . G   A 1 40 ? 9.364   -3.750  2.016   1.00 42.21  ? 41  G   A O6    1 
ATOM   849  N  N1    . G   A 1 40 ? 8.257   -1.899  2.744   1.00 37.91  ? 41  G   A N1    1 
ATOM   850  C  C2    . G   A 1 40 ? 8.037   -0.549  2.783   1.00 35.85  ? 41  G   A C2    1 
ATOM   851  N  N2    . G   A 1 40 ? 7.044   -0.147  3.587   1.00 32.79  ? 41  G   A N2    1 
ATOM   852  N  N3    . G   A 1 40 ? 8.729   0.329   2.090   1.00 34.77  ? 41  G   A N3    1 
ATOM   853  C  C4    . G   A 1 40 ? 9.682   -0.253  1.343   1.00 36.87  ? 41  G   A C4    1 
ATOM   854  P  P     . U   A 1 41 ? 12.148  6.210   -0.143  1.00 39.58  ? 42  U   A P     1 
ATOM   855  O  OP1   . U   A 1 41 ? 12.277  6.331   -1.619  1.00 39.77  ? 42  U   A OP1   1 
ATOM   856  O  OP2   . U   A 1 41 ? 13.336  6.442   0.705   1.00 30.95  ? 42  U   A OP2   1 
ATOM   857  O  "O5'" . U   A 1 41 ? 10.960  7.197   0.262   1.00 35.60  ? 42  U   A "O5'" 1 
ATOM   858  C  "C5'" . U   A 1 41 ? 9.867   7.408   -0.632  1.00 37.35  ? 42  U   A "C5'" 1 
ATOM   859  C  "C4'" . U   A 1 41 ? 8.743   8.177   0.008   1.00 44.33  ? 42  U   A "C4'" 1 
ATOM   860  O  "O4'" . U   A 1 41 ? 7.804   7.242   0.611   1.00 49.21  ? 42  U   A "O4'" 1 
ATOM   861  C  "C3'" . U   A 1 41 ? 9.157   9.139   1.122   1.00 42.63  ? 42  U   A "C3'" 1 
ATOM   862  O  "O3'" . U   A 1 41 ? 8.238   10.236  1.150   1.00 45.47  ? 42  U   A "O3'" 1 
ATOM   863  C  "C2'" . U   A 1 41 ? 8.970   8.277   2.366   1.00 43.76  ? 42  U   A "C2'" 1 
ATOM   864  O  "O2'" . U   A 1 41 ? 8.850   8.980   3.579   1.00 38.34  ? 42  U   A "O2'" 1 
ATOM   865  C  "C1'" . U   A 1 41 ? 7.706   7.496   2.003   1.00 45.37  ? 42  U   A "C1'" 1 
ATOM   866  N  N1    . U   A 1 41 ? 7.587   6.202   2.677   1.00 39.24  ? 42  U   A N1    1 
ATOM   867  C  C2    . U   A 1 41 ? 6.768   6.113   3.778   1.00 41.10  ? 42  U   A C2    1 
ATOM   868  O  O2    . U   A 1 41 ? 6.144   7.059   4.221   1.00 44.87  ? 42  U   A O2    1 
ATOM   869  N  N3    . U   A 1 41 ? 6.706   4.867   4.350   1.00 38.78  ? 42  U   A N3    1 
ATOM   870  C  C4    . U   A 1 41 ? 7.367   3.735   3.923   1.00 40.85  ? 42  U   A C4    1 
ATOM   871  O  O4    . U   A 1 41 ? 7.209   2.688   4.538   1.00 42.26  ? 42  U   A O4    1 
ATOM   872  C  C5    . U   A 1 41 ? 8.199   3.905   2.772   1.00 41.28  ? 42  U   A C5    1 
ATOM   873  C  C6    . U   A 1 41 ? 8.277   5.112   2.205   1.00 42.57  ? 42  U   A C6    1 
ATOM   874  P  P     . C   A 1 42 ? 8.643   11.679  0.547   1.00 61.49  ? 43  C   A P     1 
ATOM   875  O  OP1   . C   A 1 42 ? 8.599   11.621  -0.944  1.00 51.49  ? 43  C   A OP1   1 
ATOM   876  O  OP2   . C   A 1 42 ? 9.898   12.124  1.210   1.00 51.11  ? 43  C   A OP2   1 
ATOM   877  O  "O5'" . C   A 1 42 ? 7.492   12.649  1.085   1.00 49.84  ? 43  C   A "O5'" 1 
ATOM   878  C  "C5'" . C   A 1 42 ? 7.830   13.918  1.632   1.00 60.25  ? 43  C   A "C5'" 1 
ATOM   879  C  "C4'" . C   A 1 42 ? 6.808   14.448  2.620   1.00 60.41  ? 43  C   A "C4'" 1 
ATOM   880  O  "O4'" . C   A 1 42 ? 5.578   13.666  2.582   1.00 55.78  ? 43  C   A "O4'" 1 
ATOM   881  C  "C3'" . C   A 1 42 ? 7.196   14.401  4.087   1.00 56.48  ? 43  C   A "C3'" 1 
ATOM   882  O  "O3'" . C   A 1 42 ? 8.162   15.353  4.482   1.00 45.61  ? 43  C   A "O3'" 1 
ATOM   883  C  "C2'" . C   A 1 42 ? 5.848   14.546  4.778   1.00 52.88  ? 43  C   A "C2'" 1 
ATOM   884  O  "O2'" . C   A 1 42 ? 5.385   15.888  4.735   1.00 48.95  ? 43  C   A "O2'" 1 
ATOM   885  C  "C1'" . C   A 1 42 ? 4.968   13.689  3.865   1.00 50.52  ? 43  C   A "C1'" 1 
ATOM   886  N  N1    . C   A 1 42 ? 4.900   12.312  4.379   1.00 54.14  ? 43  C   A N1    1 
ATOM   887  C  C2    . C   A 1 42 ? 4.144   12.089  5.528   1.00 52.28  ? 43  C   A C2    1 
ATOM   888  O  O2    . C   A 1 42 ? 3.557   13.063  6.043   1.00 49.82  ? 43  C   A O2    1 
ATOM   889  N  N3    . C   A 1 42 ? 4.083   10.822  6.025   1.00 45.57  ? 43  C   A N3    1 
ATOM   890  C  C4    . C   A 1 42 ? 4.748   9.824   5.428   1.00 44.69  ? 43  C   A C4    1 
ATOM   891  N  N4    . C   A 1 42 ? 4.671   8.594   5.948   1.00 46.77  ? 43  C   A N4    1 
ATOM   892  C  C5    . C   A 1 42 ? 5.524   10.039  4.260   1.00 45.52  ? 43  C   A C5    1 
ATOM   893  C  C6    . C   A 1 42 ? 5.584   11.288  3.780   1.00 53.85  ? 43  C   A C6    1 
ATOM   894  P  P     . G   A 1 43 ? 9.479   14.843  5.261   1.00 68.66  ? 44  G   A P     1 
ATOM   895  O  OP1   . G   A 1 43 ? 10.148  16.029  5.870   1.00 69.05  ? 44  G   A OP1   1 
ATOM   896  O  OP2   . G   A 1 43 ? 10.234  13.970  4.312   1.00 62.25  ? 44  G   A OP2   1 
ATOM   897  O  "O5'" . G   A 1 43 ? 8.925   13.895  6.430   1.00 48.85  ? 44  G   A "O5'" 1 
ATOM   898  C  "C5'" . G   A 1 43 ? 8.044   14.398  7.421   1.00 49.65  ? 44  G   A "C5'" 1 
ATOM   899  C  "C4'" . G   A 1 43 ? 7.438   13.322  8.297   1.00 47.23  ? 44  G   A "C4'" 1 
ATOM   900  O  "O4'" . G   A 1 43 ? 6.807   12.258  7.536   1.00 47.76  ? 44  G   A "O4'" 1 
ATOM   901  C  "C3'" . G   A 1 43 ? 8.368   12.568  9.217   1.00 42.65  ? 44  G   A "C3'" 1 
ATOM   902  O  "O3'" . G   A 1 43 ? 8.818   13.353  10.294  1.00 34.45  ? 44  G   A "O3'" 1 
ATOM   903  C  "C2'" . G   A 1 43 ? 7.494   11.398  9.649   1.00 45.48  ? 44  G   A "C2'" 1 
ATOM   904  O  "O2'" . G   A 1 43 ? 6.568   11.839  10.627  1.00 44.23  ? 44  G   A "O2'" 1 
ATOM   905  C  "C1'" . G   A 1 43 ? 6.724   11.100  8.359   1.00 44.44  ? 44  G   A "C1'" 1 
ATOM   906  N  N9    . G   A 1 43 ? 7.259   9.908   7.675   1.00 41.62  ? 44  G   A N9    1 
ATOM   907  C  C8    . G   A 1 43 ? 7.931   9.815   6.481   1.00 49.88  ? 44  G   A C8    1 
ATOM   908  N  N7    . G   A 1 43 ? 8.282   8.592   6.153   1.00 42.86  ? 44  G   A N7    1 
ATOM   909  C  C5    . G   A 1 43 ? 7.815   7.820   7.200   1.00 41.54  ? 44  G   A C5    1 
ATOM   910  C  C6    . G   A 1 43 ? 7.901   6.416   7.405   1.00 44.51  ? 44  G   A C6    1 
ATOM   911  O  O6    . G   A 1 43 ? 8.419   5.546   6.683   1.00 48.48  ? 44  G   A O6    1 
ATOM   912  N  N1    . G   A 1 43 ? 7.289   6.038   8.590   1.00 42.18  ? 44  G   A N1    1 
ATOM   913  C  C2    . G   A 1 43 ? 6.675   6.892   9.464   1.00 40.72  ? 44  G   A C2    1 
ATOM   914  N  N2    . G   A 1 43 ? 6.157   6.301   10.550  1.00 36.15  ? 44  G   A N2    1 
ATOM   915  N  N3    . G   A 1 43 ? 6.596   8.210   9.295   1.00 46.37  ? 44  G   A N3    1 
ATOM   916  C  C4    . G   A 1 43 ? 7.182   8.611   8.144   1.00 44.25  ? 44  G   A C4    1 
ATOM   917  P  P     . G   A 1 44 ? 10.089  12.875  11.149  1.00 49.07  ? 45  G   A P     1 
ATOM   918  O  OP1   . G   A 1 44 ? 10.337  13.961  12.161  1.00 31.16  ? 45  G   A OP1   1 
ATOM   919  O  OP2   . G   A 1 44 ? 11.158  12.385  10.245  1.00 40.81  ? 45  G   A OP2   1 
ATOM   920  O  "O5'" . G   A 1 44 ? 9.611   11.532  11.844  1.00 33.85  ? 45  G   A "O5'" 1 
ATOM   921  C  "C5'" . G   A 1 44 ? 8.754   11.553  12.966  1.00 30.58  ? 45  G   A "C5'" 1 
ATOM   922  C  "C4'" . G   A 1 44 ? 8.659   10.172  13.539  1.00 39.55  ? 45  G   A "C4'" 1 
ATOM   923  O  "O4'" . G   A 1 44 ? 8.132   9.259   12.539  1.00 33.34  ? 45  G   A "O4'" 1 
ATOM   924  C  "C3'" . G   A 1 44 ? 9.986   9.561   13.940  1.00 36.73  ? 45  G   A "C3'" 1 
ATOM   925  O  "O3'" . G   A 1 44 ? 10.361  9.953   15.240  1.00 31.80  ? 45  G   A "O3'" 1 
ATOM   926  C  "C2'" . G   A 1 44 ? 9.715   8.076   13.844  1.00 32.84  ? 45  G   A "C2'" 1 
ATOM   927  O  "O2'" . G   A 1 44 ? 9.018   7.668   15.000  1.00 30.45  ? 45  G   A "O2'" 1 
ATOM   928  C  "C1'" . G   A 1 44 ? 8.766   8.010   12.649  1.00 35.82  ? 45  G   A "C1'" 1 
ATOM   929  N  N9    . G   A 1 44 ? 9.459   7.771   11.370  1.00 41.91  ? 45  G   A N9    1 
ATOM   930  C  C8    . G   A 1 44 ? 9.696   8.754   10.442  1.00 43.76  ? 45  G   A C8    1 
ATOM   931  N  N7    . G   A 1 44 ? 10.305  8.318   9.374   1.00 43.50  ? 45  G   A N7    1 
ATOM   932  C  C5    . G   A 1 44 ? 10.451  6.969   9.602   1.00 38.85  ? 45  G   A C5    1 
ATOM   933  C  C6    . G   A 1 44 ? 11.038  5.999   8.772   1.00 42.09  ? 45  G   A C6    1 
ATOM   934  O  O6    . G   A 1 44 ? 11.555  6.186   7.661   1.00 51.62  ? 45  G   A O6    1 
ATOM   935  N  N1    . G   A 1 44 ? 11.005  4.741   9.350   1.00 36.87  ? 45  G   A N1    1 
ATOM   936  C  C2    . G   A 1 44 ? 10.466  4.462   10.579  1.00 40.85  ? 45  G   A C2    1 
ATOM   937  N  N2    . G   A 1 44 ? 10.520  3.179   10.980  1.00 37.80  ? 45  G   A N2    1 
ATOM   938  N  N3    . G   A 1 44 ? 9.911   5.373   11.365  1.00 46.53  ? 45  G   A N3    1 
ATOM   939  C  C4    . G   A 1 44 ? 9.941   6.604   10.822  1.00 40.86  ? 45  G   A C4    1 
ATOM   940  P  P     . C   A 1 45 ? 11.905  10.026  15.644  1.00 40.16  ? 46  C   A P     1 
ATOM   941  O  OP1   . C   A 1 45 ? 11.967  10.437  17.067  1.00 44.13  ? 46  C   A OP1   1 
ATOM   942  O  OP2   . C   A 1 45 ? 12.609  10.792  14.575  1.00 46.79  ? 46  C   A OP2   1 
ATOM   943  O  "O5'" . C   A 1 45 ? 12.407  8.518   15.572  1.00 45.48  ? 46  C   A "O5'" 1 
ATOM   944  C  "C5'" . C   A 1 45 ? 12.064  7.579   16.577  1.00 35.87  ? 46  C   A "C5'" 1 
ATOM   945  C  "C4'" . C   A 1 45 ? 12.559  6.209   16.201  1.00 38.79  ? 46  C   A "C4'" 1 
ATOM   946  O  "O4'" . C   A 1 45 ? 11.876  5.776   14.996  1.00 38.92  ? 46  C   A "O4'" 1 
ATOM   947  C  "C3'" . C   A 1 45 ? 14.035  6.098   15.839  1.00 43.05  ? 46  C   A "C3'" 1 
ATOM   948  O  "O3'" . C   A 1 45 ? 14.894  6.040   16.965  1.00 50.87  ? 46  C   A "O3'" 1 
ATOM   949  C  "C2'" . C   A 1 45 ? 14.058  4.842   14.984  1.00 42.49  ? 46  C   A "C2'" 1 
ATOM   950  O  "O2'" . C   A 1 45 ? 13.996  3.681   15.799  1.00 43.44  ? 46  C   A "O2'" 1 
ATOM   951  C  "C1'" . C   A 1 45 ? 12.736  4.977   14.218  1.00 36.86  ? 46  C   A "C1'" 1 
ATOM   952  N  N1    . C   A 1 45 ? 12.946  5.656   12.926  1.00 39.76  ? 46  C   A N1    1 
ATOM   953  C  C2    . C   A 1 45 ? 13.510  4.915   11.893  1.00 40.96  ? 46  C   A C2    1 
ATOM   954  O  O2    . C   A 1 45 ? 13.762  3.725   12.113  1.00 41.75  ? 46  C   A O2    1 
ATOM   955  N  N3    . C   A 1 45 ? 13.753  5.504   10.700  1.00 41.39  ? 46  C   A N3    1 
ATOM   956  C  C4    . C   A 1 45 ? 13.461  6.799   10.542  1.00 39.90  ? 46  C   A C4    1 
ATOM   957  N  N4    . C   A 1 45 ? 13.707  7.360   9.356   1.00 35.21  ? 46  C   A N4    1 
ATOM   958  C  C5    . C   A 1 45 ? 12.894  7.573   11.592  1.00 39.30  ? 46  C   A C5    1 
ATOM   959  C  C6    . C   A 1 45 ? 12.662  6.971   12.757  1.00 37.81  ? 46  C   A C6    1 
ATOM   960  P  P     . G   A 1 46 ? 16.371  6.678   16.891  1.00 47.31  ? 47  G   A P     1 
ATOM   961  O  OP1   . G   A 1 46 ? 16.994  6.646   18.240  1.00 49.27  ? 47  G   A OP1   1 
ATOM   962  O  OP2   . G   A 1 46 ? 16.277  7.968   16.173  1.00 41.92  ? 47  G   A OP2   1 
ATOM   963  O  "O5'" . G   A 1 46 ? 17.173  5.622   16.027  1.00 39.31  ? 47  G   A "O5'" 1 
ATOM   964  C  "C5'" . G   A 1 46 ? 17.399  4.311   16.517  1.00 41.52  ? 47  G   A "C5'" 1 
ATOM   965  C  "C4'" . G   A 1 46 ? 18.133  3.456   15.506  1.00 39.56  ? 47  G   A "C4'" 1 
ATOM   966  O  "O4'" . G   A 1 46 ? 17.327  3.331   14.308  1.00 34.83  ? 47  G   A "O4'" 1 
ATOM   967  C  "C3'" . G   A 1 46 ? 19.456  3.998   15.003  1.00 32.14  ? 47  G   A "C3'" 1 
ATOM   968  O  "O3'" . G   A 1 46 ? 20.530  3.762   15.913  1.00 39.88  ? 47  G   A "O3'" 1 
ATOM   969  C  "C2'" . G   A 1 46 ? 19.600  3.301   13.650  1.00 38.87  ? 47  G   A "C2'" 1 
ATOM   970  O  "O2'" . G   A 1 46 ? 20.083  1.974   13.798  1.00 39.20  ? 47  G   A "O2'" 1 
ATOM   971  C  "C1'" . G   A 1 46 ? 18.150  3.226   13.179  1.00 34.03  ? 47  G   A "C1'" 1 
ATOM   972  N  N9    . G   A 1 46 ? 17.787  4.296   12.231  1.00 32.61  ? 47  G   A N9    1 
ATOM   973  C  C8    . G   A 1 46 ? 16.991  5.372   12.478  1.00 34.12  ? 47  G   A C8    1 
ATOM   974  N  N7    . G   A 1 46 ? 16.842  6.145   11.439  1.00 35.59  ? 47  G   A N7    1 
ATOM   975  C  C5    . G   A 1 46 ? 17.556  5.529   10.429  1.00 31.04  ? 47  G   A C5    1 
ATOM   976  C  C6    . G   A 1 46 ? 17.746  5.897   9.068   1.00 30.35  ? 47  G   A C6    1 
ATOM   977  O  O6    . G   A 1 46 ? 17.314  6.868   8.452   1.00 32.40  ? 47  G   A O6    1 
ATOM   978  N  N1    . G   A 1 46 ? 18.556  5.008   8.393   1.00 32.83  ? 47  G   A N1    1 
ATOM   979  C  C2    . G   A 1 46 ? 19.090  3.882   8.961   1.00 33.80  ? 47  G   A C2    1 
ATOM   980  N  N2    . G   A 1 46 ? 19.839  3.136   8.143   1.00 31.56  ? 47  G   A N2    1 
ATOM   981  N  N3    . G   A 1 46 ? 18.912  3.512   10.224  1.00 31.50  ? 47  G   A N3    1 
ATOM   982  C  C4    . G   A 1 46 ? 18.146  4.386   10.904  1.00 31.50  ? 47  G   A C4    1 
ATOM   983  P  P     . C   A 1 47 ? 21.846  4.720   15.973  1.00 39.42  ? 48  C   A P     1 
ATOM   984  O  OP1   . C   A 1 47 ? 22.543  4.566   17.276  1.00 44.37  ? 48  C   A OP1   1 
ATOM   985  O  OP2   . C   A 1 47 ? 21.568  6.036   15.366  1.00 30.68  ? 48  C   A OP2   1 
ATOM   986  O  "O5'" . C   A 1 47 ? 22.850  4.032   14.977  1.00 33.33  ? 48  C   A "O5'" 1 
ATOM   987  C  "C5'" . C   A 1 47 ? 22.768  4.378   13.627  1.00 33.14  ? 48  C   A "C5'" 1 
ATOM   988  C  "C4'" . C   A 1 47 ? 23.472  3.423   12.719  1.00 29.75  ? 48  C   A "C4'" 1 
ATOM   989  O  "O4'" . C   A 1 47 ? 22.549  3.114   11.655  1.00 33.29  ? 48  C   A "O4'" 1 
ATOM   990  C  "C3'" . C   A 1 47 ? 24.668  4.076   12.064  1.00 29.67  ? 48  C   A "C3'" 1 
ATOM   991  O  "O3'" . C   A 1 47 ? 25.874  3.648   12.677  1.00 31.21  ? 48  C   A "O3'" 1 
ATOM   992  C  "C2'" . C   A 1 47 ? 24.524  3.782   10.569  1.00 29.42  ? 48  C   A "C2'" 1 
ATOM   993  O  "O2'" . C   A 1 47 ? 25.185  2.594   10.217  1.00 39.31  ? 48  C   A "O2'" 1 
ATOM   994  C  "C1'" . C   A 1 47 ? 23.033  3.535   10.419  1.00 29.94  ? 48  C   A "C1'" 1 
ATOM   995  N  N1    . C   A 1 47 ? 22.250  4.730   10.026  1.00 28.88  ? 48  C   A N1    1 
ATOM   996  C  C2    . C   A 1 47 ? 22.295  5.230   8.727   1.00 29.53  ? 48  C   A C2    1 
ATOM   997  O  O2    . C   A 1 47 ? 23.037  4.688   7.896   1.00 32.36  ? 48  C   A O2    1 
ATOM   998  N  N3    . C   A 1 47 ? 21.548  6.319   8.432   1.00 31.93  ? 48  C   A N3    1 
ATOM   999  C  C4    . C   A 1 47 ? 20.790  6.898   9.380   1.00 33.95  ? 48  C   A C4    1 
ATOM   1000 N  N4    . C   A 1 47 ? 20.064  7.982   9.082   1.00 35.26  ? 48  C   A N4    1 
ATOM   1001 C  C5    . C   A 1 47 ? 20.724  6.404   10.705  1.00 29.80  ? 48  C   A C5    1 
ATOM   1002 C  C6    . C   A 1 47 ? 21.443  5.328   10.957  1.00 28.25  ? 48  C   A C6    1 
ATOM   1003 P  P     . C   A 1 48 ? 27.122  4.657   12.830  1.00 37.17  ? 49  C   A P     1 
ATOM   1004 O  OP1   . C   A 1 48 ? 28.339  3.820   12.958  1.00 37.35  ? 49  C   A OP1   1 
ATOM   1005 O  OP2   . C   A 1 48 ? 26.832  5.734   13.811  1.00 23.66  ? 49  C   A OP2   1 
ATOM   1006 O  "O5'" . C   A 1 48 ? 27.224  5.341   11.405  1.00 28.67  ? 49  C   A "O5'" 1 
ATOM   1007 C  "C5'" . C   A 1 48 ? 28.030  4.775   10.398  1.00 25.85  ? 49  C   A "C5'" 1 
ATOM   1008 C  "C4'" . C   A 1 48 ? 27.960  5.599   9.144   1.00 32.09  ? 49  C   A "C4'" 1 
ATOM   1009 O  "O4'" . C   A 1 48 ? 26.587  5.839   8.774   1.00 33.49  ? 49  C   A "O4'" 1 
ATOM   1010 C  "C3'" . C   A 1 48 ? 28.560  6.984   9.209   1.00 27.89  ? 49  C   A "C3'" 1 
ATOM   1011 O  "O3'" . C   A 1 48 ? 29.961  6.948   9.032   1.00 27.86  ? 49  C   A "O3'" 1 
ATOM   1012 C  "C2'" . C   A 1 48 ? 27.864  7.716   8.064   1.00 31.07  ? 49  C   A "C2'" 1 
ATOM   1013 O  "O2'" . C   A 1 48 ? 28.606  7.563   6.862   1.00 31.93  ? 49  C   A "O2'" 1 
ATOM   1014 C  "C1'" . C   A 1 48 ? 26.526  6.971   7.947   1.00 28.61  ? 49  C   A "C1'" 1 
ATOM   1015 N  N1    . C   A 1 48 ? 25.369  7.809   8.318   1.00 29.38  ? 49  C   A N1    1 
ATOM   1016 C  C2    . C   A 1 48 ? 24.829  8.590   7.297   1.00 28.38  ? 49  C   A C2    1 
ATOM   1017 O  O2    . C   A 1 48 ? 25.342  8.501   6.167   1.00 31.89  ? 49  C   A O2    1 
ATOM   1018 N  N3    . C   A 1 48 ? 23.778  9.398   7.555   1.00 27.75  ? 49  C   A N3    1 
ATOM   1019 C  C4    . C   A 1 48 ? 23.261  9.419   8.793   1.00 33.09  ? 49  C   A C4    1 
ATOM   1020 N  N4    . C   A 1 48 ? 22.217  10.224  9.031   1.00 28.30  ? 49  C   A N4    1 
ATOM   1021 C  C5    . C   A 1 48 ? 23.791  8.620   9.856   1.00 31.44  ? 49  C   A C5    1 
ATOM   1022 C  C6    . C   A 1 48 ? 24.843  7.835   9.581   1.00 32.28  ? 49  C   A C6    1 
HETATM 1023 P  PG    . GTP B 2 .  ? 16.963  17.382  4.869   1.00 64.25  ? 101 GTP A PG    1 
HETATM 1024 O  O1G   . GTP B 2 .  ? 15.760  17.952  4.144   1.00 65.49  ? 101 GTP A O1G   1 
HETATM 1025 O  O2G   . GTP B 2 .  ? 16.545  16.781  6.206   1.00 56.56  ? 101 GTP A O2G   1 
HETATM 1026 O  O3G   . GTP B 2 .  ? 18.011  18.470  5.036   1.00 50.91  ? 101 GTP A O3G   1 
HETATM 1027 O  O3B   . GTP B 2 .  ? 17.614  16.219  4.006   1.00 55.94  ? 101 GTP A O3B   1 
HETATM 1028 P  PB    . GTP B 2 .  ? 16.752  15.403  2.929   1.00 52.79  ? 101 GTP A PB    1 
HETATM 1029 O  O1B   . GTP B 2 .  ? 17.825  14.622  2.266   1.00 34.47  ? 101 GTP A O1B   1 
HETATM 1030 O  O2B   . GTP B 2 .  ? 15.713  14.504  3.555   1.00 58.22  ? 101 GTP A O2B   1 
HETATM 1031 O  O3A   . GTP B 2 .  ? 16.114  16.529  1.986   1.00 57.97  ? 101 GTP A O3A   1 
HETATM 1032 P  PA    . GTP B 2 .  ? 16.008  16.315  0.410   1.00 63.19  ? 101 GTP A PA    1 
HETATM 1033 O  O1A   . GTP B 2 .  ? 14.677  15.629  0.228   1.00 63.69  ? 101 GTP A O1A   1 
HETATM 1034 O  O2A   . GTP B 2 .  ? 16.046  17.619  -0.368  1.00 65.82  ? 101 GTP A O2A   1 
HETATM 1035 O  "O5'" . GTP B 2 .  ? 17.238  15.310  0.063   1.00 54.45  ? 101 GTP A "O5'" 1 
HETATM 1036 C  "C5'" . GTP B 2 .  ? 18.519  15.689  -0.427  1.00 49.40  ? 101 GTP A "C5'" 1 
HETATM 1037 C  "C4'" . GTP B 2 .  ? 19.641  14.662  -0.141  1.00 37.30  ? 101 GTP A "C4'" 1 
HETATM 1038 O  "O4'" . GTP B 2 .  ? 20.328  15.029  1.060   1.00 35.23  ? 101 GTP A "O4'" 1 
HETATM 1039 C  "C3'" . GTP B 2 .  ? 19.299  13.203  0.160   1.00 28.53  ? 101 GTP A "C3'" 1 
HETATM 1040 O  "O3'" . GTP B 2 .  ? 18.764  12.356  -0.843  1.00 31.90  ? 101 GTP A "O3'" 1 
HETATM 1041 C  "C2'" . GTP B 2 .  ? 20.627  12.748  0.742   1.00 28.70  ? 101 GTP A "C2'" 1 
HETATM 1042 O  "O2'" . GTP B 2 .  ? 21.579  12.565  -0.251  1.00 21.98  ? 101 GTP A "O2'" 1 
HETATM 1043 C  "C1'" . GTP B 2 .  ? 21.111  13.939  1.524   1.00 31.88  ? 101 GTP A "C1'" 1 
HETATM 1044 N  N9    . GTP B 2 .  ? 20.919  13.569  2.937   1.00 28.44  ? 101 GTP A N9    1 
HETATM 1045 C  C8    . GTP B 2 .  ? 19.997  14.075  3.786   1.00 28.21  ? 101 GTP A C8    1 
HETATM 1046 N  N7    . GTP B 2 .  ? 20.125  13.480  4.986   1.00 24.80  ? 101 GTP A N7    1 
HETATM 1047 C  C5    . GTP B 2 .  ? 21.137  12.608  4.940   1.00 25.51  ? 101 GTP A C5    1 
HETATM 1048 C  C6    . GTP B 2 .  ? 21.676  11.753  5.892   1.00 26.53  ? 101 GTP A C6    1 
HETATM 1049 O  O6    . GTP B 2 .  ? 21.223  11.731  7.025   1.00 22.22  ? 101 GTP A O6    1 
HETATM 1050 N  N1    . GTP B 2 .  ? 22.719  10.917  5.564   1.00 30.40  ? 101 GTP A N1    1 
HETATM 1051 C  C2    . GTP B 2 .  ? 23.218  10.949  4.276   1.00 32.07  ? 101 GTP A C2    1 
HETATM 1052 N  N2    . GTP B 2 .  ? 24.230  10.143  3.943   1.00 31.40  ? 101 GTP A N2    1 
HETATM 1053 N  N3    . GTP B 2 .  ? 22.671  11.812  3.332   1.00 33.71  ? 101 GTP A N3    1 
HETATM 1054 C  C4    . GTP B 2 .  ? 21.642  12.640  3.652   1.00 29.09  ? 101 GTP A C4    1 
HETATM 1055 C  C10   . J8R C 3 .  ? 10.166  -2.638  -3.757  1.00 42.17  ? 102 J8R A C10   1 
HETATM 1056 C  C13   . J8R C 3 .  ? 6.336   2.216   0.120   1.00 38.18  ? 102 J8R A C13   1 
HETATM 1057 C  C15   . J8R C 3 .  ? 5.292   4.301   1.068   1.00 38.70  ? 102 J8R A C15   1 
HETATM 1058 C  C17   . J8R C 3 .  ? 3.645   4.062   2.817   1.00 37.26  ? 102 J8R A C17   1 
HETATM 1059 C  C20   . J8R C 3 .  ? 7.243   3.036   -0.802  1.00 44.55  ? 102 J8R A C20   1 
HETATM 1060 C  C22   . J8R C 3 .  ? 2.670   4.684   3.798   1.00 37.46  ? 102 J8R A C22   1 
HETATM 1061 C  C01   . J8R C 3 .  ? 8.804   -0.643  -2.250  1.00 40.41  ? 102 J8R A C01   1 
HETATM 1062 C  C02   . J8R C 3 .  ? 8.557   -1.973  -1.948  1.00 40.43  ? 102 J8R A C02   1 
HETATM 1063 C  C04   . J8R C 3 .  ? 6.970   -1.436  -0.367  1.00 37.95  ? 102 J8R A C04   1 
HETATM 1064 C  C05   . J8R C 3 .  ? 7.140   -0.083  -0.619  1.00 36.61  ? 102 J8R A C05   1 
HETATM 1065 C  C06   . J8R C 3 .  ? 8.078   0.324   -1.568  1.00 39.69  ? 102 J8R A C06   1 
HETATM 1066 C  C08   . J8R C 3 .  ? 9.247   -4.350  -2.130  1.00 39.94  ? 102 J8R A C08   1 
HETATM 1067 C  C09   . J8R C 3 .  ? 10.614  -4.690  -1.532  1.00 51.26  ? 102 J8R A C09   1 
HETATM 1068 C  C12   . J8R C 3 .  ? 6.299   0.897   0.183   1.00 34.43  ? 102 J8R A C12   1 
HETATM 1069 C  C14   . J8R C 3 .  ? 5.392   2.920   1.060   1.00 40.94  ? 102 J8R A C14   1 
HETATM 1070 C  C16   . J8R C 3 .  ? 4.394   4.863   1.959   1.00 42.83  ? 102 J8R A C16   1 
HETATM 1071 C  C18   . J8R C 3 .  ? 3.764   2.689   2.805   1.00 34.28  ? 102 J8R A C18   1 
HETATM 1072 C  C19   . J8R C 3 .  ? 4.641   2.116   1.909   1.00 37.78  ? 102 J8R A C19   1 
HETATM 1073 N  N03   . J8R C 3 .  ? 7.675   -2.341  -1.033  1.00 44.94  ? 102 J8R A N03   1 
HETATM 1074 N  N07   . J8R C 3 .  ? 9.312   -2.990  -2.629  1.00 46.71  ? 102 J8R A N07   1 
HETATM 1075 N  N21   . J8R C 3 .  ? 7.932   3.612   -1.497  1.00 44.87  ? 102 J8R A N21   1 
HETATM 1076 N  N23   . J8R C 3 .  ? 1.942   5.127   4.537   1.00 42.80  ? 102 J8R A N23   1 
HETATM 1077 O  O11   . J8R C 3 .  ? 11.088  -3.575  -0.807  1.00 49.11  ? 102 J8R A O11   1 
HETATM 1078 MG MG    . MG  D 4 .  ? 1.729   -2.208  9.168   1.00 37.64  ? 103 MG  A MG    1 
HETATM 1079 MG MG    . MG  E 4 .  ? -4.724  -12.471 1.651   1.00 36.68  ? 104 MG  A MG    1 
HETATM 1080 MG MG    . MG  F 4 .  ? 13.293  6.405   2.538   1.00 34.08  ? 105 MG  A MG    1 
HETATM 1081 O  O     . HOH G 5 .  ? 1.609   -13.222 6.801   1.00 37.44  ? 201 HOH A O     1 
HETATM 1082 O  O     . HOH G 5 .  ? 30.788  7.471   7.080   1.00 24.53  ? 202 HOH A O     1 
HETATM 1083 O  O     . HOH G 5 .  ? -2.234  -1.154  -4.769  1.00 31.31  ? 203 HOH A O     1 
HETATM 1084 O  O     . HOH G 5 .  ? -0.332  -17.323 9.231   1.00 19.80  ? 204 HOH A O     1 
HETATM 1085 O  O     . HOH G 5 .  ? -3.196  -14.299 2.739   1.00 26.89  ? 205 HOH A O     1 
HETATM 1086 O  O     . HOH G 5 .  ? -0.791  -1.424  9.440   1.00 35.23  ? 206 HOH A O     1 
HETATM 1087 O  O     . HOH G 5 .  ? 18.399  13.997  6.697   1.00 28.60  ? 207 HOH A O     1 
HETATM 1088 O  O     . HOH G 5 .  ? -9.115  -11.553 2.712   1.00 30.41  ? 208 HOH A O     1 
HETATM 1089 O  O     . HOH G 5 .  ? 6.619   -9.299  -5.694  1.00 51.11  ? 209 HOH A O     1 
HETATM 1090 O  O     . HOH G 5 .  ? 2.967   -11.115 -3.380  1.00 18.66  ? 210 HOH A O     1 
HETATM 1091 O  O     . HOH G 5 .  ? -2.250  2.032   12.019  1.00 31.51  ? 211 HOH A O     1 
HETATM 1092 O  O     . HOH G 5 .  ? 2.237   -4.497  8.251   1.00 39.30  ? 212 HOH A O     1 
HETATM 1093 O  O     . HOH G 5 .  ? 22.705  2.592   6.340   1.00 14.70  ? 213 HOH A O     1 
HETATM 1094 O  O     . HOH G 5 .  ? 14.987  9.814   14.208  1.00 47.56  ? 214 HOH A O     1 
HETATM 1095 O  O     . HOH G 5 .  ? -1.410  10.527  -7.286  1.00 48.03  ? 215 HOH A O     1 
HETATM 1096 O  O     . HOH G 5 .  ? 14.559  19.091  1.292   1.00 61.17  ? 216 HOH A O     1 
HETATM 1097 O  O     . HOH G 5 .  ? 3.979   -10.366 1.540   1.00 32.29  ? 217 HOH A O     1 
HETATM 1098 O  O     . HOH G 5 .  ? -2.602  -13.154 1.016   1.00 34.36  ? 218 HOH A O     1 
HETATM 1099 O  O     . HOH G 5 .  ? 11.740  5.229   3.432   1.00 45.55  ? 219 HOH A O     1 
HETATM 1100 O  O     . HOH G 5 .  ? 14.501  4.856   3.239   1.00 41.93  ? 220 HOH A O     1 
HETATM 1101 O  O     . HOH G 5 .  ? 13.647  17.977  -1.991  1.00 46.38  ? 221 HOH A O     1 
HETATM 1102 O  O     . HOH G 5 .  ? 0.565   -3.563  9.759   1.00 28.76  ? 222 HOH A O     1 
HETATM 1103 O  O     . HOH G 5 .  ? 3.995   8.296   -1.667  1.00 41.99  ? 223 HOH A O     1 
HETATM 1104 O  O     . HOH G 5 .  ? 9.893   -6.499  3.551   1.00 41.72  ? 224 HOH A O     1 
HETATM 1105 O  O     . HOH G 5 .  ? 5.942   -18.422 8.328   1.00 54.44  ? 225 HOH A O     1 
HETATM 1106 O  O     . HOH G 5 .  ? 17.138  8.082   -3.856  1.00 21.01  ? 226 HOH A O     1 
HETATM 1107 O  O     . HOH G 5 .  ? 12.524  -4.563  2.749   1.00 37.58  ? 227 HOH A O     1 
HETATM 1108 O  O     . HOH G 5 .  ? -3.218  -12.470 4.170   1.00 32.40  ? 228 HOH A O     1 
HETATM 1109 O  O     . HOH G 5 .  ? 15.616  7.921   2.127   1.00 19.02  ? 229 HOH A O     1 
HETATM 1110 O  O     . HOH G 5 .  ? 11.886  8.507   3.496   1.00 54.60  ? 230 HOH A O     1 
HETATM 1111 O  O     . HOH G 5 .  ? -14.294 -12.153 -7.719  1.00 47.73  ? 231 HOH A O     1 
HETATM 1112 O  O     . HOH G 5 .  ? -4.719  -14.404 -0.702  1.00 28.36  ? 232 HOH A O     1 
HETATM 1113 O  O     . HOH G 5 .  ? -6.385  -10.726 3.435   1.00 23.27  ? 233 HOH A O     1 
HETATM 1114 O  O     . HOH G 5 .  ? 14.272  7.109   3.885   1.00 29.87  ? 234 HOH A O     1 
HETATM 1115 O  O     . HOH G 5 .  ? 17.054  10.099  10.931  1.00 43.91  ? 235 HOH A O     1 
HETATM 1116 O  O     . HOH G 5 .  ? 13.859  -5.483  13.237  1.00 41.88  ? 236 HOH A O     1 
# 
loop_
_pdbx_poly_seq_scheme.asym_id 
_pdbx_poly_seq_scheme.entity_id 
_pdbx_poly_seq_scheme.seq_id 
_pdbx_poly_seq_scheme.mon_id 
_pdbx_poly_seq_scheme.ndb_seq_num 
_pdbx_poly_seq_scheme.pdb_seq_num 
_pdbx_poly_seq_scheme.auth_seq_num 
_pdbx_poly_seq_scheme.pdb_mon_id 
_pdbx_poly_seq_scheme.auth_mon_id 
_pdbx_poly_seq_scheme.pdb_strand_id 
_pdbx_poly_seq_scheme.pdb_ins_code 
_pdbx_poly_seq_scheme.hetero 
A 1 1  G 1  2  2  G G A . n 
A 1 2  C 2  3  3  C C A . n 
A 1 3  G 3  4  4  G G A . n 
A 1 4  C 4  5  5  C C A . n 
A 1 5  A 5  6  6  A A A . n 
A 1 6  C 6  7  7  C C A . n 
A 1 7  U 7  8  8  U U A . n 
A 1 8  G 8  9  9  G G A . n 
A 1 9  G 9  10 10 G G A . n 
A 1 10 C 10 11 11 C C A . n 
A 1 11 G 11 12 12 G G A . n 
A 1 12 C 12 13 13 C C A . n 
A 1 13 U 13 14 14 U U A . n 
A 1 14 G 14 15 15 G G A . n 
A 1 15 C 15 16 16 C C A . n 
A 1 16 G 16 17 17 G G A . n 
A 1 17 C 17 18 18 C C A . n 
A 1 18 C 18 19 19 C C A . n 
A 1 19 U 19 20 20 U U A . n 
A 1 20 U 20 21 21 U U A . n 
A 1 21 C 21 22 22 C C A . n 
A 1 22 G 22 23 23 G G A . n 
A 1 23 G 23 24 24 G G A . n 
A 1 24 G 24 25 25 G G A . n 
A 1 25 C 25 26 26 C C A . n 
A 1 26 G 26 27 27 G G A . n 
A 1 27 C 27 28 28 C C A . n 
A 1 28 C 28 29 29 C C A . n 
A 1 29 A 29 30 30 A A A . n 
A 1 30 A 30 31 31 A A A . n 
A 1 31 U 31 32 32 U U A . n 
A 1 32 C 32 33 33 C C A . n 
A 1 33 G 33 34 34 G G A . n 
A 1 34 U 34 35 35 U U A . n 
A 1 35 A 35 36 36 A A A . n 
A 1 36 G 36 37 37 G G A . n 
A 1 37 C 37 38 38 C C A . n 
A 1 38 G 38 39 39 G G A . n 
A 1 39 U 39 40 40 U U A . n 
A 1 40 G 40 41 41 G G A . n 
A 1 41 U 41 42 42 U U A . n 
A 1 42 C 42 43 43 C C A . n 
A 1 43 G 43 44 44 G G A . n 
A 1 44 G 44 45 45 G G A . n 
A 1 45 C 45 46 46 C C A . n 
A 1 46 G 46 47 47 G G A . n 
A 1 47 C 47 48 48 C C A . n 
A 1 48 C 48 49 49 C C A . n 
# 
loop_
_pdbx_nonpoly_scheme.asym_id 
_pdbx_nonpoly_scheme.entity_id 
_pdbx_nonpoly_scheme.mon_id 
_pdbx_nonpoly_scheme.ndb_seq_num 
_pdbx_nonpoly_scheme.pdb_seq_num 
_pdbx_nonpoly_scheme.auth_seq_num 
_pdbx_nonpoly_scheme.pdb_mon_id 
_pdbx_nonpoly_scheme.auth_mon_id 
_pdbx_nonpoly_scheme.pdb_strand_id 
_pdbx_nonpoly_scheme.pdb_ins_code 
B 2 GTP 1  101 1  GTP GTP A . 
C 3 J8R 1  102 1  J8R LIG A . 
D 4 MG  1  103 1  MG  MG  A . 
E 4 MG  1  104 3  MG  MG  A . 
F 4 MG  1  105 4  MG  MG  A . 
G 5 HOH 1  201 10 HOH HOH A . 
G 5 HOH 2  202 17 HOH HOH A . 
G 5 HOH 3  203 23 HOH HOH A . 
G 5 HOH 4  204 25 HOH HOH A . 
G 5 HOH 5  205 29 HOH HOH A . 
G 5 HOH 6  206 5  HOH HOH A . 
G 5 HOH 7  207 20 HOH HOH A . 
G 5 HOH 8  208 15 HOH HOH A . 
G 5 HOH 9  209 12 HOH HOH A . 
G 5 HOH 10 210 33 HOH HOH A . 
G 5 HOH 11 211 8  HOH HOH A . 
G 5 HOH 12 212 7  HOH HOH A . 
G 5 HOH 13 213 11 HOH HOH A . 
G 5 HOH 14 214 26 HOH HOH A . 
G 5 HOH 15 215 24 HOH HOH A . 
G 5 HOH 16 216 18 HOH HOH A . 
G 5 HOH 17 217 9  HOH HOH A . 
G 5 HOH 18 218 31 HOH HOH A . 
G 5 HOH 19 219 3  HOH HOH A . 
G 5 HOH 20 220 34 HOH HOH A . 
G 5 HOH 21 221 19 HOH HOH A . 
G 5 HOH 22 222 6  HOH HOH A . 
G 5 HOH 23 223 16 HOH HOH A . 
G 5 HOH 24 224 14 HOH HOH A . 
G 5 HOH 25 225 22 HOH HOH A . 
G 5 HOH 26 226 13 HOH HOH A . 
G 5 HOH 27 227 2  HOH HOH A . 
G 5 HOH 28 228 32 HOH HOH A . 
G 5 HOH 29 229 27 HOH HOH A . 
G 5 HOH 30 230 35 HOH HOH A . 
G 5 HOH 31 231 21 HOH HOH A . 
G 5 HOH 32 232 30 HOH HOH A . 
G 5 HOH 33 233 28 HOH HOH A . 
G 5 HOH 34 234 36 HOH HOH A . 
G 5 HOH 35 235 1  HOH HOH A . 
G 5 HOH 36 236 4  HOH HOH A . 
# 
_pdbx_struct_assembly.id                   1 
_pdbx_struct_assembly.details              author_and_software_defined_assembly 
_pdbx_struct_assembly.method_details       PISA 
_pdbx_struct_assembly.oligomeric_details   monomeric 
_pdbx_struct_assembly.oligomeric_count     1 
# 
_pdbx_struct_assembly_gen.assembly_id       1 
_pdbx_struct_assembly_gen.oper_expression   1 
_pdbx_struct_assembly_gen.asym_id_list      A,B,C,D,E,F,G 
# 
loop_
_pdbx_struct_assembly_prop.biol_id 
_pdbx_struct_assembly_prop.type 
_pdbx_struct_assembly_prop.value 
_pdbx_struct_assembly_prop.details 
1 'ABSA (A^2)' 430  ? 
1 MORE         -10  ? 
1 'SSA (A^2)'  8280 ? 
# 
_pdbx_struct_oper_list.id                   1 
_pdbx_struct_oper_list.type                 'identity operation' 
_pdbx_struct_oper_list.name                 1_555 
_pdbx_struct_oper_list.symmetry_operation   x,y,z 
_pdbx_struct_oper_list.matrix[1][1]         1.0000000000 
_pdbx_struct_oper_list.matrix[1][2]         0.0000000000 
_pdbx_struct_oper_list.matrix[1][3]         0.0000000000 
_pdbx_struct_oper_list.vector[1]            0.0000000000 
_pdbx_struct_oper_list.matrix[2][1]         0.0000000000 
_pdbx_struct_oper_list.matrix[2][2]         1.0000000000 
_pdbx_struct_oper_list.matrix[2][3]         0.0000000000 
_pdbx_struct_oper_list.vector[2]            0.0000000000 
_pdbx_struct_oper_list.matrix[3][1]         0.0000000000 
_pdbx_struct_oper_list.matrix[3][2]         0.0000000000 
_pdbx_struct_oper_list.matrix[3][3]         1.0000000000 
_pdbx_struct_oper_list.vector[3]            0.0000000000 
# 
loop_
_pdbx_struct_conn_angle.id 
_pdbx_struct_conn_angle.ptnr1_label_atom_id 
_pdbx_struct_conn_angle.ptnr1_label_alt_id 
_pdbx_struct_conn_angle.ptnr1_label_asym_id 
_pdbx_struct_conn_angle.ptnr1_label_comp_id 
_pdbx_struct_conn_angle.ptnr1_label_seq_id 
_pdbx_struct_conn_angle.ptnr1_auth_atom_id 
_pdbx_struct_conn_angle.ptnr1_auth_asym_id 
_pdbx_struct_conn_angle.ptnr1_auth_comp_id 
_pdbx_struct_conn_angle.ptnr1_auth_seq_id 
_pdbx_struct_conn_angle.ptnr1_PDB_ins_code 
_pdbx_struct_conn_angle.ptnr1_symmetry 
_pdbx_struct_conn_angle.ptnr2_label_atom_id 
_pdbx_struct_conn_angle.ptnr2_label_alt_id 
_pdbx_struct_conn_angle.ptnr2_label_asym_id 
_pdbx_struct_conn_angle.ptnr2_label_comp_id 
_pdbx_struct_conn_angle.ptnr2_label_seq_id 
_pdbx_struct_conn_angle.ptnr2_auth_atom_id 
_pdbx_struct_conn_angle.ptnr2_auth_asym_id 
_pdbx_struct_conn_angle.ptnr2_auth_comp_id 
_pdbx_struct_conn_angle.ptnr2_auth_seq_id 
_pdbx_struct_conn_angle.ptnr2_PDB_ins_code 
_pdbx_struct_conn_angle.ptnr2_symmetry 
_pdbx_struct_conn_angle.ptnr3_label_atom_id 
_pdbx_struct_conn_angle.ptnr3_label_alt_id 
_pdbx_struct_conn_angle.ptnr3_label_asym_id 
_pdbx_struct_conn_angle.ptnr3_label_comp_id 
_pdbx_struct_conn_angle.ptnr3_label_seq_id 
_pdbx_struct_conn_angle.ptnr3_auth_atom_id 
_pdbx_struct_conn_angle.ptnr3_auth_asym_id 
_pdbx_struct_conn_angle.ptnr3_auth_comp_id 
_pdbx_struct_conn_angle.ptnr3_auth_seq_id 
_pdbx_struct_conn_angle.ptnr3_PDB_ins_code 
_pdbx_struct_conn_angle.ptnr3_symmetry 
_pdbx_struct_conn_angle.value 
_pdbx_struct_conn_angle.value_esd 
1  OP2 ? A C   6  ? A C   7   ? 1_555 MG ? D MG . ? A MG 103 ? 1_555 OP2 ? A U   7 ? A U   8   ? 1_555 106.5 ? 
2  OP2 ? A C   6  ? A C   7   ? 1_555 MG ? D MG . ? A MG 103 ? 1_555 O   ? G HOH . ? A HOH 206 ? 1_555 170.4 ? 
3  OP2 ? A U   7  ? A U   8   ? 1_555 MG ? D MG . ? A MG 103 ? 1_555 O   ? G HOH . ? A HOH 206 ? 1_555 64.0  ? 
4  OP2 ? A C   6  ? A C   7   ? 1_555 MG ? D MG . ? A MG 103 ? 1_555 O   ? G HOH . ? A HOH 212 ? 1_555 69.6  ? 
5  OP2 ? A U   7  ? A U   8   ? 1_555 MG ? D MG . ? A MG 103 ? 1_555 O   ? G HOH . ? A HOH 212 ? 1_555 162.7 ? 
6  O   ? G HOH .  ? A HOH 206 ? 1_555 MG ? D MG . ? A MG 103 ? 1_555 O   ? G HOH . ? A HOH 212 ? 1_555 119.9 ? 
7  OP2 ? A C   6  ? A C   7   ? 1_555 MG ? D MG . ? A MG 103 ? 1_555 O   ? G HOH . ? A HOH 222 ? 1_555 120.0 ? 
8  OP2 ? A U   7  ? A U   8   ? 1_555 MG ? D MG . ? A MG 103 ? 1_555 O   ? G HOH . ? A HOH 222 ? 1_555 105.0 ? 
9  O   ? G HOH .  ? A HOH 206 ? 1_555 MG ? D MG . ? A MG 103 ? 1_555 O   ? G HOH . ? A HOH 222 ? 1_555 66.0  ? 
10 O   ? G HOH .  ? A HOH 212 ? 1_555 MG ? D MG . ? A MG 103 ? 1_555 O   ? G HOH . ? A HOH 222 ? 1_555 65.5  ? 
11 OP2 ? A A   29 ? A A   30  ? 1_555 MG ? E MG . ? A MG 104 ? 1_555 O   ? G HOH . ? A HOH 205 ? 1_555 62.6  ? 
12 OP2 ? A A   29 ? A A   30  ? 1_555 MG ? E MG . ? A MG 104 ? 1_555 O   ? G HOH . ? A HOH 218 ? 1_555 111.2 ? 
13 O   ? G HOH .  ? A HOH 205 ? 1_555 MG ? E MG . ? A MG 104 ? 1_555 O   ? G HOH . ? A HOH 218 ? 1_555 51.2  ? 
14 OP2 ? A A   29 ? A A   30  ? 1_555 MG ? E MG . ? A MG 104 ? 1_555 O   ? G HOH . ? A HOH 228 ? 1_555 74.1  ? 
15 O   ? G HOH .  ? A HOH 205 ? 1_555 MG ? E MG . ? A MG 104 ? 1_555 O   ? G HOH . ? A HOH 228 ? 1_555 49.0  ? 
16 O   ? G HOH .  ? A HOH 218 ? 1_555 MG ? E MG . ? A MG 104 ? 1_555 O   ? G HOH . ? A HOH 228 ? 1_555 76.4  ? 
17 OP2 ? A A   29 ? A A   30  ? 1_555 MG ? E MG . ? A MG 104 ? 1_555 O   ? G HOH . ? A HOH 233 ? 1_555 78.8  ? 
18 O   ? G HOH .  ? A HOH 205 ? 1_555 MG ? E MG . ? A MG 104 ? 1_555 O   ? G HOH . ? A HOH 233 ? 1_555 118.8 ? 
19 O   ? G HOH .  ? A HOH 218 ? 1_555 MG ? E MG . ? A MG 104 ? 1_555 O   ? G HOH . ? A HOH 233 ? 1_555 147.3 ? 
20 O   ? G HOH .  ? A HOH 228 ? 1_555 MG ? E MG . ? A MG 104 ? 1_555 O   ? G HOH . ? A HOH 233 ? 1_555 76.9  ? 
21 OP2 ? A U   41 ? A U   42  ? 1_555 MG ? F MG . ? A MG 105 ? 1_555 O   ? G HOH . ? A HOH 219 ? 1_555 116.4 ? 
22 OP2 ? A U   41 ? A U   42  ? 1_555 MG ? F MG . ? A MG 105 ? 1_555 O   ? G HOH . ? A HOH 220 ? 1_555 109.7 ? 
23 O   ? G HOH .  ? A HOH 219 ? 1_555 MG ? F MG . ? A MG 105 ? 1_555 O   ? G HOH . ? A HOH 220 ? 1_555 82.7  ? 
24 OP2 ? A U   41 ? A U   42  ? 1_555 MG ? F MG . ? A MG 105 ? 1_555 O   ? G HOH . ? A HOH 229 ? 1_555 79.8  ? 
25 O   ? G HOH .  ? A HOH 219 ? 1_555 MG ? F MG . ? A MG 105 ? 1_555 O   ? G HOH . ? A HOH 229 ? 1_555 163.4 ? 
26 O   ? G HOH .  ? A HOH 220 ? 1_555 MG ? F MG . ? A MG 105 ? 1_555 O   ? G HOH . ? A HOH 229 ? 1_555 88.3  ? 
27 OP2 ? A U   41 ? A U   42  ? 1_555 MG ? F MG . ? A MG 105 ? 1_555 O   ? G HOH . ? A HOH 230 ? 1_555 110.5 ? 
28 O   ? G HOH .  ? A HOH 219 ? 1_555 MG ? F MG . ? A MG 105 ? 1_555 O   ? G HOH . ? A HOH 230 ? 1_555 84.4  ? 
29 O   ? G HOH .  ? A HOH 220 ? 1_555 MG ? F MG . ? A MG 105 ? 1_555 O   ? G HOH . ? A HOH 230 ? 1_555 139.4 ? 
30 O   ? G HOH .  ? A HOH 229 ? 1_555 MG ? F MG . ? A MG 105 ? 1_555 O   ? G HOH . ? A HOH 230 ? 1_555 93.6  ? 
31 OP2 ? A U   41 ? A U   42  ? 1_555 MG ? F MG . ? A MG 105 ? 1_555 O   ? G HOH . ? A HOH 234 ? 1_555 136.4 ? 
32 O   ? G HOH .  ? A HOH 219 ? 1_555 MG ? F MG . ? A MG 105 ? 1_555 O   ? G HOH . ? A HOH 234 ? 1_555 107.2 ? 
33 O   ? G HOH .  ? A HOH 220 ? 1_555 MG ? F MG . ? A MG 105 ? 1_555 O   ? G HOH . ? A HOH 234 ? 1_555 74.1  ? 
34 O   ? G HOH .  ? A HOH 229 ? 1_555 MG ? F MG . ? A MG 105 ? 1_555 O   ? G HOH . ? A HOH 234 ? 1_555 56.6  ? 
35 O   ? G HOH .  ? A HOH 230 ? 1_555 MG ? F MG . ? A MG 105 ? 1_555 O   ? G HOH . ? A HOH 234 ? 1_555 73.5  ? 
# 
loop_
_pdbx_audit_revision_history.ordinal 
_pdbx_audit_revision_history.data_content_type 
_pdbx_audit_revision_history.major_revision 
_pdbx_audit_revision_history.minor_revision 
_pdbx_audit_revision_history.revision_date 
1 'Structure model' 1 0 2021-11-24 
2 'Structure model' 1 1 2021-12-08 
3 'Structure model' 1 2 2022-02-16 
4 'Structure model' 1 3 2023-11-29 
# 
_pdbx_audit_revision_details.ordinal             1 
_pdbx_audit_revision_details.revision_ordinal    1 
_pdbx_audit_revision_details.data_content_type   'Structure model' 
_pdbx_audit_revision_details.provider            repository 
_pdbx_audit_revision_details.type                'Initial release' 
_pdbx_audit_revision_details.description         ? 
_pdbx_audit_revision_details.details             ? 
# 
loop_
_pdbx_audit_revision_group.ordinal 
_pdbx_audit_revision_group.revision_ordinal 
_pdbx_audit_revision_group.data_content_type 
_pdbx_audit_revision_group.group 
1 2 'Structure model' 'Source and taxonomy'    
2 3 'Structure model' 'Database references'    
3 4 'Structure model' 'Data collection'        
4 4 'Structure model' 'Refinement description' 
# 
loop_
_pdbx_audit_revision_category.ordinal 
_pdbx_audit_revision_category.revision_ordinal 
_pdbx_audit_revision_category.data_content_type 
_pdbx_audit_revision_category.category 
1 2 'Structure model' entity_src_gen                
2 3 'Structure model' citation                      
3 3 'Structure model' citation_author               
4 4 'Structure model' chem_comp_atom                
5 4 'Structure model' chem_comp_bond                
6 4 'Structure model' pdbx_initial_refinement_model 
# 
loop_
_pdbx_audit_revision_item.ordinal 
_pdbx_audit_revision_item.revision_ordinal 
_pdbx_audit_revision_item.data_content_type 
_pdbx_audit_revision_item.item 
1 2 'Structure model' '_entity_src_gen.pdbx_gene_src_ncbi_taxonomy_id' 
2 3 'Structure model' '_citation.journal_volume'                       
3 3 'Structure model' '_citation.page_first'                           
4 3 'Structure model' '_citation.page_last'                            
5 3 'Structure model' '_citation_author.identifier_ORCID'              
# 
loop_
_software.citation_id 
_software.classification 
_software.compiler_name 
_software.compiler_version 
_software.contact_author 
_software.contact_author_email 
_software.date 
_software.description 
_software.dependencies 
_software.hardware 
_software.language 
_software.location 
_software.mods 
_software.name 
_software.os 
_software.os_version 
_software.type 
_software.version 
_software.pdbx_ordinal 
? 'data scaling'    ? ? ? ? ? ? ? ? ? ? ? HKL-2000    ? ? ? .         1 
? refinement        ? ? ? ? ? ? ? ? ? ? ? PHENIX      ? ? ? 1.14_3260 2 
? 'data extraction' ? ? ? ? ? ? ? ? ? ? ? PDB_EXTRACT ? ? ? 3.25      3 
? 'data reduction'  ? ? ? ? ? ? ? ? ? ? ? HKL-3000    ? ? ? .         4 
? phasing           ? ? ? ? ? ? ? ? ? ? ? PHASER      ? ? ? .         5 
# 
_pdbx_entry_details.entry_id                 7EOM 
_pdbx_entry_details.has_ligand_of_interest   Y 
_pdbx_entry_details.compound_details         ? 
_pdbx_entry_details.source_details           ? 
_pdbx_entry_details.nonpolymer_details       ? 
_pdbx_entry_details.sequence_details         ? 
# 
loop_
_pdbx_validate_close_contact.id 
_pdbx_validate_close_contact.PDB_model_num 
_pdbx_validate_close_contact.auth_atom_id_1 
_pdbx_validate_close_contact.auth_asym_id_1 
_pdbx_validate_close_contact.auth_comp_id_1 
_pdbx_validate_close_contact.auth_seq_id_1 
_pdbx_validate_close_contact.PDB_ins_code_1 
_pdbx_validate_close_contact.label_alt_id_1 
_pdbx_validate_close_contact.auth_atom_id_2 
_pdbx_validate_close_contact.auth_asym_id_2 
_pdbx_validate_close_contact.auth_comp_id_2 
_pdbx_validate_close_contact.auth_seq_id_2 
_pdbx_validate_close_contact.PDB_ins_code_2 
_pdbx_validate_close_contact.label_alt_id_2 
_pdbx_validate_close_contact.dist 
1 1 OP1   A G   2   ? ? "O3'" A GTP 101 ? ? 1.72 
2 1 OP2   A G   2   ? ? "O3'" A GTP 101 ? ? 1.96 
3 1 OP2   A U   32  ? ? O     A HOH 201 ? ? 2.10 
4 1 N7    A G   41  ? ? O11   A J8R 102 ? ? 2.11 
5 1 O     A HOH 205 ? ? O     A HOH 218 ? ? 2.15 
6 1 "O5'" A G   2   ? ? "O3'" A GTP 101 ? ? 2.18 
7 1 "O3'" A C   49  ? ? O     A HOH 202 ? ? 2.18 
8 1 "O2'" A C   49  ? ? O     A HOH 202 ? ? 2.19 
# 
loop_
_chem_comp_atom.comp_id 
_chem_comp_atom.atom_id 
_chem_comp_atom.type_symbol 
_chem_comp_atom.pdbx_aromatic_flag 
_chem_comp_atom.pdbx_stereo_config 
_chem_comp_atom.pdbx_ordinal 
A   OP3    O  N N 1   
A   P      P  N N 2   
A   OP1    O  N N 3   
A   OP2    O  N N 4   
A   "O5'"  O  N N 5   
A   "C5'"  C  N N 6   
A   "C4'"  C  N R 7   
A   "O4'"  O  N N 8   
A   "C3'"  C  N S 9   
A   "O3'"  O  N N 10  
A   "C2'"  C  N R 11  
A   "O2'"  O  N N 12  
A   "C1'"  C  N R 13  
A   N9     N  Y N 14  
A   C8     C  Y N 15  
A   N7     N  Y N 16  
A   C5     C  Y N 17  
A   C6     C  Y N 18  
A   N6     N  N N 19  
A   N1     N  Y N 20  
A   C2     C  Y N 21  
A   N3     N  Y N 22  
A   C4     C  Y N 23  
A   HOP3   H  N N 24  
A   HOP2   H  N N 25  
A   "H5'"  H  N N 26  
A   "H5''" H  N N 27  
A   "H4'"  H  N N 28  
A   "H3'"  H  N N 29  
A   "HO3'" H  N N 30  
A   "H2'"  H  N N 31  
A   "HO2'" H  N N 32  
A   "H1'"  H  N N 33  
A   H8     H  N N 34  
A   H61    H  N N 35  
A   H62    H  N N 36  
A   H2     H  N N 37  
C   OP3    O  N N 38  
C   P      P  N N 39  
C   OP1    O  N N 40  
C   OP2    O  N N 41  
C   "O5'"  O  N N 42  
C   "C5'"  C  N N 43  
C   "C4'"  C  N R 44  
C   "O4'"  O  N N 45  
C   "C3'"  C  N S 46  
C   "O3'"  O  N N 47  
C   "C2'"  C  N R 48  
C   "O2'"  O  N N 49  
C   "C1'"  C  N R 50  
C   N1     N  N N 51  
C   C2     C  N N 52  
C   O2     O  N N 53  
C   N3     N  N N 54  
C   C4     C  N N 55  
C   N4     N  N N 56  
C   C5     C  N N 57  
C   C6     C  N N 58  
C   HOP3   H  N N 59  
C   HOP2   H  N N 60  
C   "H5'"  H  N N 61  
C   "H5''" H  N N 62  
C   "H4'"  H  N N 63  
C   "H3'"  H  N N 64  
C   "HO3'" H  N N 65  
C   "H2'"  H  N N 66  
C   "HO2'" H  N N 67  
C   "H1'"  H  N N 68  
C   H41    H  N N 69  
C   H42    H  N N 70  
C   H5     H  N N 71  
C   H6     H  N N 72  
G   OP3    O  N N 73  
G   P      P  N N 74  
G   OP1    O  N N 75  
G   OP2    O  N N 76  
G   "O5'"  O  N N 77  
G   "C5'"  C  N N 78  
G   "C4'"  C  N R 79  
G   "O4'"  O  N N 80  
G   "C3'"  C  N S 81  
G   "O3'"  O  N N 82  
G   "C2'"  C  N R 83  
G   "O2'"  O  N N 84  
G   "C1'"  C  N R 85  
G   N9     N  Y N 86  
G   C8     C  Y N 87  
G   N7     N  Y N 88  
G   C5     C  Y N 89  
G   C6     C  N N 90  
G   O6     O  N N 91  
G   N1     N  N N 92  
G   C2     C  N N 93  
G   N2     N  N N 94  
G   N3     N  N N 95  
G   C4     C  Y N 96  
G   HOP3   H  N N 97  
G   HOP2   H  N N 98  
G   "H5'"  H  N N 99  
G   "H5''" H  N N 100 
G   "H4'"  H  N N 101 
G   "H3'"  H  N N 102 
G   "HO3'" H  N N 103 
G   "H2'"  H  N N 104 
G   "HO2'" H  N N 105 
G   "H1'"  H  N N 106 
G   H8     H  N N 107 
G   H1     H  N N 108 
G   H21    H  N N 109 
G   H22    H  N N 110 
GTP PG     P  N N 111 
GTP O1G    O  N N 112 
GTP O2G    O  N N 113 
GTP O3G    O  N N 114 
GTP O3B    O  N N 115 
GTP PB     P  N N 116 
GTP O1B    O  N N 117 
GTP O2B    O  N N 118 
GTP O3A    O  N N 119 
GTP PA     P  N N 120 
GTP O1A    O  N N 121 
GTP O2A    O  N N 122 
GTP "O5'"  O  N N 123 
GTP "C5'"  C  N N 124 
GTP "C4'"  C  N R 125 
GTP "O4'"  O  N N 126 
GTP "C3'"  C  N S 127 
GTP "O3'"  O  N N 128 
GTP "C2'"  C  N R 129 
GTP "O2'"  O  N N 130 
GTP "C1'"  C  N R 131 
GTP N9     N  Y N 132 
GTP C8     C  Y N 133 
GTP N7     N  Y N 134 
GTP C5     C  Y N 135 
GTP C6     C  N N 136 
GTP O6     O  N N 137 
GTP N1     N  N N 138 
GTP C2     C  N N 139 
GTP N2     N  N N 140 
GTP N3     N  N N 141 
GTP C4     C  Y N 142 
GTP HOG2   H  N N 143 
GTP HOG3   H  N N 144 
GTP HOB2   H  N N 145 
GTP HOA2   H  N N 146 
GTP "H5'"  H  N N 147 
GTP "H5''" H  N N 148 
GTP "H4'"  H  N N 149 
GTP "H3'"  H  N N 150 
GTP "HO3'" H  N N 151 
GTP "H2'"  H  N N 152 
GTP "HO2'" H  N N 153 
GTP "H1'"  H  N N 154 
GTP H8     H  N N 155 
GTP HN1    H  N N 156 
GTP HN21   H  N N 157 
GTP HN22   H  N N 158 
HOH O      O  N N 159 
HOH H1     H  N N 160 
HOH H2     H  N N 161 
J8R C10    C  N N 162 
J8R C13    C  N N 163 
J8R C15    C  Y N 164 
J8R C17    C  Y N 165 
J8R C20    C  N N 166 
J8R C22    C  N N 167 
J8R C01    C  Y N 168 
J8R C02    C  Y N 169 
J8R C04    C  Y N 170 
J8R C05    C  Y N 171 
J8R C06    C  Y N 172 
J8R C08    C  N N 173 
J8R C09    C  N N 174 
J8R C12    C  N N 175 
J8R C14    C  Y N 176 
J8R C16    C  Y N 177 
J8R C18    C  Y N 178 
J8R C19    C  Y N 179 
J8R N03    N  Y N 180 
J8R N07    N  N N 181 
J8R N21    N  N N 182 
J8R N23    N  N N 183 
J8R O11    O  N N 184 
J8R H1     H  N N 185 
J8R H2     H  N N 186 
J8R H3     H  N N 187 
J8R H4     H  N N 188 
J8R H5     H  N N 189 
J8R H6     H  N N 190 
J8R H7     H  N N 191 
J8R H8     H  N N 192 
J8R H9     H  N N 193 
J8R H10    H  N N 194 
J8R H11    H  N N 195 
J8R H12    H  N N 196 
J8R H13    H  N N 197 
J8R H14    H  N N 198 
J8R H15    H  N N 199 
J8R H16    H  N N 200 
MG  MG     MG N N 201 
U   OP3    O  N N 202 
U   P      P  N N 203 
U   OP1    O  N N 204 
U   OP2    O  N N 205 
U   "O5'"  O  N N 206 
U   "C5'"  C  N N 207 
U   "C4'"  C  N R 208 
U   "O4'"  O  N N 209 
U   "C3'"  C  N S 210 
U   "O3'"  O  N N 211 
U   "C2'"  C  N R 212 
U   "O2'"  O  N N 213 
U   "C1'"  C  N R 214 
U   N1     N  N N 215 
U   C2     C  N N 216 
U   O2     O  N N 217 
U   N3     N  N N 218 
U   C4     C  N N 219 
U   O4     O  N N 220 
U   C5     C  N N 221 
U   C6     C  N N 222 
U   HOP3   H  N N 223 
U   HOP2   H  N N 224 
U   "H5'"  H  N N 225 
U   "H5''" H  N N 226 
U   "H4'"  H  N N 227 
U   "H3'"  H  N N 228 
U   "HO3'" H  N N 229 
U   "H2'"  H  N N 230 
U   "HO2'" H  N N 231 
U   "H1'"  H  N N 232 
U   H3     H  N N 233 
U   H5     H  N N 234 
U   H6     H  N N 235 
# 
loop_
_chem_comp_bond.comp_id 
_chem_comp_bond.atom_id_1 
_chem_comp_bond.atom_id_2 
_chem_comp_bond.value_order 
_chem_comp_bond.pdbx_aromatic_flag 
_chem_comp_bond.pdbx_stereo_config 
_chem_comp_bond.pdbx_ordinal 
A   OP3   P      sing N N 1   
A   OP3   HOP3   sing N N 2   
A   P     OP1    doub N N 3   
A   P     OP2    sing N N 4   
A   P     "O5'"  sing N N 5   
A   OP2   HOP2   sing N N 6   
A   "O5'" "C5'"  sing N N 7   
A   "C5'" "C4'"  sing N N 8   
A   "C5'" "H5'"  sing N N 9   
A   "C5'" "H5''" sing N N 10  
A   "C4'" "O4'"  sing N N 11  
A   "C4'" "C3'"  sing N N 12  
A   "C4'" "H4'"  sing N N 13  
A   "O4'" "C1'"  sing N N 14  
A   "C3'" "O3'"  sing N N 15  
A   "C3'" "C2'"  sing N N 16  
A   "C3'" "H3'"  sing N N 17  
A   "O3'" "HO3'" sing N N 18  
A   "C2'" "O2'"  sing N N 19  
A   "C2'" "C1'"  sing N N 20  
A   "C2'" "H2'"  sing N N 21  
A   "O2'" "HO2'" sing N N 22  
A   "C1'" N9     sing N N 23  
A   "C1'" "H1'"  sing N N 24  
A   N9    C8     sing Y N 25  
A   N9    C4     sing Y N 26  
A   C8    N7     doub Y N 27  
A   C8    H8     sing N N 28  
A   N7    C5     sing Y N 29  
A   C5    C6     sing Y N 30  
A   C5    C4     doub Y N 31  
A   C6    N6     sing N N 32  
A   C6    N1     doub Y N 33  
A   N6    H61    sing N N 34  
A   N6    H62    sing N N 35  
A   N1    C2     sing Y N 36  
A   C2    N3     doub Y N 37  
A   C2    H2     sing N N 38  
A   N3    C4     sing Y N 39  
C   OP3   P      sing N N 40  
C   OP3   HOP3   sing N N 41  
C   P     OP1    doub N N 42  
C   P     OP2    sing N N 43  
C   P     "O5'"  sing N N 44  
C   OP2   HOP2   sing N N 45  
C   "O5'" "C5'"  sing N N 46  
C   "C5'" "C4'"  sing N N 47  
C   "C5'" "H5'"  sing N N 48  
C   "C5'" "H5''" sing N N 49  
C   "C4'" "O4'"  sing N N 50  
C   "C4'" "C3'"  sing N N 51  
C   "C4'" "H4'"  sing N N 52  
C   "O4'" "C1'"  sing N N 53  
C   "C3'" "O3'"  sing N N 54  
C   "C3'" "C2'"  sing N N 55  
C   "C3'" "H3'"  sing N N 56  
C   "O3'" "HO3'" sing N N 57  
C   "C2'" "O2'"  sing N N 58  
C   "C2'" "C1'"  sing N N 59  
C   "C2'" "H2'"  sing N N 60  
C   "O2'" "HO2'" sing N N 61  
C   "C1'" N1     sing N N 62  
C   "C1'" "H1'"  sing N N 63  
C   N1    C2     sing N N 64  
C   N1    C6     sing N N 65  
C   C2    O2     doub N N 66  
C   C2    N3     sing N N 67  
C   N3    C4     doub N N 68  
C   C4    N4     sing N N 69  
C   C4    C5     sing N N 70  
C   N4    H41    sing N N 71  
C   N4    H42    sing N N 72  
C   C5    C6     doub N N 73  
C   C5    H5     sing N N 74  
C   C6    H6     sing N N 75  
G   OP3   P      sing N N 76  
G   OP3   HOP3   sing N N 77  
G   P     OP1    doub N N 78  
G   P     OP2    sing N N 79  
G   P     "O5'"  sing N N 80  
G   OP2   HOP2   sing N N 81  
G   "O5'" "C5'"  sing N N 82  
G   "C5'" "C4'"  sing N N 83  
G   "C5'" "H5'"  sing N N 84  
G   "C5'" "H5''" sing N N 85  
G   "C4'" "O4'"  sing N N 86  
G   "C4'" "C3'"  sing N N 87  
G   "C4'" "H4'"  sing N N 88  
G   "O4'" "C1'"  sing N N 89  
G   "C3'" "O3'"  sing N N 90  
G   "C3'" "C2'"  sing N N 91  
G   "C3'" "H3'"  sing N N 92  
G   "O3'" "HO3'" sing N N 93  
G   "C2'" "O2'"  sing N N 94  
G   "C2'" "C1'"  sing N N 95  
G   "C2'" "H2'"  sing N N 96  
G   "O2'" "HO2'" sing N N 97  
G   "C1'" N9     sing N N 98  
G   "C1'" "H1'"  sing N N 99  
G   N9    C8     sing Y N 100 
G   N9    C4     sing Y N 101 
G   C8    N7     doub Y N 102 
G   C8    H8     sing N N 103 
G   N7    C5     sing Y N 104 
G   C5    C6     sing N N 105 
G   C5    C4     doub Y N 106 
G   C6    O6     doub N N 107 
G   C6    N1     sing N N 108 
G   N1    C2     sing N N 109 
G   N1    H1     sing N N 110 
G   C2    N2     sing N N 111 
G   C2    N3     doub N N 112 
G   N2    H21    sing N N 113 
G   N2    H22    sing N N 114 
G   N3    C4     sing N N 115 
GTP PG    O1G    doub N N 116 
GTP PG    O2G    sing N N 117 
GTP PG    O3G    sing N N 118 
GTP PG    O3B    sing N N 119 
GTP O2G   HOG2   sing N N 120 
GTP O3G   HOG3   sing N N 121 
GTP O3B   PB     sing N N 122 
GTP PB    O1B    doub N N 123 
GTP PB    O2B    sing N N 124 
GTP PB    O3A    sing N N 125 
GTP O2B   HOB2   sing N N 126 
GTP O3A   PA     sing N N 127 
GTP PA    O1A    doub N N 128 
GTP PA    O2A    sing N N 129 
GTP PA    "O5'"  sing N N 130 
GTP O2A   HOA2   sing N N 131 
GTP "O5'" "C5'"  sing N N 132 
GTP "C5'" "C4'"  sing N N 133 
GTP "C5'" "H5'"  sing N N 134 
GTP "C5'" "H5''" sing N N 135 
GTP "C4'" "O4'"  sing N N 136 
GTP "C4'" "C3'"  sing N N 137 
GTP "C4'" "H4'"  sing N N 138 
GTP "O4'" "C1'"  sing N N 139 
GTP "C3'" "O3'"  sing N N 140 
GTP "C3'" "C2'"  sing N N 141 
GTP "C3'" "H3'"  sing N N 142 
GTP "O3'" "HO3'" sing N N 143 
GTP "C2'" "O2'"  sing N N 144 
GTP "C2'" "C1'"  sing N N 145 
GTP "C2'" "H2'"  sing N N 146 
GTP "O2'" "HO2'" sing N N 147 
GTP "C1'" N9     sing N N 148 
GTP "C1'" "H1'"  sing N N 149 
GTP N9    C8     sing Y N 150 
GTP N9    C4     sing Y N 151 
GTP C8    N7     doub Y N 152 
GTP C8    H8     sing N N 153 
GTP N7    C5     sing Y N 154 
GTP C5    C6     sing N N 155 
GTP C5    C4     doub Y N 156 
GTP C6    O6     doub N N 157 
GTP C6    N1     sing N N 158 
GTP N1    C2     sing N N 159 
GTP N1    HN1    sing N N 160 
GTP C2    N2     sing N N 161 
GTP C2    N3     doub N N 162 
GTP N2    HN21   sing N N 163 
GTP N2    HN22   sing N N 164 
GTP N3    C4     sing N N 165 
HOH O     H1     sing N N 166 
HOH O     H2     sing N N 167 
J8R C08   C09    sing N N 168 
J8R C08   N07    sing N N 169 
J8R C09   O11    sing N N 170 
J8R N07   C10    sing N N 171 
J8R N07   C02    sing N N 172 
J8R N03   C04    doub Y N 173 
J8R N03   C02    sing Y N 174 
J8R C04   C05    sing Y N 175 
J8R C02   C01    doub Y N 176 
J8R C05   C12    sing N N 177 
J8R C05   C06    doub Y N 178 
J8R C01   C06    sing Y N 179 
J8R C12   C13    doub N Z 180 
J8R C19   C18    doub Y N 181 
J8R C19   C14    sing Y N 182 
J8R C18   C17    sing Y N 183 
J8R C13   C14    sing N N 184 
J8R C13   C20    sing N N 185 
J8R C14   C15    doub Y N 186 
J8R C17   C22    sing N N 187 
J8R C17   C16    doub Y N 188 
J8R C22   N23    trip N N 189 
J8R C20   N21    trip N N 190 
J8R C15   C16    sing Y N 191 
J8R C10   H1     sing N N 192 
J8R C10   H2     sing N N 193 
J8R C10   H3     sing N N 194 
J8R C15   H4     sing N N 195 
J8R C01   H5     sing N N 196 
J8R C04   H6     sing N N 197 
J8R C06   H7     sing N N 198 
J8R C08   H8     sing N N 199 
J8R C08   H9     sing N N 200 
J8R C09   H10    sing N N 201 
J8R C09   H11    sing N N 202 
J8R C12   H12    sing N N 203 
J8R C16   H13    sing N N 204 
J8R C18   H14    sing N N 205 
J8R C19   H15    sing N N 206 
J8R O11   H16    sing N N 207 
U   OP3   P      sing N N 208 
U   OP3   HOP3   sing N N 209 
U   P     OP1    doub N N 210 
U   P     OP2    sing N N 211 
U   P     "O5'"  sing N N 212 
U   OP2   HOP2   sing N N 213 
U   "O5'" "C5'"  sing N N 214 
U   "C5'" "C4'"  sing N N 215 
U   "C5'" "H5'"  sing N N 216 
U   "C5'" "H5''" sing N N 217 
U   "C4'" "O4'"  sing N N 218 
U   "C4'" "C3'"  sing N N 219 
U   "C4'" "H4'"  sing N N 220 
U   "O4'" "C1'"  sing N N 221 
U   "C3'" "O3'"  sing N N 222 
U   "C3'" "C2'"  sing N N 223 
U   "C3'" "H3'"  sing N N 224 
U   "O3'" "HO3'" sing N N 225 
U   "C2'" "O2'"  sing N N 226 
U   "C2'" "C1'"  sing N N 227 
U   "C2'" "H2'"  sing N N 228 
U   "O2'" "HO2'" sing N N 229 
U   "C1'" N1     sing N N 230 
U   "C1'" "H1'"  sing N N 231 
U   N1    C2     sing N N 232 
U   N1    C6     sing N N 233 
U   C2    O2     doub N N 234 
U   C2    N3     sing N N 235 
U   N3    C4     sing N N 236 
U   N3    H3     sing N N 237 
U   C4    O4     doub N N 238 
U   C4    C5     sing N N 239 
U   C5    C6     doub N N 240 
U   C5    H5     sing N N 241 
U   C6    H6     sing N N 242 
# 
loop_
_ndb_struct_conf_na.entry_id 
_ndb_struct_conf_na.feature 
7EOM 'double helix'         
7EOM 'a-form double helix'  
7EOM 'hairpin loop'         
7EOM 'bulge loop'           
7EOM 'mismatched base pair' 
7EOM 'internal loop'        
7EOM 'triple helix'         
# 
loop_
_ndb_struct_na_base_pair.model_number 
_ndb_struct_na_base_pair.i_label_asym_id 
_ndb_struct_na_base_pair.i_label_comp_id 
_ndb_struct_na_base_pair.i_label_seq_id 
_ndb_struct_na_base_pair.i_symmetry 
_ndb_struct_na_base_pair.j_label_asym_id 
_ndb_struct_na_base_pair.j_label_comp_id 
_ndb_struct_na_base_pair.j_label_seq_id 
_ndb_struct_na_base_pair.j_symmetry 
_ndb_struct_na_base_pair.shear 
_ndb_struct_na_base_pair.stretch 
_ndb_struct_na_base_pair.stagger 
_ndb_struct_na_base_pair.buckle 
_ndb_struct_na_base_pair.propeller 
_ndb_struct_na_base_pair.opening 
_ndb_struct_na_base_pair.pair_number 
_ndb_struct_na_base_pair.pair_name 
_ndb_struct_na_base_pair.i_auth_asym_id 
_ndb_struct_na_base_pair.i_auth_seq_id 
_ndb_struct_na_base_pair.i_PDB_ins_code 
_ndb_struct_na_base_pair.j_auth_asym_id 
_ndb_struct_na_base_pair.j_auth_seq_id 
_ndb_struct_na_base_pair.j_PDB_ins_code 
_ndb_struct_na_base_pair.hbond_type_28 
_ndb_struct_na_base_pair.hbond_type_12 
1 A G 1  1_555 A C 47 1_555 -0.025 -0.437 -0.028 7.881   -14.124 -1.900   1  A_G2:C48_A  A 2  ? A 48 ? 19 1 
1 A C 2  1_555 A G 46 1_555 0.165  -0.274 -0.340 12.114  -14.947 -0.896   2  A_C3:G47_A  A 3  ? A 47 ? 19 1 
1 A G 3  1_555 A C 45 1_555 -0.304 -0.116 -0.054 -2.177  -19.383 3.148    3  A_G4:C46_A  A 4  ? A 46 ? 19 1 
1 A C 4  1_555 A G 44 1_555 -0.374 -0.038 0.765  -14.996 -11.929 -0.412   4  A_C5:G45_A  A 5  ? A 45 ? 19 1 
1 A C 6  1_555 A G 43 1_555 0.275  -0.083 -0.184 2.936   -1.189  4.929    5  A_C7:G44_A  A 7  ? A 44 ? 19 1 
1 A U 7  1_555 A U 41 1_555 2.325  -2.030 0.202  2.406   -16.295 9.049    6  A_U8:U42_A  A 8  ? A 42 ? 16 1 
1 A G 8  1_555 A C 32 1_555 0.170  5.414  0.760  20.629  33.375  128.021  7  A_G9:C33_A  A 9  ? A 33 ? 22 6 
1 A G 9  1_555 A U 39 1_555 -2.604 -0.860 0.365  10.595  -8.381  -6.558   8  A_G10:U40_A A 10 ? A 40 ? 28 1 
1 A C 10 1_555 A G 38 1_555 -0.462 -0.378 -0.365 13.362  -13.469 -6.025   9  A_C11:G39_A A 11 ? A 39 ? 19 1 
1 A G 11 1_555 A C 37 1_555 -0.181 -0.236 -0.474 -7.986  -19.911 -0.444   10 A_G12:C38_A A 12 ? A 38 ? 19 1 
1 A C 12 1_555 A G 36 1_555 -0.031 -0.327 0.191  -13.399 -18.094 1.173    11 A_C13:G37_A A 13 ? A 37 ? 19 1 
1 A U 13 1_555 A A 35 1_555 1.616  -0.441 0.974  -12.609 2.360   -5.478   12 A_U14:A36_A A 14 ? A 36 ? 20 1 
1 A G 14 1_555 A C 27 1_555 -0.330 0.001  0.125  6.153   0.687   4.568    13 A_G15:C28_A A 15 ? A 28 ? 19 1 
1 A C 15 1_555 A G 26 1_555 -0.115 -0.416 0.228  3.526   -4.172  -8.449   14 A_C16:G27_A A 16 ? A 27 ? 19 1 
1 A G 16 1_555 A C 25 1_555 -0.495 -0.747 -0.128 -1.715  -13.587 -7.764   15 A_G17:C26_A A 17 ? A 26 ? 19 1 
1 A C 17 1_555 A G 24 1_555 0.684  -0.525 -0.188 3.550   -1.473  4.395    16 A_C18:G25_A A 18 ? A 25 ? 19 1 
1 A C 18 1_555 A G 23 1_555 2.822  -0.029 -0.724 2.863   4.747   18.361   17 A_C19:G24_A A 19 ? A 24 ? ?  1 
1 A U 31 1_555 A U 34 1_555 3.157  0.327  -0.019 42.859  22.651  -101.967 18 A_U32:U35_A A 32 ? A 35 ? ?  4 
# 
loop_
_ndb_struct_na_base_pair_step.model_number 
_ndb_struct_na_base_pair_step.i_label_asym_id_1 
_ndb_struct_na_base_pair_step.i_label_comp_id_1 
_ndb_struct_na_base_pair_step.i_label_seq_id_1 
_ndb_struct_na_base_pair_step.i_symmetry_1 
_ndb_struct_na_base_pair_step.j_label_asym_id_1 
_ndb_struct_na_base_pair_step.j_label_comp_id_1 
_ndb_struct_na_base_pair_step.j_label_seq_id_1 
_ndb_struct_na_base_pair_step.j_symmetry_1 
_ndb_struct_na_base_pair_step.i_label_asym_id_2 
_ndb_struct_na_base_pair_step.i_label_comp_id_2 
_ndb_struct_na_base_pair_step.i_label_seq_id_2 
_ndb_struct_na_base_pair_step.i_symmetry_2 
_ndb_struct_na_base_pair_step.j_label_asym_id_2 
_ndb_struct_na_base_pair_step.j_label_comp_id_2 
_ndb_struct_na_base_pair_step.j_label_seq_id_2 
_ndb_struct_na_base_pair_step.j_symmetry_2 
_ndb_struct_na_base_pair_step.shift 
_ndb_struct_na_base_pair_step.slide 
_ndb_struct_na_base_pair_step.rise 
_ndb_struct_na_base_pair_step.tilt 
_ndb_struct_na_base_pair_step.roll 
_ndb_struct_na_base_pair_step.twist 
_ndb_struct_na_base_pair_step.x_displacement 
_ndb_struct_na_base_pair_step.y_displacement 
_ndb_struct_na_base_pair_step.helical_rise 
_ndb_struct_na_base_pair_step.inclination 
_ndb_struct_na_base_pair_step.tip 
_ndb_struct_na_base_pair_step.helical_twist 
_ndb_struct_na_base_pair_step.step_number 
_ndb_struct_na_base_pair_step.step_name 
_ndb_struct_na_base_pair_step.i_auth_asym_id_1 
_ndb_struct_na_base_pair_step.i_auth_seq_id_1 
_ndb_struct_na_base_pair_step.i_PDB_ins_code_1 
_ndb_struct_na_base_pair_step.j_auth_asym_id_1 
_ndb_struct_na_base_pair_step.j_auth_seq_id_1 
_ndb_struct_na_base_pair_step.j_PDB_ins_code_1 
_ndb_struct_na_base_pair_step.i_auth_asym_id_2 
_ndb_struct_na_base_pair_step.i_auth_seq_id_2 
_ndb_struct_na_base_pair_step.i_PDB_ins_code_2 
_ndb_struct_na_base_pair_step.j_auth_asym_id_2 
_ndb_struct_na_base_pair_step.j_auth_seq_id_2 
_ndb_struct_na_base_pair_step.j_PDB_ins_code_2 
1 A G 1  1_555 A C 47 1_555 A C 2  1_555 A G 46 1_555 0.833  -1.688 2.973 5.178   6.865   30.415 -4.217 -0.689 2.641  12.768  
-9.631  31.580  1  AA_G2C3:G47C48_AA   A 2  ? A 48 ? A 3  ? A 47 ? 
1 A C 2  1_555 A G 46 1_555 A G 3  1_555 A C 45 1_555 0.479  -1.863 3.474 0.225   16.359  30.731 -5.449 -0.770 2.232  28.477  
-0.391  34.722  2  AA_C3G4:C46G47_AA   A 3  ? A 47 ? A 4  ? A 46 ? 
1 A G 3  1_555 A C 45 1_555 A C 4  1_555 A G 44 1_555 -0.119 -1.346 3.391 -3.323  8.750   34.636 -3.432 -0.280 2.973  14.375  
5.459   35.841  3  AA_G4C5:G45C46_AA   A 4  ? A 46 ? A 5  ? A 45 ? 
1 A C 4  1_555 A G 44 1_555 A C 6  1_555 A G 43 1_555 -1.055 -1.595 2.872 13.600  5.715   53.837 -1.980 1.776  2.395  6.182   
-14.712 55.676  4  AA_C5C7:G44G45_AA   A 5  ? A 45 ? A 7  ? A 44 ? 
1 A C 6  1_555 A G 43 1_555 A U 7  1_555 A U 41 1_555 2.370  -0.063 3.065 7.001   4.921   61.220 -0.285 -1.991 3.279  4.807   
-6.839  61.758  5  AA_C7U8:U42G44_AA   A 7  ? A 44 ? A 8  ? A 42 ? 
1 A U 7  1_555 A U 41 1_555 A G 8  1_555 A C 32 1_555 4.958  -2.094 4.405 -38.907 21.654  -7.469 -2.838 -3.540 6.020  -39.373 
-70.741 -45.118 6  AA_U8G9:C33U42_AA   A 8  ? A 42 ? A 9  ? A 33 ? 
1 A G 8  1_555 A C 32 1_555 A G 9  1_555 A U 39 1_555 -4.687 -3.226 1.123 42.849  -35.950 24.832 -3.096 4.741  -0.896 -43.677 
-52.059 60.787  7  AA_G9G10:U40C33_AA  A 9  ? A 33 ? A 10 ? A 40 ? 
1 A C 10 1_555 A G 38 1_555 A G 11 1_555 A C 37 1_555 -0.241 -1.865 3.814 1.503   18.514  35.448 -4.952 0.534  2.558  28.151  
-2.286  39.880  8  AA_C11G12:C38G39_AA A 11 ? A 39 ? A 12 ? A 38 ? 
1 A G 11 1_555 A C 37 1_555 A C 12 1_555 A G 36 1_555 0.453  -1.262 3.204 -3.490  9.453   33.685 -3.396 -1.232 2.703  15.877  
5.862   35.118  9  AA_G12C13:G37C38_AA A 12 ? A 38 ? A 13 ? A 37 ? 
1 A C 12 1_555 A G 36 1_555 A U 13 1_555 A A 35 1_555 -0.655 -1.081 3.191 -5.341  12.882  40.061 -2.738 0.393  2.791  18.151  
7.526   42.324  10 AA_C13U14:A36G37_AA A 13 ? A 37 ? A 14 ? A 36 ? 
1 A U 13 1_555 A A 35 1_555 A G 14 1_555 A C 27 1_555 -1.684 -3.445 2.226 5.105   6.748   -0.075 -8.845 12.943 3.783  -71.372 
53.996  -8.462  11 AA_U14G15:C28A36_AA A 14 ? A 36 ? A 15 ? A 28 ? 
1 A G 14 1_555 A C 27 1_555 A C 15 1_555 A G 26 1_555 -0.961 -1.987 3.310 -3.474  2.005   31.642 -3.984 1.112  3.265  3.658   
6.340   31.888  12 AA_G15C16:G27C28_AA A 15 ? A 28 ? A 16 ? A 27 ? 
1 A C 15 1_555 A G 26 1_555 A G 16 1_555 A C 25 1_555 0.229  -2.439 3.321 4.077   5.531   27.267 -6.255 0.437  2.786  11.502  
-8.478  28.104  13 AA_C16G17:C26G27_AA A 16 ? A 27 ? A 17 ? A 26 ? 
1 A G 16 1_555 A C 25 1_555 A C 17 1_555 A G 24 1_555 0.932  -1.556 3.166 1.661   4.221   37.419 -2.928 -1.240 3.016  6.550   
-2.577  37.683  14 AA_G17C18:G25C26_AA A 17 ? A 26 ? A 18 ? A 25 ? 
1 A C 17 1_555 A G 24 1_555 A C 18 1_555 A G 23 1_555 0.340  -1.723 3.339 4.663   0.000   39.691 -2.522 0.053  3.356  0.000   
-6.839  39.953  15 AA_C18C19:G24G25_AA A 18 ? A 25 ? A 19 ? A 24 ? 
# 
_pdbx_audit_support.funding_organization   'National Natural Science Foundation of China (NSFC)' 
_pdbx_audit_support.country                China 
_pdbx_audit_support.grant_number           ? 
_pdbx_audit_support.ordinal                1 
# 
loop_
_pdbx_entity_instance_feature.ordinal 
_pdbx_entity_instance_feature.comp_id 
_pdbx_entity_instance_feature.asym_id 
_pdbx_entity_instance_feature.seq_num 
_pdbx_entity_instance_feature.auth_comp_id 
_pdbx_entity_instance_feature.auth_asym_id 
_pdbx_entity_instance_feature.auth_seq_num 
_pdbx_entity_instance_feature.feature_type 
_pdbx_entity_instance_feature.details 
1 J8R ? ? J8R ? ? 'SUBJECT OF INVESTIGATION' ? 
2 MG  ? ? MG  ? ? 'SUBJECT OF INVESTIGATION' ? 
# 
loop_
_pdbx_entity_nonpoly.entity_id 
_pdbx_entity_nonpoly.name 
_pdbx_entity_nonpoly.comp_id 
2 "GUANOSINE-5'-TRIPHOSPHATE"                                                                    GTP 
3 '4-[(~{Z})-1-cyano-2-[6-[2-hydroxyethyl(methyl)amino]pyridin-3-yl]ethenyl]benzenecarbonitrile' J8R 
4 'MAGNESIUM ION'                                                                                MG  
5 water                                                                                          HOH 
# 
_pdbx_initial_refinement_model.id               1 
_pdbx_initial_refinement_model.entity_id_list   ? 
_pdbx_initial_refinement_model.type             'experimental model' 
_pdbx_initial_refinement_model.source_name      PDB 
_pdbx_initial_refinement_model.accession_code   7EOG 
_pdbx_initial_refinement_model.details          ? 
# 
_pdbx_struct_assembly_auth_evidence.id                     1 
_pdbx_struct_assembly_auth_evidence.assembly_id            1 
_pdbx_struct_assembly_auth_evidence.experimental_support   none 
_pdbx_struct_assembly_auth_evidence.details                ? 
# 
